data_2H2S
#
_entry.id   2H2S
#
_cell.length_a   216.927
_cell.length_b   118.688
_cell.length_c   148.915
_cell.angle_alpha   90.000
_cell.angle_beta   127.440
_cell.angle_gamma   90.000
#
_symmetry.space_group_name_H-M   'C 1 2 1'
#
loop_
_entity.id
_entity.type
_entity.pdbx_description
1 polymer 'CLC Cl transporter'
2 polymer 'FAB fragment, heavy chain'
3 polymer 'FAB fragment, light chain'
4 non-polymer 'SELENOCYANATE ION'
#
loop_
_entity_poly.entity_id
_entity_poly.type
_entity_poly.pdbx_seq_one_letter_code
_entity_poly.pdbx_strand_id
1 'polypeptide(L)'
;MKTDTPSLETPQAARLRRRQLIRQLLERDKTPLAILFMAAVVGTLVGLAAVAFDKGVAWLQNQRMGALVHTADNYPLLLT
VAFLCSAVLAMFGYFLVRKYAPEAGGSGIPEIEGALEDQRPVRWWRVLPVKFFGGLGTLGGGMVLGRAGPTVQIGGNIGR
MVLDIFRLKGDEARHTLLATGAAAGLAAAFNAPLAGILFIIEEMRPQFRYTLISIKAVFIGVIMSTIMYRIFNHEVALID
VGKLSDAPLNTLWLYLILGIIFGIFGPIFNKWVLGMQDLLHRVHGGNITKWVLMGGAIGGLCGLLGFVAPATSGGGFNLI
PIATAGNFSMGMLVFIFVARVITTLLCFSSGAPGGIFAPMLALGTVLGTAFGMVAVELFPQYHLEAGTFAIAGMGALLAA
SIRAPLTGIILVLEMTDNYQLILPMIITGLGATLLAQFTGGKPLYSAILARTLAKQEAEQLARSK
;
A,B
2 'polypeptide(L)'
;VRLLESGGGLVQPGGSLKLSCAASGFDYSRYWMSWVRQAPGKGLKWIGEINPVSSTINYTPSLKDKFIISRDNAKDTLYL
QISKVRSEDTALYYCARLYYGYGYWYFDVWGAGTTVTVSSAKTTPPSVYPLAPGSAAAAASMVTLGCLVKGYFPEPVTVT
WNSGSLAAGVHTFPAVLQAALYTLSSSVTVPSSSWPSETVTCNVAHPASSTKVDKKIVPRA
;
C,E
3 'polypeptide(L)'
;DIVLTQSPAIMSAAPGDKVTMTCSASSSVSYIHWYQQKSGTSPKRWIYDTSKLTSGVPVRFSGSGSGTSYSLTINTMEAE
DAATYYCQQWSSHPQTFGGGTKLEILRADAAPTVSIFPPSSEQLTSGGASVVCFLNNFYPKDINVKWKIDGSERQNGVLN
SWTDQDSKDSTYSMSSTLTLTKDEYERHNSYTCEATHKTSTSPIVKSFNRA
;
D,F
#
loop_
_chem_comp.id
_chem_comp.type
_chem_comp.name
_chem_comp.formula
SEK non-polymer 'SELENOCYANATE ION' 'C N Se -1'
#
# COMPACT_ATOMS: atom_id res chain seq x y z
N ARG A 17 -11.50 -37.06 -39.69
CA ARG A 17 -11.44 -37.09 -38.19
C ARG A 17 -12.06 -35.83 -37.60
N ARG A 18 -12.04 -34.74 -38.38
CA ARG A 18 -12.64 -33.47 -37.96
C ARG A 18 -14.11 -33.70 -37.69
N ARG A 19 -14.65 -34.75 -38.30
CA ARG A 19 -16.07 -35.15 -38.13
C ARG A 19 -16.20 -35.65 -36.70
N GLN A 20 -15.06 -35.78 -36.02
CA GLN A 20 -15.03 -36.25 -34.64
C GLN A 20 -14.94 -34.89 -33.82
N LEU A 21 -13.92 -34.08 -34.11
CA LEU A 21 -13.70 -32.81 -33.43
C LEU A 21 -14.99 -32.04 -33.16
N ILE A 22 -15.63 -31.57 -34.24
CA ILE A 22 -16.88 -30.81 -34.15
C ILE A 22 -17.79 -31.39 -33.06
N ARG A 23 -17.78 -32.71 -32.94
CA ARG A 23 -18.60 -33.44 -31.96
C ARG A 23 -18.06 -33.19 -30.56
N GLN A 24 -16.75 -33.35 -30.42
CA GLN A 24 -16.07 -33.14 -29.16
C GLN A 24 -16.22 -31.70 -28.71
N LEU A 25 -15.80 -30.74 -29.54
CA LEU A 25 -15.94 -29.34 -29.19
C LEU A 25 -17.33 -29.12 -28.61
N LEU A 26 -18.35 -29.21 -29.45
CA LEU A 26 -19.72 -29.01 -28.97
C LEU A 26 -20.09 -29.78 -27.69
N GLU A 27 -19.19 -30.66 -27.25
CA GLU A 27 -19.42 -31.45 -26.04
C GLU A 27 -18.52 -31.03 -24.88
N ARG A 28 -17.48 -30.25 -25.21
CA ARG A 28 -16.48 -29.82 -24.23
C ARG A 28 -16.96 -29.38 -22.85
N ASP A 29 -16.05 -29.56 -21.88
CA ASP A 29 -16.27 -29.22 -20.47
C ASP A 29 -17.61 -29.65 -19.90
N LYS A 30 -17.84 -30.96 -19.93
CA LYS A 30 -19.06 -31.53 -19.36
C LYS A 30 -18.59 -32.67 -18.49
N THR A 31 -18.18 -32.34 -17.28
CA THR A 31 -17.69 -33.37 -16.37
C THR A 31 -18.84 -33.88 -15.52
N PRO A 32 -18.96 -35.21 -15.39
CA PRO A 32 -20.01 -35.88 -14.62
C PRO A 32 -20.28 -35.20 -13.28
N LEU A 33 -21.52 -34.74 -13.10
CA LEU A 33 -21.92 -34.08 -11.88
C LEU A 33 -21.39 -34.81 -10.64
N ALA A 34 -21.40 -36.14 -10.69
CA ALA A 34 -20.91 -36.93 -9.57
C ALA A 34 -19.39 -36.77 -9.38
N ILE A 35 -18.62 -36.79 -10.45
CA ILE A 35 -17.17 -36.60 -10.28
C ILE A 35 -16.95 -35.26 -9.57
N LEU A 36 -17.82 -34.29 -9.82
CA LEU A 36 -17.72 -32.97 -9.21
C LEU A 36 -18.01 -33.02 -7.71
N PHE A 37 -19.24 -33.37 -7.36
CA PHE A 37 -19.62 -33.44 -5.94
C PHE A 37 -18.58 -34.19 -5.11
N MET A 38 -17.75 -34.99 -5.77
CA MET A 38 -16.71 -35.74 -5.07
C MET A 38 -15.46 -34.87 -4.91
N ALA A 39 -15.07 -34.18 -5.97
CA ALA A 39 -13.90 -33.33 -5.86
C ALA A 39 -14.16 -32.38 -4.70
N ALA A 40 -15.43 -32.05 -4.49
CA ALA A 40 -15.83 -31.15 -3.41
C ALA A 40 -15.65 -31.80 -2.04
N VAL A 41 -16.06 -33.04 -1.88
CA VAL A 41 -15.90 -33.70 -0.58
C VAL A 41 -14.40 -33.98 -0.37
N VAL A 42 -13.73 -34.48 -1.39
CA VAL A 42 -12.31 -34.77 -1.30
C VAL A 42 -11.64 -33.52 -0.76
N GLY A 43 -11.86 -32.42 -1.47
CA GLY A 43 -11.28 -31.15 -1.08
C GLY A 43 -11.51 -30.84 0.38
N THR A 44 -12.76 -30.85 0.80
CA THR A 44 -13.08 -30.58 2.19
C THR A 44 -12.22 -31.43 3.12
N LEU A 45 -12.04 -32.70 2.77
CA LEU A 45 -11.23 -33.62 3.57
C LEU A 45 -9.74 -33.31 3.52
N VAL A 46 -9.17 -33.21 2.33
CA VAL A 46 -7.75 -32.88 2.22
C VAL A 46 -7.50 -31.59 2.97
N GLY A 47 -8.54 -30.79 3.12
CA GLY A 47 -8.40 -29.52 3.83
C GLY A 47 -8.28 -29.79 5.30
N LEU A 48 -9.36 -30.28 5.90
CA LEU A 48 -9.38 -30.60 7.32
C LEU A 48 -8.10 -31.30 7.74
N ALA A 49 -7.65 -32.25 6.93
CA ALA A 49 -6.43 -32.97 7.25
C ALA A 49 -5.21 -32.09 7.10
N ALA A 50 -5.13 -31.39 5.98
CA ALA A 50 -4.00 -30.51 5.73
C ALA A 50 -3.73 -29.61 6.93
N VAL A 51 -4.82 -29.18 7.57
CA VAL A 51 -4.77 -28.32 8.74
C VAL A 51 -4.24 -29.10 9.93
N ALA A 52 -4.91 -30.19 10.27
CA ALA A 52 -4.50 -31.03 11.38
C ALA A 52 -3.01 -31.38 11.36
N PHE A 53 -2.44 -31.56 10.18
CA PHE A 53 -1.03 -31.88 10.09
C PHE A 53 -0.25 -30.63 10.44
N ASP A 54 -0.74 -29.49 10.01
CA ASP A 54 -0.11 -28.20 10.27
C ASP A 54 -0.12 -27.94 11.79
N LYS A 55 -1.30 -28.03 12.41
CA LYS A 55 -1.49 -27.82 13.84
C LYS A 55 -0.62 -28.75 14.66
N GLY A 56 -0.62 -30.02 14.29
CA GLY A 56 0.18 -31.02 14.98
C GLY A 56 1.65 -30.66 14.99
N VAL A 57 2.27 -30.58 13.82
CA VAL A 57 3.69 -30.24 13.73
C VAL A 57 4.03 -29.05 14.61
N ALA A 58 3.04 -28.18 14.80
CA ALA A 58 3.25 -27.01 15.65
C ALA A 58 3.36 -27.48 17.08
N TRP A 59 2.22 -27.97 17.59
CA TRP A 59 2.13 -28.47 18.96
C TRP A 59 3.43 -29.13 19.41
N LEU A 60 4.03 -29.93 18.55
CA LEU A 60 5.26 -30.60 18.87
C LEU A 60 6.42 -29.62 18.99
N GLN A 61 6.82 -29.01 17.88
CA GLN A 61 7.94 -28.05 17.89
C GLN A 61 7.81 -27.14 19.10
N ASN A 62 6.57 -26.96 19.55
CA ASN A 62 6.32 -26.12 20.70
C ASN A 62 6.70 -26.85 21.99
N GLN A 63 6.07 -27.99 22.27
CA GLN A 63 6.39 -28.76 23.47
C GLN A 63 7.90 -28.82 23.61
N ARG A 64 8.57 -29.26 22.55
CA ARG A 64 10.03 -29.37 22.52
C ARG A 64 10.66 -28.12 23.11
N MET A 65 10.06 -26.97 22.83
CA MET A 65 10.55 -25.69 23.33
C MET A 65 10.16 -25.58 24.80
N GLY A 66 8.89 -25.85 25.11
CA GLY A 66 8.40 -25.79 26.48
C GLY A 66 9.23 -26.67 27.39
N ALA A 67 10.02 -27.57 26.79
CA ALA A 67 10.87 -28.48 27.54
C ALA A 67 12.30 -27.94 27.70
N LEU A 68 12.71 -27.08 26.79
CA LEU A 68 14.05 -26.49 26.90
C LEU A 68 13.93 -25.33 27.88
N VAL A 69 12.78 -24.66 27.86
CA VAL A 69 12.54 -23.55 28.76
C VAL A 69 12.45 -24.12 30.19
N HIS A 70 12.13 -25.41 30.29
CA HIS A 70 12.01 -26.09 31.58
C HIS A 70 13.35 -26.68 32.07
N THR A 71 14.41 -26.54 31.27
CA THR A 71 15.73 -27.02 31.69
C THR A 71 16.72 -25.89 31.46
N ALA A 72 16.14 -24.71 31.26
CA ALA A 72 16.85 -23.44 31.02
C ALA A 72 18.29 -23.38 31.56
N ASP A 73 18.39 -23.26 32.88
CA ASP A 73 19.66 -23.19 33.61
C ASP A 73 20.78 -24.08 33.03
N ASN A 74 20.62 -25.40 33.21
CA ASN A 74 21.57 -26.41 32.75
C ASN A 74 21.63 -26.54 31.23
N TYR A 75 22.78 -26.13 30.68
CA TYR A 75 23.05 -26.12 29.23
C TYR A 75 23.28 -27.49 28.57
N PRO A 76 24.38 -28.19 28.92
CA PRO A 76 24.52 -29.49 28.25
C PRO A 76 23.33 -30.42 28.54
N LEU A 77 22.57 -30.13 29.59
CA LEU A 77 21.39 -30.95 29.87
C LEU A 77 20.39 -30.54 28.78
N LEU A 78 20.34 -29.23 28.56
CA LEU A 78 19.46 -28.63 27.55
C LEU A 78 19.79 -29.29 26.22
N LEU A 79 20.96 -28.98 25.68
CA LEU A 79 21.39 -29.55 24.40
C LEU A 79 21.04 -31.04 24.29
N THR A 80 21.17 -31.79 25.38
CA THR A 80 20.82 -33.20 25.36
C THR A 80 19.32 -33.35 25.16
N VAL A 81 18.54 -32.84 26.12
CA VAL A 81 17.08 -32.95 26.03
C VAL A 81 16.61 -32.50 24.64
N ALA A 82 17.33 -31.56 24.05
CA ALA A 82 16.98 -31.09 22.71
C ALA A 82 17.12 -32.29 21.75
N PHE A 83 18.39 -32.66 21.51
CA PHE A 83 18.77 -33.77 20.64
C PHE A 83 17.88 -34.99 20.78
N LEU A 84 17.78 -35.51 21.99
CA LEU A 84 16.95 -36.68 22.19
C LEU A 84 15.48 -36.46 21.84
N CYS A 85 14.86 -35.44 22.43
CA CYS A 85 13.45 -35.15 22.16
C CYS A 85 13.22 -35.17 20.64
N SER A 86 14.18 -34.62 19.91
CA SER A 86 14.14 -34.58 18.43
C SER A 86 14.30 -36.01 17.91
N ALA A 87 15.50 -36.56 18.14
CA ALA A 87 15.85 -37.93 17.73
C ALA A 87 14.73 -38.95 17.97
N VAL A 88 14.07 -38.84 19.11
CA VAL A 88 13.00 -39.78 19.43
C VAL A 88 11.86 -39.65 18.43
N LEU A 89 11.57 -38.42 18.03
CA LEU A 89 10.51 -38.18 17.08
C LEU A 89 10.91 -38.73 15.70
N ALA A 90 12.10 -38.33 15.25
CA ALA A 90 12.64 -38.79 13.99
C ALA A 90 12.51 -40.32 13.92
N MET A 91 13.00 -40.99 14.96
CA MET A 91 12.89 -42.45 14.99
C MET A 91 11.44 -42.88 14.77
N PHE A 92 10.55 -42.47 15.67
CA PHE A 92 9.14 -42.84 15.55
C PHE A 92 8.68 -42.53 14.14
N GLY A 93 9.41 -41.63 13.48
CA GLY A 93 9.08 -41.26 12.11
C GLY A 93 9.50 -42.33 11.13
N TYR A 94 10.80 -42.35 10.80
CA TYR A 94 11.32 -43.35 9.86
C TYR A 94 10.64 -44.69 10.08
N PHE A 95 10.65 -45.13 11.33
CA PHE A 95 10.03 -46.38 11.69
C PHE A 95 8.71 -46.54 10.92
N LEU A 96 7.64 -45.97 11.48
CA LEU A 96 6.32 -46.05 10.87
C LEU A 96 6.37 -46.24 9.37
N VAL A 97 7.22 -45.46 8.70
CA VAL A 97 7.37 -45.56 7.24
C VAL A 97 7.86 -46.95 6.86
N ARG A 98 9.11 -47.23 7.20
CA ARG A 98 9.77 -48.49 6.89
C ARG A 98 9.00 -49.73 7.33
N LYS A 99 8.43 -49.70 8.52
CA LYS A 99 7.69 -50.84 9.02
C LYS A 99 6.26 -50.94 8.48
N TYR A 100 5.73 -49.84 7.92
CA TYR A 100 4.36 -49.89 7.41
C TYR A 100 4.04 -49.25 6.04
N ALA A 101 5.05 -48.70 5.36
CA ALA A 101 4.83 -48.05 4.06
C ALA A 101 6.07 -47.30 3.60
N PRO A 102 7.14 -48.01 3.22
CA PRO A 102 8.43 -47.45 2.76
C PRO A 102 8.32 -46.39 1.68
N GLU A 103 7.09 -46.08 1.28
CA GLU A 103 6.84 -45.07 0.27
C GLU A 103 6.67 -43.70 0.90
N ALA A 104 6.11 -43.66 2.11
CA ALA A 104 5.87 -42.40 2.81
C ALA A 104 7.20 -41.65 2.93
N GLY A 105 8.31 -42.38 2.90
CA GLY A 105 9.60 -41.73 2.98
C GLY A 105 9.73 -40.76 1.81
N GLY A 106 10.84 -40.04 1.73
CA GLY A 106 11.02 -39.10 0.64
C GLY A 106 9.94 -38.04 0.59
N SER A 107 9.97 -37.21 -0.46
CA SER A 107 8.99 -36.12 -0.64
C SER A 107 7.59 -36.62 -0.42
N GLY A 108 7.00 -37.19 -1.47
CA GLY A 108 5.66 -37.71 -1.31
C GLY A 108 4.86 -37.43 -2.55
N ILE A 109 5.46 -36.68 -3.47
CA ILE A 109 4.79 -36.35 -4.70
C ILE A 109 5.01 -37.39 -5.79
N PRO A 110 6.27 -37.79 -6.02
CA PRO A 110 6.60 -38.80 -7.05
C PRO A 110 5.68 -40.03 -6.99
N GLU A 111 5.41 -40.52 -5.81
CA GLU A 111 4.54 -41.69 -5.68
C GLU A 111 3.11 -41.31 -6.05
N ILE A 112 2.84 -40.02 -6.23
CA ILE A 112 1.52 -39.58 -6.63
C ILE A 112 1.66 -39.28 -8.10
N GLU A 113 2.77 -38.65 -8.47
CA GLU A 113 3.04 -38.35 -9.86
C GLU A 113 2.86 -39.69 -10.57
N GLY A 114 3.65 -40.68 -10.15
CA GLY A 114 3.59 -42.00 -10.71
C GLY A 114 2.24 -42.66 -10.49
N ALA A 115 1.58 -42.38 -9.38
CA ALA A 115 0.27 -42.98 -9.15
C ALA A 115 -0.72 -42.46 -10.17
N LEU A 116 -0.39 -41.32 -10.76
CA LEU A 116 -1.23 -40.70 -11.78
C LEU A 116 -1.11 -41.47 -13.09
N GLU A 117 0.10 -41.94 -13.37
CA GLU A 117 0.34 -42.71 -14.59
C GLU A 117 0.12 -44.21 -14.36
N ASP A 118 -0.52 -44.55 -13.25
CA ASP A 118 -0.76 -45.94 -12.93
C ASP A 118 0.55 -46.76 -12.93
N GLN A 119 1.65 -46.11 -12.56
CA GLN A 119 2.96 -46.76 -12.50
C GLN A 119 3.39 -47.00 -11.05
N ARG A 120 2.53 -46.61 -10.10
CA ARG A 120 2.77 -46.78 -8.66
C ARG A 120 1.39 -46.94 -8.01
N PRO A 121 1.35 -47.43 -6.76
CA PRO A 121 0.07 -47.61 -6.08
C PRO A 121 -0.30 -46.52 -5.04
N VAL A 122 -1.58 -46.51 -4.67
CA VAL A 122 -2.11 -45.55 -3.70
C VAL A 122 -2.72 -46.30 -2.52
N ARG A 123 -1.87 -46.95 -1.72
CA ARG A 123 -2.35 -47.70 -0.56
C ARG A 123 -2.71 -46.71 0.55
N TRP A 124 -3.88 -46.09 0.45
CA TRP A 124 -4.24 -45.11 1.45
C TRP A 124 -4.43 -45.66 2.88
N TRP A 125 -5.09 -46.82 2.99
CA TRP A 125 -5.27 -47.47 4.29
C TRP A 125 -3.97 -47.50 5.08
N ARG A 126 -2.85 -47.49 4.38
CA ARG A 126 -1.54 -47.44 5.02
C ARG A 126 -0.98 -46.03 5.04
N VAL A 127 -0.53 -45.55 3.88
CA VAL A 127 0.16 -44.26 3.80
C VAL A 127 -0.50 -43.07 4.48
N LEU A 128 -1.81 -43.12 4.69
CA LEU A 128 -2.42 -41.99 5.40
C LEU A 128 -1.73 -41.90 6.76
N PRO A 129 -2.00 -42.86 7.66
CA PRO A 129 -1.38 -42.82 8.98
C PRO A 129 0.14 -42.67 8.96
N VAL A 130 0.83 -43.43 8.12
CA VAL A 130 2.28 -43.36 8.10
C VAL A 130 2.88 -42.03 7.63
N LYS A 131 2.21 -41.34 6.72
CA LYS A 131 2.72 -40.06 6.20
C LYS A 131 2.40 -38.95 7.19
N PHE A 132 1.18 -39.01 7.74
CA PHE A 132 0.68 -38.06 8.72
C PHE A 132 1.58 -38.16 9.94
N PHE A 133 1.17 -39.02 10.88
CA PHE A 133 1.92 -39.25 12.09
C PHE A 133 3.42 -39.38 11.83
N GLY A 134 3.79 -39.99 10.73
CA GLY A 134 5.19 -40.11 10.41
C GLY A 134 5.82 -38.73 10.33
N GLY A 135 5.45 -37.96 9.31
CA GLY A 135 6.00 -36.63 9.15
C GLY A 135 5.62 -35.74 10.33
N LEU A 136 4.41 -35.98 10.85
CA LEU A 136 3.90 -35.22 11.98
C LEU A 136 4.89 -35.38 13.14
N GLY A 137 5.86 -36.28 12.95
CA GLY A 137 6.87 -36.53 13.94
C GLY A 137 8.23 -36.14 13.39
N THR A 138 8.40 -36.27 12.08
CA THR A 138 9.65 -35.93 11.41
C THR A 138 9.80 -34.43 11.32
N LEU A 139 8.66 -33.76 11.15
CA LEU A 139 8.59 -32.30 11.08
C LEU A 139 8.39 -31.75 12.50
N GLY A 140 7.60 -32.47 13.28
CA GLY A 140 7.37 -32.06 14.66
C GLY A 140 8.68 -31.97 15.40
N GLY A 141 9.64 -32.81 15.00
CA GLY A 141 10.95 -32.82 15.63
C GLY A 141 11.78 -31.68 15.12
N GLY A 142 11.38 -31.12 13.98
CA GLY A 142 12.09 -30.00 13.42
C GLY A 142 13.26 -30.32 12.53
N MET A 143 13.04 -31.16 11.53
CA MET A 143 14.11 -31.51 10.61
C MET A 143 13.97 -30.56 9.40
N VAL A 144 14.99 -30.51 8.53
CA VAL A 144 14.90 -29.65 7.35
C VAL A 144 14.03 -30.31 6.28
N LEU A 145 12.74 -30.44 6.58
CA LEU A 145 11.78 -31.05 5.67
C LEU A 145 10.51 -30.24 5.65
N GLY A 146 9.88 -30.11 4.50
CA GLY A 146 8.66 -29.34 4.43
C GLY A 146 7.39 -30.19 4.53
N ARG A 147 6.27 -29.54 4.80
CA ARG A 147 4.98 -30.22 4.86
C ARG A 147 4.51 -30.23 3.40
N ALA A 148 5.41 -29.73 2.56
CA ALA A 148 5.22 -29.62 1.12
C ALA A 148 4.56 -30.85 0.50
N GLY A 149 5.40 -31.76 0.02
CA GLY A 149 4.90 -32.98 -0.58
C GLY A 149 4.08 -33.78 0.40
N PRO A 150 4.57 -33.95 1.63
CA PRO A 150 3.82 -34.71 2.62
C PRO A 150 2.32 -34.47 2.57
N THR A 151 1.92 -33.22 2.37
CA THR A 151 0.50 -32.89 2.30
C THR A 151 -0.08 -33.26 0.94
N VAL A 152 0.73 -33.11 -0.10
CA VAL A 152 0.31 -33.48 -1.44
C VAL A 152 -0.11 -34.96 -1.43
N GLN A 153 0.80 -35.82 -0.94
CA GLN A 153 0.55 -37.26 -0.84
C GLN A 153 -0.62 -37.60 0.07
N ILE A 154 -0.76 -36.92 1.20
CA ILE A 154 -1.90 -37.21 2.07
C ILE A 154 -3.09 -36.86 1.20
N GLY A 155 -2.88 -35.86 0.34
CA GLY A 155 -3.93 -35.41 -0.54
C GLY A 155 -4.43 -36.50 -1.46
N GLY A 156 -3.59 -36.88 -2.43
CA GLY A 156 -3.94 -37.91 -3.38
C GLY A 156 -4.61 -39.11 -2.74
N ASN A 157 -3.97 -39.65 -1.70
CA ASN A 157 -4.54 -40.78 -1.01
C ASN A 157 -5.94 -40.52 -0.47
N ILE A 158 -6.21 -39.30 -0.03
CA ILE A 158 -7.53 -39.02 0.49
C ILE A 158 -8.54 -39.09 -0.65
N GLY A 159 -8.08 -38.71 -1.85
CA GLY A 159 -8.94 -38.75 -3.02
C GLY A 159 -9.26 -40.20 -3.38
N ARG A 160 -8.20 -41.00 -3.48
CA ARG A 160 -8.36 -42.40 -3.80
C ARG A 160 -9.22 -43.08 -2.74
N MET A 161 -9.08 -42.63 -1.50
CA MET A 161 -9.86 -43.21 -0.43
C MET A 161 -11.35 -42.96 -0.62
N VAL A 162 -11.71 -41.74 -1.04
CA VAL A 162 -13.13 -41.44 -1.25
C VAL A 162 -13.56 -42.15 -2.51
N LEU A 163 -12.61 -42.26 -3.45
CA LEU A 163 -12.82 -42.96 -4.71
C LEU A 163 -13.34 -44.35 -4.39
N ASP A 164 -12.48 -45.13 -3.71
CA ASP A 164 -12.84 -46.47 -3.32
C ASP A 164 -14.14 -46.50 -2.55
N ILE A 165 -14.23 -45.79 -1.42
CA ILE A 165 -15.46 -45.78 -0.61
C ILE A 165 -16.75 -45.77 -1.43
N PHE A 166 -17.01 -44.64 -2.10
CA PHE A 166 -18.24 -44.51 -2.90
C PHE A 166 -18.10 -45.22 -4.24
N ARG A 167 -17.01 -45.96 -4.40
CA ARG A 167 -16.78 -46.74 -5.61
C ARG A 167 -17.23 -45.97 -6.84
N LEU A 168 -16.27 -45.36 -7.53
CA LEU A 168 -16.58 -44.68 -8.77
C LEU A 168 -15.72 -45.34 -9.85
N LYS A 169 -16.30 -45.58 -11.02
CA LYS A 169 -15.54 -46.20 -12.10
C LYS A 169 -14.96 -45.19 -13.09
N GLY A 170 -14.26 -45.71 -14.09
CA GLY A 170 -13.69 -44.86 -15.11
C GLY A 170 -12.32 -44.35 -14.78
N ASP A 171 -11.57 -43.97 -15.81
CA ASP A 171 -10.22 -43.46 -15.63
C ASP A 171 -10.36 -41.99 -15.25
N GLU A 172 -11.53 -41.44 -15.55
CA GLU A 172 -11.81 -40.03 -15.31
C GLU A 172 -12.11 -39.75 -13.84
N ALA A 173 -13.06 -40.48 -13.27
CA ALA A 173 -13.30 -40.39 -11.83
C ALA A 173 -12.11 -40.91 -11.01
N ARG A 174 -11.13 -41.54 -11.66
CA ARG A 174 -9.99 -42.02 -10.90
C ARG A 174 -8.97 -40.91 -10.97
N HIS A 175 -8.38 -40.69 -12.14
CA HIS A 175 -7.39 -39.64 -12.30
C HIS A 175 -7.82 -38.31 -11.69
N THR A 176 -9.11 -37.98 -11.86
CA THR A 176 -9.63 -36.73 -11.34
C THR A 176 -9.50 -36.67 -9.83
N LEU A 177 -10.37 -37.37 -9.10
CA LEU A 177 -10.31 -37.31 -7.65
C LEU A 177 -8.90 -37.45 -7.08
N LEU A 178 -8.05 -38.17 -7.78
CA LEU A 178 -6.68 -38.35 -7.32
C LEU A 178 -5.82 -37.12 -7.61
N ALA A 179 -6.08 -36.45 -8.73
CA ALA A 179 -5.32 -35.25 -9.11
C ALA A 179 -5.86 -34.01 -8.40
N THR A 180 -7.17 -33.93 -8.19
CA THR A 180 -7.72 -32.78 -7.48
C THR A 180 -7.17 -32.89 -6.07
N GLY A 181 -7.18 -34.10 -5.53
CA GLY A 181 -6.67 -34.33 -4.19
C GLY A 181 -5.24 -33.85 -4.00
N ALA A 182 -4.35 -34.17 -4.93
CA ALA A 182 -2.97 -33.74 -4.80
C ALA A 182 -2.91 -32.23 -4.80
N ALA A 183 -3.74 -31.61 -5.61
CA ALA A 183 -3.79 -30.15 -5.72
C ALA A 183 -4.35 -29.55 -4.44
N ALA A 184 -5.54 -29.98 -4.03
CA ALA A 184 -6.14 -29.46 -2.81
C ALA A 184 -5.09 -29.59 -1.71
N GLY A 185 -4.16 -30.53 -1.89
CA GLY A 185 -3.10 -30.74 -0.93
C GLY A 185 -2.13 -29.59 -0.92
N LEU A 186 -1.43 -29.35 -2.03
CA LEU A 186 -0.48 -28.27 -2.12
C LEU A 186 -1.10 -26.92 -1.85
N ALA A 187 -2.42 -26.85 -1.93
CA ALA A 187 -3.12 -25.59 -1.68
C ALA A 187 -3.13 -25.27 -0.20
N ALA A 188 -3.66 -26.17 0.61
CA ALA A 188 -3.72 -25.95 2.04
C ALA A 188 -2.35 -25.93 2.69
N ALA A 189 -1.33 -26.39 1.98
CA ALA A 189 0.02 -26.41 2.51
C ALA A 189 0.66 -25.04 2.46
N PHE A 190 0.25 -24.21 1.49
CA PHE A 190 0.79 -22.85 1.35
C PHE A 190 -0.34 -21.84 1.20
N ASN A 191 -1.58 -22.29 1.42
CA ASN A 191 -2.73 -21.42 1.27
C ASN A 191 -2.61 -20.70 -0.07
N ALA A 192 -2.38 -21.46 -1.14
CA ALA A 192 -2.20 -20.91 -2.48
C ALA A 192 -2.97 -21.66 -3.57
N PRO A 193 -4.32 -21.55 -3.59
CA PRO A 193 -5.14 -22.24 -4.58
C PRO A 193 -4.64 -22.18 -6.00
N LEU A 194 -4.31 -21.00 -6.50
CA LEU A 194 -3.83 -20.94 -7.88
C LEU A 194 -2.63 -21.86 -8.08
N ALA A 195 -1.61 -21.74 -7.25
CA ALA A 195 -0.39 -22.55 -7.35
C ALA A 195 -0.66 -24.06 -7.31
N GLY A 196 -1.73 -24.46 -6.64
CA GLY A 196 -2.07 -25.87 -6.56
C GLY A 196 -2.56 -26.32 -7.92
N ILE A 197 -3.64 -25.70 -8.40
CA ILE A 197 -4.18 -26.01 -9.72
C ILE A 197 -3.05 -26.04 -10.74
N LEU A 198 -2.16 -25.06 -10.67
CA LEU A 198 -1.04 -25.01 -11.60
C LEU A 198 -0.03 -26.12 -11.41
N PHE A 199 0.09 -26.66 -10.21
CA PHE A 199 1.07 -27.72 -10.00
C PHE A 199 0.61 -28.95 -10.75
N ILE A 200 -0.67 -29.26 -10.64
CA ILE A 200 -1.24 -30.38 -11.36
C ILE A 200 -0.96 -30.16 -12.85
N ILE A 201 -1.76 -29.30 -13.45
CA ILE A 201 -1.65 -29.01 -14.87
C ILE A 201 -0.26 -28.60 -15.41
N GLU A 202 0.80 -28.81 -14.64
CA GLU A 202 2.14 -28.47 -15.15
C GLU A 202 3.20 -29.48 -14.75
N GLU A 203 2.97 -30.17 -13.64
CA GLU A 203 3.92 -31.15 -13.12
C GLU A 203 3.32 -32.50 -12.79
N MET A 204 2.26 -32.50 -12.00
CA MET A 204 1.64 -33.75 -11.59
C MET A 204 1.03 -34.56 -12.72
N ARG A 205 0.25 -33.90 -13.58
CA ARG A 205 -0.30 -34.59 -14.70
C ARG A 205 0.63 -35.52 -15.45
N PRO A 206 0.06 -36.39 -16.27
CA PRO A 206 0.86 -37.30 -17.11
C PRO A 206 1.63 -36.54 -18.20
N GLN A 207 2.94 -36.39 -18.00
CA GLN A 207 3.71 -35.42 -18.76
C GLN A 207 4.10 -35.97 -20.13
N PHE A 208 3.41 -37.02 -20.55
CA PHE A 208 3.69 -37.67 -21.83
C PHE A 208 2.49 -38.45 -22.34
N ARG A 209 1.33 -37.78 -22.37
CA ARG A 209 0.15 -38.36 -22.99
C ARG A 209 -1.15 -37.80 -22.46
N TYR A 210 -2.04 -37.41 -23.37
CA TYR A 210 -3.34 -36.88 -22.98
C TYR A 210 -3.90 -37.69 -21.81
N THR A 211 -4.60 -37.00 -20.89
CA THR A 211 -5.21 -37.63 -19.71
C THR A 211 -6.63 -37.13 -19.45
N LEU A 212 -7.44 -37.98 -18.83
CA LEU A 212 -8.83 -37.65 -18.52
C LEU A 212 -9.04 -36.89 -17.20
N ILE A 213 -8.25 -35.84 -16.96
CA ILE A 213 -8.34 -35.04 -15.73
C ILE A 213 -9.26 -33.81 -15.83
N SER A 214 -10.30 -33.80 -15.00
CA SER A 214 -11.28 -32.71 -14.94
C SER A 214 -10.86 -31.43 -14.21
N ILE A 215 -10.27 -30.48 -14.92
CA ILE A 215 -9.83 -29.22 -14.30
C ILE A 215 -10.90 -28.46 -13.52
N LYS A 216 -12.17 -28.60 -13.89
CA LYS A 216 -13.22 -27.90 -13.15
C LYS A 216 -13.36 -28.56 -11.79
N ALA A 217 -13.08 -29.86 -11.73
CA ALA A 217 -13.16 -30.58 -10.47
C ALA A 217 -11.98 -30.15 -9.62
N VAL A 218 -10.78 -30.28 -10.17
CA VAL A 218 -9.57 -29.89 -9.46
C VAL A 218 -9.82 -28.57 -8.74
N PHE A 219 -10.37 -27.60 -9.45
CA PHE A 219 -10.68 -26.29 -8.89
C PHE A 219 -11.57 -26.45 -7.68
N ILE A 220 -12.78 -26.95 -7.88
CA ILE A 220 -13.69 -27.13 -6.75
C ILE A 220 -12.95 -27.76 -5.59
N GLY A 221 -12.03 -28.65 -5.91
CA GLY A 221 -11.25 -29.31 -4.87
C GLY A 221 -10.45 -28.27 -4.12
N VAL A 222 -9.51 -27.64 -4.82
CA VAL A 222 -8.68 -26.60 -4.25
C VAL A 222 -9.52 -25.62 -3.44
N ILE A 223 -10.61 -25.13 -4.05
CA ILE A 223 -11.49 -24.20 -3.37
C ILE A 223 -11.89 -24.66 -1.98
N MET A 224 -12.43 -25.88 -1.87
CA MET A 224 -12.83 -26.42 -0.58
C MET A 224 -11.64 -26.57 0.35
N SER A 225 -10.56 -27.13 -0.17
CA SER A 225 -9.36 -27.33 0.60
C SER A 225 -8.93 -25.99 1.19
N THR A 226 -8.97 -24.95 0.37
CA THR A 226 -8.58 -23.65 0.83
C THR A 226 -9.55 -23.02 1.84
N ILE A 227 -10.86 -23.17 1.63
CA ILE A 227 -11.82 -22.59 2.58
C ILE A 227 -11.49 -23.12 3.97
N MET A 228 -11.37 -24.44 4.07
CA MET A 228 -11.05 -25.13 5.32
C MET A 228 -9.83 -24.49 5.98
N TYR A 229 -8.75 -24.35 5.23
CA TYR A 229 -7.56 -23.74 5.77
C TYR A 229 -7.99 -22.40 6.35
N ARG A 230 -8.37 -21.49 5.47
CA ARG A 230 -8.82 -20.17 5.88
C ARG A 230 -9.68 -20.20 7.14
N ILE A 231 -10.58 -21.18 7.24
CA ILE A 231 -11.45 -21.28 8.39
C ILE A 231 -10.68 -21.45 9.69
N PHE A 232 -9.49 -22.03 9.59
CA PHE A 232 -8.64 -22.27 10.77
C PHE A 232 -7.40 -21.40 10.89
N ASN A 233 -6.95 -20.77 9.80
CA ASN A 233 -5.76 -19.96 9.86
C ASN A 233 -5.92 -18.59 9.25
N HIS A 234 -7.02 -17.91 9.54
CA HIS A 234 -7.17 -16.58 8.98
C HIS A 234 -6.58 -15.61 10.00
N GLU A 235 -6.30 -14.38 9.58
CA GLU A 235 -5.75 -13.34 10.45
C GLU A 235 -4.23 -13.36 10.49
N VAL A 236 -3.62 -14.14 9.60
CA VAL A 236 -2.15 -14.25 9.51
C VAL A 236 -1.75 -14.96 8.24
N ALA A 237 -0.59 -14.62 7.70
CA ALA A 237 -0.06 -15.25 6.48
C ALA A 237 1.03 -16.26 6.83
N LEU A 238 1.64 -16.85 5.82
CA LEU A 238 2.74 -17.80 6.05
C LEU A 238 3.98 -16.96 5.89
N ILE A 239 4.01 -16.15 4.84
CA ILE A 239 5.12 -15.27 4.58
C ILE A 239 4.52 -13.88 4.45
N ASP A 240 5.24 -12.89 4.96
CA ASP A 240 4.80 -11.51 4.92
C ASP A 240 6.03 -10.68 4.71
N VAL A 241 6.09 -9.98 3.58
CA VAL A 241 7.26 -9.19 3.32
C VAL A 241 6.87 -7.78 2.92
N GLY A 242 5.58 -7.48 3.02
CA GLY A 242 5.09 -6.15 2.66
C GLY A 242 5.48 -5.70 1.27
N LYS A 243 4.75 -4.74 0.72
CA LYS A 243 5.06 -4.29 -0.62
C LYS A 243 6.49 -3.80 -0.82
N LEU A 244 7.34 -4.64 -1.39
CA LEU A 244 8.74 -4.29 -1.67
C LEU A 244 8.75 -3.21 -2.73
N SER A 245 9.92 -2.77 -3.14
CA SER A 245 10.01 -1.73 -4.16
C SER A 245 9.71 -2.31 -5.53
N ASP A 246 9.74 -1.46 -6.56
CA ASP A 246 9.45 -1.88 -7.92
C ASP A 246 10.72 -2.22 -8.64
N ALA A 247 10.61 -2.76 -9.85
CA ALA A 247 11.80 -3.12 -10.59
C ALA A 247 11.92 -2.52 -11.98
N PRO A 248 12.74 -1.47 -12.13
CA PRO A 248 13.02 -0.74 -13.37
C PRO A 248 13.42 -1.66 -14.51
N LEU A 249 13.12 -1.28 -15.74
CA LEU A 249 13.46 -2.11 -16.90
C LEU A 249 14.95 -2.34 -17.07
N ASN A 250 15.75 -1.28 -16.89
CA ASN A 250 17.19 -1.41 -17.05
C ASN A 250 17.79 -2.19 -15.88
N THR A 251 16.91 -2.86 -15.14
CA THR A 251 17.26 -3.64 -13.97
C THR A 251 17.01 -5.13 -14.20
N LEU A 252 16.13 -5.43 -15.16
CA LEU A 252 15.75 -6.79 -15.52
C LEU A 252 16.88 -7.76 -15.84
N TRP A 253 17.93 -7.25 -16.48
CA TRP A 253 19.06 -8.10 -16.84
C TRP A 253 19.71 -8.74 -15.62
N LEU A 254 19.71 -8.03 -14.49
CA LEU A 254 20.30 -8.61 -13.28
C LEU A 254 19.51 -9.83 -12.88
N TYR A 255 18.24 -9.92 -13.29
CA TYR A 255 17.42 -11.09 -12.94
C TYR A 255 17.67 -12.24 -13.90
N LEU A 256 18.22 -11.92 -15.07
CA LEU A 256 18.52 -12.97 -16.04
C LEU A 256 19.75 -13.67 -15.51
N ILE A 257 20.70 -12.87 -15.02
CA ILE A 257 21.94 -13.39 -14.45
C ILE A 257 21.71 -14.20 -13.18
N LEU A 258 20.78 -13.77 -12.34
CA LEU A 258 20.46 -14.51 -11.14
C LEU A 258 19.78 -15.80 -11.60
N GLY A 259 18.99 -15.69 -12.66
CA GLY A 259 18.30 -16.85 -13.19
C GLY A 259 19.31 -17.87 -13.70
N ILE A 260 20.41 -17.36 -14.25
CA ILE A 260 21.47 -18.22 -14.76
C ILE A 260 22.08 -18.99 -13.59
N ILE A 261 22.53 -18.24 -12.58
CA ILE A 261 23.11 -18.85 -11.38
C ILE A 261 22.28 -20.04 -10.87
N PHE A 262 20.98 -19.83 -10.69
CA PHE A 262 20.13 -20.93 -10.22
C PHE A 262 20.13 -22.09 -11.21
N GLY A 263 20.03 -21.75 -12.50
CA GLY A 263 20.00 -22.74 -13.56
C GLY A 263 21.16 -23.72 -13.55
N ILE A 264 22.37 -23.22 -13.26
CA ILE A 264 23.54 -24.09 -13.21
C ILE A 264 23.54 -24.88 -11.90
N PHE A 265 23.20 -24.20 -10.80
CA PHE A 265 23.16 -24.85 -9.50
C PHE A 265 21.97 -25.80 -9.34
N GLY A 266 20.89 -25.52 -10.04
CA GLY A 266 19.70 -26.37 -9.93
C GLY A 266 19.92 -27.87 -10.14
N PRO A 267 20.68 -28.24 -11.18
CA PRO A 267 20.98 -29.65 -11.50
C PRO A 267 21.90 -30.23 -10.43
N ILE A 268 22.98 -29.49 -10.15
CA ILE A 268 23.95 -29.88 -9.14
C ILE A 268 23.26 -30.33 -7.85
N PHE A 269 22.35 -29.50 -7.38
CA PHE A 269 21.60 -29.80 -6.16
C PHE A 269 20.78 -31.05 -6.40
N ASN A 270 20.34 -31.22 -7.64
CA ASN A 270 19.55 -32.38 -8.02
C ASN A 270 20.34 -33.67 -7.89
N LYS A 271 21.65 -33.57 -8.16
CA LYS A 271 22.54 -34.73 -8.05
C LYS A 271 22.61 -35.05 -6.56
N TRP A 272 23.12 -34.08 -5.79
CA TRP A 272 23.26 -34.25 -4.36
C TRP A 272 22.01 -34.82 -3.69
N VAL A 273 20.83 -34.38 -4.09
CA VAL A 273 19.63 -34.93 -3.47
C VAL A 273 19.43 -36.42 -3.82
N LEU A 274 19.89 -36.84 -4.99
CA LEU A 274 19.75 -38.25 -5.37
C LEU A 274 20.92 -39.04 -4.82
N GLY A 275 22.13 -38.56 -5.11
CA GLY A 275 23.34 -39.21 -4.66
C GLY A 275 23.30 -39.52 -3.18
N MET A 276 23.12 -38.46 -2.39
CA MET A 276 23.04 -38.58 -0.94
C MET A 276 22.02 -39.66 -0.58
N GLN A 277 21.08 -39.91 -1.47
CA GLN A 277 20.07 -40.93 -1.20
C GLN A 277 20.70 -42.30 -1.26
N ASP A 278 21.67 -42.46 -2.17
CA ASP A 278 22.40 -43.71 -2.34
C ASP A 278 23.32 -43.82 -1.14
N LEU A 279 24.30 -42.93 -1.12
CA LEU A 279 25.30 -42.87 -0.06
C LEU A 279 24.71 -43.14 1.32
N LEU A 280 23.76 -42.32 1.74
CA LEU A 280 23.16 -42.49 3.05
C LEU A 280 22.52 -43.86 3.22
N HIS A 281 22.11 -44.45 2.10
CA HIS A 281 21.48 -45.76 2.17
C HIS A 281 22.38 -46.83 2.76
N ARG A 282 23.66 -46.78 2.39
CA ARG A 282 24.64 -47.73 2.90
C ARG A 282 24.46 -47.80 4.43
N VAL A 283 24.80 -46.69 5.06
CA VAL A 283 24.73 -46.47 6.50
C VAL A 283 23.51 -47.09 7.22
N HIS A 284 22.95 -48.16 6.65
CA HIS A 284 21.83 -48.87 7.26
C HIS A 284 21.42 -50.03 6.33
N GLY A 285 21.94 -50.00 5.11
CA GLY A 285 21.66 -51.04 4.13
C GLY A 285 20.23 -51.55 4.08
N GLY A 286 19.26 -50.65 4.18
CA GLY A 286 17.86 -51.05 4.13
C GLY A 286 17.36 -51.63 5.44
N ASN A 287 18.27 -51.90 6.37
CA ASN A 287 17.89 -52.46 7.67
C ASN A 287 17.04 -51.50 8.50
N ILE A 288 15.80 -51.92 8.77
CA ILE A 288 14.88 -51.07 9.52
C ILE A 288 15.52 -50.44 10.75
N THR A 289 16.37 -51.17 11.46
CA THR A 289 17.00 -50.62 12.65
C THR A 289 18.10 -49.60 12.36
N LYS A 290 19.19 -50.03 11.72
CA LYS A 290 20.27 -49.10 11.40
C LYS A 290 19.74 -47.89 10.64
N TRP A 291 18.53 -48.03 10.08
CA TRP A 291 17.91 -46.90 9.36
C TRP A 291 17.25 -46.04 10.45
N VAL A 292 16.14 -46.54 11.02
CA VAL A 292 15.43 -45.83 12.08
C VAL A 292 16.45 -45.25 13.07
N LEU A 293 17.59 -45.90 13.20
CA LEU A 293 18.60 -45.39 14.10
C LEU A 293 19.26 -44.19 13.47
N MET A 294 19.88 -44.37 12.31
CA MET A 294 20.52 -43.24 11.65
C MET A 294 19.47 -42.13 11.54
N GLY A 295 18.21 -42.54 11.62
CA GLY A 295 17.10 -41.59 11.56
C GLY A 295 17.16 -40.69 12.76
N GLY A 296 16.94 -41.27 13.94
CA GLY A 296 17.01 -40.50 15.17
C GLY A 296 18.34 -39.77 15.24
N ALA A 297 19.35 -40.25 14.52
CA ALA A 297 20.65 -39.61 14.52
C ALA A 297 20.52 -38.23 13.93
N ILE A 298 20.07 -38.18 12.67
CA ILE A 298 19.87 -36.92 11.96
C ILE A 298 18.82 -36.09 12.69
N GLY A 299 17.70 -36.73 13.02
CA GLY A 299 16.64 -36.06 13.75
C GLY A 299 17.21 -35.25 14.92
N GLY A 300 17.97 -35.94 15.76
CA GLY A 300 18.58 -35.27 16.88
C GLY A 300 19.46 -34.11 16.42
N LEU A 301 20.39 -34.35 15.50
CA LEU A 301 21.25 -33.28 15.03
C LEU A 301 20.43 -32.05 14.66
N CYS A 302 19.15 -32.27 14.38
CA CYS A 302 18.27 -31.18 14.01
C CYS A 302 17.81 -30.41 15.25
N GLY A 303 17.32 -31.13 16.26
CA GLY A 303 16.92 -30.45 17.49
C GLY A 303 18.08 -29.57 17.96
N LEU A 304 19.26 -30.17 18.03
CA LEU A 304 20.48 -29.48 18.46
C LEU A 304 20.77 -28.19 17.69
N LEU A 305 20.83 -28.30 16.36
CA LEU A 305 21.08 -27.13 15.51
C LEU A 305 19.90 -26.17 15.55
N GLY A 306 18.70 -26.73 15.68
CA GLY A 306 17.50 -25.94 15.73
C GLY A 306 17.52 -25.00 16.92
N PHE A 307 18.48 -25.24 17.82
CA PHE A 307 18.64 -24.42 19.02
C PHE A 307 19.92 -23.62 18.92
N VAL A 308 21.05 -24.31 18.78
CA VAL A 308 22.35 -23.65 18.68
C VAL A 308 22.47 -22.69 17.48
N ALA A 309 21.73 -22.98 16.41
CA ALA A 309 21.74 -22.14 15.22
C ALA A 309 20.46 -22.42 14.41
N PRO A 310 19.31 -21.92 14.88
CA PRO A 310 17.99 -22.09 14.27
C PRO A 310 17.86 -22.00 12.75
N ALA A 311 18.59 -21.08 12.12
CA ALA A 311 18.52 -20.95 10.67
C ALA A 311 18.80 -22.26 9.95
N THR A 312 19.91 -22.89 10.31
CA THR A 312 20.34 -24.15 9.70
C THR A 312 19.33 -25.31 9.81
N SER A 313 18.41 -25.24 10.76
CA SER A 313 17.44 -26.31 10.92
C SER A 313 16.04 -25.91 10.44
N GLY A 314 15.05 -26.65 10.94
CA GLY A 314 13.65 -26.41 10.62
C GLY A 314 13.25 -26.28 9.17
N GLY A 315 11.94 -26.22 8.93
CA GLY A 315 11.40 -26.08 7.58
C GLY A 315 12.13 -25.01 6.78
N GLY A 316 11.90 -23.74 7.09
CA GLY A 316 12.60 -22.70 6.36
C GLY A 316 11.90 -21.37 6.44
N PHE A 317 10.58 -21.43 6.58
CA PHE A 317 9.77 -20.23 6.65
C PHE A 317 10.34 -19.16 7.56
N ASN A 318 10.27 -19.38 8.88
CA ASN A 318 10.78 -18.43 9.85
C ASN A 318 11.75 -17.40 9.28
N LEU A 319 12.86 -17.87 8.72
CA LEU A 319 13.88 -16.98 8.19
C LEU A 319 13.65 -16.35 6.83
N ILE A 320 12.56 -16.72 6.15
CA ILE A 320 12.29 -16.15 4.83
C ILE A 320 12.14 -14.63 4.95
N PRO A 321 11.11 -14.16 5.67
CA PRO A 321 10.87 -12.72 5.83
C PRO A 321 12.12 -11.98 6.29
N ILE A 322 12.82 -12.59 7.25
CA ILE A 322 14.06 -12.07 7.84
C ILE A 322 15.18 -11.86 6.82
N ALA A 323 15.24 -12.73 5.81
CA ALA A 323 16.27 -12.63 4.79
C ALA A 323 15.90 -11.64 3.72
N THR A 324 14.59 -11.50 3.45
CA THR A 324 14.09 -10.57 2.44
C THR A 324 14.28 -9.13 2.89
N ALA A 325 14.16 -8.91 4.20
CA ALA A 325 14.33 -7.59 4.80
C ALA A 325 15.80 -7.16 4.80
N GLY A 326 16.69 -8.12 4.54
CA GLY A 326 18.13 -7.83 4.52
C GLY A 326 18.73 -7.75 5.91
N ASN A 327 18.18 -8.52 6.85
CA ASN A 327 18.63 -8.53 8.25
C ASN A 327 19.81 -9.48 8.53
N PHE A 328 20.24 -10.23 7.52
CA PHE A 328 21.36 -11.16 7.68
C PHE A 328 22.54 -10.57 6.94
N SER A 329 23.67 -10.44 7.60
CA SER A 329 24.84 -9.89 6.93
C SER A 329 25.13 -10.83 5.78
N MET A 330 25.80 -10.32 4.76
CA MET A 330 26.17 -11.14 3.62
C MET A 330 26.76 -12.45 4.13
N GLY A 331 27.84 -12.34 4.90
CA GLY A 331 28.46 -13.54 5.44
C GLY A 331 27.42 -14.47 6.03
N MET A 332 26.67 -13.97 6.99
CA MET A 332 25.63 -14.75 7.64
C MET A 332 24.80 -15.54 6.63
N LEU A 333 24.49 -14.91 5.49
CA LEU A 333 23.71 -15.56 4.45
C LEU A 333 24.45 -16.78 3.93
N VAL A 334 25.67 -16.55 3.45
CA VAL A 334 26.52 -17.62 2.92
C VAL A 334 26.50 -18.82 3.87
N PHE A 335 26.72 -18.54 5.15
CA PHE A 335 26.70 -19.62 6.13
C PHE A 335 25.36 -20.34 6.00
N ILE A 336 24.28 -19.63 6.32
CA ILE A 336 22.95 -20.21 6.27
C ILE A 336 22.68 -20.97 4.98
N PHE A 337 23.23 -20.49 3.86
CA PHE A 337 23.00 -21.20 2.60
C PHE A 337 23.66 -22.58 2.70
N VAL A 338 24.99 -22.57 2.78
CA VAL A 338 25.78 -23.80 2.88
C VAL A 338 25.24 -24.76 3.93
N ALA A 339 24.99 -24.25 5.13
CA ALA A 339 24.51 -25.04 6.24
C ALA A 339 23.16 -25.68 5.96
N ARG A 340 22.39 -25.04 5.09
CA ARG A 340 21.07 -25.52 4.72
C ARG A 340 21.16 -26.59 3.66
N VAL A 341 22.02 -26.37 2.66
CA VAL A 341 22.09 -27.29 1.54
C VAL A 341 22.31 -28.65 2.21
N ILE A 342 23.30 -28.67 3.10
CA ILE A 342 23.69 -29.86 3.87
C ILE A 342 22.53 -30.47 4.65
N THR A 343 22.01 -29.75 5.64
CA THR A 343 20.89 -30.24 6.45
C THR A 343 19.64 -30.66 5.67
N THR A 344 19.38 -29.99 4.54
CA THR A 344 18.23 -30.32 3.72
C THR A 344 18.52 -31.63 2.98
N LEU A 345 19.76 -31.73 2.50
CA LEU A 345 20.20 -32.94 1.81
C LEU A 345 20.12 -34.13 2.76
N LEU A 346 20.66 -33.94 3.97
CA LEU A 346 20.64 -35.00 4.95
C LEU A 346 19.23 -35.54 5.20
N CYS A 347 18.38 -34.67 5.74
CA CYS A 347 17.01 -35.05 6.07
C CYS A 347 16.16 -35.63 4.94
N PHE A 348 16.37 -35.12 3.72
CA PHE A 348 15.61 -35.59 2.58
C PHE A 348 16.18 -36.83 1.90
N SER A 349 17.48 -36.79 1.60
CA SER A 349 18.16 -37.92 0.96
C SER A 349 18.12 -39.14 1.88
N SER A 350 17.81 -38.92 3.16
CA SER A 350 17.75 -39.98 4.15
C SER A 350 16.33 -40.56 4.26
N GLY A 351 15.62 -40.58 3.15
CA GLY A 351 14.28 -41.14 3.15
C GLY A 351 13.36 -40.92 4.33
N ALA A 352 13.47 -39.76 4.99
CA ALA A 352 12.58 -39.43 6.12
C ALA A 352 11.29 -38.90 5.50
N PRO A 353 10.12 -39.24 6.09
CA PRO A 353 8.87 -38.75 5.51
C PRO A 353 8.67 -37.23 5.57
N GLY A 354 9.12 -36.53 4.52
CA GLY A 354 8.97 -35.08 4.47
C GLY A 354 9.38 -34.43 3.16
N GLY A 355 8.64 -33.39 2.76
CA GLY A 355 8.93 -32.70 1.52
C GLY A 355 10.24 -31.93 1.47
N ILE A 356 10.64 -31.55 0.27
CA ILE A 356 11.86 -30.79 0.06
C ILE A 356 11.46 -29.56 -0.75
N PHE A 357 10.16 -29.44 -1.00
CA PHE A 357 9.63 -28.31 -1.77
C PHE A 357 9.86 -27.00 -1.03
N ALA A 358 9.31 -26.91 0.19
CA ALA A 358 9.44 -25.73 1.04
C ALA A 358 10.90 -25.37 1.33
N PRO A 359 11.70 -26.34 1.78
CA PRO A 359 13.11 -26.08 2.08
C PRO A 359 13.85 -25.46 0.91
N MET A 360 13.29 -25.63 -0.29
CA MET A 360 13.88 -25.07 -1.50
C MET A 360 13.45 -23.63 -1.67
N LEU A 361 12.25 -23.32 -1.16
CA LEU A 361 11.74 -21.95 -1.21
C LEU A 361 12.65 -21.16 -0.29
N ALA A 362 12.99 -21.74 0.86
CA ALA A 362 13.87 -21.10 1.83
C ALA A 362 15.27 -20.95 1.26
N LEU A 363 15.75 -21.96 0.54
CA LEU A 363 17.07 -21.89 -0.04
C LEU A 363 17.23 -20.79 -1.09
N GLY A 364 16.27 -20.71 -2.00
CA GLY A 364 16.33 -19.71 -3.04
C GLY A 364 16.32 -18.32 -2.44
N THR A 365 15.40 -18.13 -1.49
CA THR A 365 15.25 -16.86 -0.80
C THR A 365 16.58 -16.36 -0.29
N VAL A 366 17.34 -17.26 0.31
CA VAL A 366 18.64 -16.93 0.84
C VAL A 366 19.65 -16.62 -0.26
N LEU A 367 19.64 -17.41 -1.34
CA LEU A 367 20.56 -17.17 -2.45
C LEU A 367 20.20 -15.86 -3.13
N GLY A 368 18.90 -15.69 -3.38
CA GLY A 368 18.40 -14.49 -4.03
C GLY A 368 18.86 -13.25 -3.29
N THR A 369 18.64 -13.25 -1.98
CA THR A 369 19.03 -12.12 -1.13
C THR A 369 20.50 -11.84 -1.31
N ALA A 370 21.32 -12.88 -1.15
CA ALA A 370 22.75 -12.74 -1.29
C ALA A 370 23.04 -12.02 -2.58
N PHE A 371 22.49 -12.55 -3.68
CA PHE A 371 22.68 -11.93 -4.97
C PHE A 371 22.31 -10.47 -4.80
N GLY A 372 21.11 -10.28 -4.24
CA GLY A 372 20.60 -8.95 -4.00
C GLY A 372 21.69 -8.03 -3.50
N MET A 373 22.09 -8.23 -2.25
CA MET A 373 23.12 -7.42 -1.63
C MET A 373 24.29 -7.06 -2.53
N VAL A 374 24.82 -8.03 -3.28
CA VAL A 374 25.95 -7.73 -4.16
C VAL A 374 25.53 -6.68 -5.16
N ALA A 375 24.34 -6.87 -5.74
CA ALA A 375 23.78 -5.93 -6.71
C ALA A 375 23.45 -4.62 -6.02
N VAL A 376 22.70 -4.73 -4.93
CA VAL A 376 22.26 -3.60 -4.11
C VAL A 376 23.32 -2.57 -3.87
N GLU A 377 24.56 -2.85 -4.25
CA GLU A 377 25.60 -1.88 -4.01
C GLU A 377 26.67 -1.88 -5.09
N LEU A 378 26.64 -2.90 -5.95
CA LEU A 378 27.60 -2.98 -7.05
C LEU A 378 27.04 -2.01 -8.10
N PHE A 379 25.74 -1.72 -7.95
CA PHE A 379 25.03 -0.80 -8.83
C PHE A 379 24.22 0.14 -7.96
N PRO A 380 24.87 1.18 -7.41
CA PRO A 380 24.16 2.12 -6.56
C PRO A 380 23.22 3.00 -7.37
N GLN A 381 23.37 2.98 -8.69
CA GLN A 381 22.52 3.78 -9.52
C GLN A 381 21.11 3.21 -9.66
N TYR A 382 21.01 1.88 -9.64
CA TYR A 382 19.72 1.21 -9.77
C TYR A 382 18.78 1.35 -8.67
N HIS A 383 19.31 1.82 -7.54
CA HIS A 383 18.52 1.99 -6.33
C HIS A 383 17.86 0.68 -6.00
N LEU A 384 18.67 -0.35 -5.93
CA LEU A 384 18.19 -1.70 -5.65
C LEU A 384 17.83 -1.90 -4.18
N GLU A 385 17.14 -3.00 -3.91
CA GLU A 385 16.69 -3.35 -2.56
C GLU A 385 16.63 -4.86 -2.38
N ALA A 386 17.78 -5.46 -2.08
CA ALA A 386 17.93 -6.91 -1.98
C ALA A 386 16.63 -7.72 -1.96
N GLY A 387 15.69 -7.31 -1.12
CA GLY A 387 14.41 -8.00 -1.00
C GLY A 387 13.69 -8.36 -2.28
N THR A 388 13.93 -7.60 -3.35
CA THR A 388 13.29 -7.91 -4.61
C THR A 388 13.84 -9.22 -5.14
N PHE A 389 15.16 -9.28 -5.30
CA PHE A 389 15.82 -10.49 -5.78
C PHE A 389 15.55 -11.70 -4.90
N ALA A 390 15.12 -11.45 -3.67
CA ALA A 390 14.78 -12.53 -2.77
C ALA A 390 13.47 -13.10 -3.30
N ILE A 391 12.47 -12.23 -3.47
CA ILE A 391 11.17 -12.65 -3.97
C ILE A 391 11.33 -13.26 -5.36
N ALA A 392 12.29 -12.75 -6.12
CA ALA A 392 12.57 -13.26 -7.46
C ALA A 392 13.07 -14.69 -7.38
N GLY A 393 14.14 -14.87 -6.60
CA GLY A 393 14.76 -16.17 -6.44
C GLY A 393 14.14 -17.15 -5.45
N MET A 394 13.01 -16.78 -4.86
CA MET A 394 12.35 -17.65 -3.88
C MET A 394 11.73 -18.90 -4.48
N GLY A 395 11.37 -18.82 -5.76
CA GLY A 395 10.78 -19.98 -6.40
C GLY A 395 11.69 -20.37 -7.55
N ALA A 396 12.90 -19.83 -7.54
CA ALA A 396 13.89 -20.09 -8.58
C ALA A 396 14.44 -21.51 -8.48
N LEU A 397 14.61 -22.01 -7.27
CA LEU A 397 15.10 -23.36 -7.12
C LEU A 397 13.96 -24.25 -7.59
N LEU A 398 12.74 -23.96 -7.13
CA LEU A 398 11.58 -24.74 -7.58
C LEU A 398 11.53 -24.73 -9.11
N ALA A 399 12.36 -23.87 -9.71
CA ALA A 399 12.41 -23.76 -11.16
C ALA A 399 13.55 -24.60 -11.70
N ALA A 400 14.78 -24.24 -11.33
CA ALA A 400 15.98 -24.94 -11.79
C ALA A 400 16.03 -26.43 -11.38
N SER A 401 15.45 -26.79 -10.24
CA SER A 401 15.47 -28.18 -9.82
C SER A 401 14.21 -28.90 -10.21
N ILE A 402 13.18 -28.85 -9.37
CA ILE A 402 11.91 -29.52 -9.66
C ILE A 402 11.28 -29.15 -11.03
N ARG A 403 11.81 -28.10 -11.66
CA ARG A 403 11.40 -27.63 -13.00
C ARG A 403 9.92 -27.39 -13.27
N ALA A 404 9.34 -26.43 -12.56
CA ALA A 404 7.93 -26.08 -12.73
C ALA A 404 7.87 -24.58 -12.46
N PRO A 405 8.61 -23.78 -13.25
CA PRO A 405 8.62 -22.33 -13.06
C PRO A 405 7.23 -21.74 -12.93
N LEU A 406 6.33 -22.12 -13.82
CA LEU A 406 5.00 -21.57 -13.76
C LEU A 406 4.30 -21.76 -12.42
N THR A 407 4.52 -22.91 -11.77
CA THR A 407 3.91 -23.13 -10.45
C THR A 407 4.72 -22.39 -9.38
N GLY A 408 6.04 -22.34 -9.55
CA GLY A 408 6.88 -21.64 -8.61
C GLY A 408 6.42 -20.21 -8.53
N ILE A 409 6.47 -19.51 -9.66
CA ILE A 409 6.05 -18.11 -9.76
C ILE A 409 4.66 -17.85 -9.20
N ILE A 410 3.66 -18.57 -9.66
CA ILE A 410 2.33 -18.34 -9.16
C ILE A 410 2.22 -18.69 -7.68
N LEU A 411 3.19 -19.44 -7.17
CA LEU A 411 3.17 -19.79 -5.73
C LEU A 411 3.73 -18.60 -4.97
N VAL A 412 4.96 -18.23 -5.32
CA VAL A 412 5.62 -17.10 -4.71
C VAL A 412 4.63 -15.94 -4.72
N LEU A 413 4.13 -15.60 -5.90
CA LEU A 413 3.18 -14.50 -6.01
C LEU A 413 2.12 -14.53 -4.92
N GLU A 414 1.37 -15.61 -4.83
CA GLU A 414 0.31 -15.70 -3.82
C GLU A 414 0.81 -15.56 -2.40
N MET A 415 2.03 -16.01 -2.15
CA MET A 415 2.58 -15.94 -0.81
C MET A 415 3.19 -14.57 -0.50
N THR A 416 4.05 -14.06 -1.37
CA THR A 416 4.68 -12.77 -1.14
C THR A 416 3.90 -11.55 -1.69
N ASP A 417 2.79 -11.80 -2.33
CA ASP A 417 1.94 -10.76 -2.87
C ASP A 417 2.58 -9.51 -3.46
N ASN A 418 3.71 -9.66 -4.13
CA ASN A 418 4.36 -8.50 -4.77
C ASN A 418 4.32 -8.64 -6.28
N TYR A 419 3.12 -8.52 -6.85
CA TYR A 419 2.93 -8.67 -8.29
C TYR A 419 3.78 -7.71 -9.10
N GLN A 420 4.09 -6.58 -8.52
CA GLN A 420 4.90 -5.61 -9.21
C GLN A 420 6.18 -6.24 -9.73
N LEU A 421 6.69 -7.20 -8.97
CA LEU A 421 7.95 -7.89 -9.30
C LEU A 421 7.80 -9.05 -10.28
N ILE A 422 6.57 -9.35 -10.68
CA ILE A 422 6.27 -10.48 -11.59
C ILE A 422 7.20 -10.63 -12.77
N LEU A 423 7.58 -9.54 -13.42
CA LEU A 423 8.45 -9.66 -14.57
C LEU A 423 9.80 -10.21 -14.18
N PRO A 424 10.45 -9.63 -13.15
CA PRO A 424 11.76 -10.14 -12.73
C PRO A 424 11.66 -11.57 -12.22
N MET A 425 10.52 -11.90 -11.61
CA MET A 425 10.33 -13.25 -11.08
C MET A 425 10.37 -14.28 -12.19
N ILE A 426 9.81 -13.94 -13.35
CA ILE A 426 9.78 -14.84 -14.49
C ILE A 426 11.16 -14.88 -15.16
N ILE A 427 11.64 -13.73 -15.59
CA ILE A 427 12.95 -13.64 -16.21
C ILE A 427 13.99 -14.38 -15.40
N THR A 428 13.74 -14.55 -14.12
CA THR A 428 14.69 -15.27 -13.28
C THR A 428 14.31 -16.73 -13.43
N GLY A 429 13.10 -17.07 -12.98
CA GLY A 429 12.63 -18.43 -13.06
C GLY A 429 12.88 -19.12 -14.38
N LEU A 430 12.45 -18.50 -15.48
CA LEU A 430 12.66 -19.08 -16.80
C LEU A 430 14.14 -19.07 -17.12
N GLY A 431 14.81 -17.97 -16.80
CA GLY A 431 16.23 -17.88 -17.06
C GLY A 431 16.91 -19.09 -16.42
N ALA A 432 16.29 -19.63 -15.38
CA ALA A 432 16.84 -20.78 -14.67
C ALA A 432 16.54 -22.05 -15.46
N THR A 433 15.27 -22.44 -15.53
CA THR A 433 14.85 -23.64 -16.26
C THR A 433 15.66 -23.78 -17.52
N LEU A 434 15.99 -22.65 -18.13
CA LEU A 434 16.78 -22.63 -19.36
C LEU A 434 18.19 -23.15 -19.10
N LEU A 435 18.94 -22.45 -18.25
CA LEU A 435 20.30 -22.89 -17.92
C LEU A 435 20.33 -24.28 -17.31
N ALA A 436 19.23 -24.70 -16.69
CA ALA A 436 19.14 -26.03 -16.09
C ALA A 436 19.11 -27.11 -17.18
N GLN A 437 18.22 -26.92 -18.15
CA GLN A 437 18.10 -27.84 -19.28
C GLN A 437 19.45 -27.77 -20.02
N PHE A 438 19.90 -26.55 -20.27
CA PHE A 438 21.17 -26.35 -20.96
C PHE A 438 22.37 -26.93 -20.22
N THR A 439 22.15 -27.54 -19.05
CA THR A 439 23.26 -28.16 -18.34
C THR A 439 22.89 -29.55 -17.87
N GLY A 440 21.88 -30.12 -18.48
CA GLY A 440 21.49 -31.48 -18.15
C GLY A 440 20.65 -31.74 -16.92
N GLY A 441 20.15 -30.70 -16.26
CA GLY A 441 19.32 -30.94 -15.10
C GLY A 441 18.09 -31.74 -15.50
N LYS A 442 17.29 -32.16 -14.54
CA LYS A 442 16.09 -32.91 -14.85
C LYS A 442 15.03 -32.67 -13.79
N PRO A 443 13.77 -32.89 -14.12
CA PRO A 443 12.69 -32.69 -13.16
C PRO A 443 13.00 -33.54 -11.93
N LEU A 444 13.66 -32.94 -10.94
CA LEU A 444 14.03 -33.65 -9.72
C LEU A 444 12.94 -34.63 -9.27
N TYR A 445 11.68 -34.28 -9.45
CA TYR A 445 10.60 -35.17 -9.05
C TYR A 445 10.43 -36.36 -9.98
N SER A 446 10.75 -36.15 -11.25
CA SER A 446 10.63 -37.20 -12.26
C SER A 446 11.89 -38.06 -12.14
N ALA A 447 13.01 -37.39 -11.88
CA ALA A 447 14.29 -38.08 -11.72
C ALA A 447 14.23 -38.99 -10.51
N ILE A 448 13.12 -38.95 -9.79
CA ILE A 448 12.94 -39.80 -8.63
C ILE A 448 12.02 -40.96 -9.00
N LEU A 449 10.89 -40.65 -9.63
CA LEU A 449 9.93 -41.68 -10.06
C LEU A 449 10.61 -42.57 -11.09
N ALA A 450 11.62 -42.03 -11.77
CA ALA A 450 12.39 -42.81 -12.74
C ALA A 450 13.10 -43.88 -11.92
N ARG A 451 14.11 -43.45 -11.15
CA ARG A 451 14.89 -44.38 -10.32
C ARG A 451 13.98 -45.38 -9.61
N THR A 452 12.85 -44.90 -9.10
CA THR A 452 11.92 -45.77 -8.38
C THR A 452 11.24 -46.76 -9.32
N LEU A 453 10.54 -46.21 -10.31
CA LEU A 453 9.81 -47.03 -11.27
C LEU A 453 10.79 -48.00 -11.96
N ALA A 454 12.07 -47.63 -11.93
CA ALA A 454 13.13 -48.44 -12.52
C ALA A 454 13.43 -49.64 -11.62
N LYS A 455 14.09 -49.36 -10.49
CA LYS A 455 14.47 -50.36 -9.49
C LYS A 455 13.41 -51.45 -9.28
N GLN A 456 12.13 -51.11 -9.48
CA GLN A 456 11.06 -52.10 -9.31
C GLN A 456 11.31 -53.20 -10.33
N GLU A 457 11.67 -52.77 -11.54
CA GLU A 457 11.99 -53.66 -12.64
C GLU A 457 13.42 -54.16 -12.40
N ALA A 458 14.36 -53.21 -12.32
CA ALA A 458 15.77 -53.51 -12.06
C ALA A 458 15.87 -54.71 -11.08
N GLU A 459 14.97 -54.71 -10.09
CA GLU A 459 14.88 -55.78 -9.09
C GLU A 459 14.09 -56.93 -9.76
N GLN A 460 14.64 -57.46 -10.85
CA GLN A 460 14.01 -58.57 -11.57
C GLN A 460 15.00 -59.63 -12.09
N ARG B 18 5.21 -48.99 -20.17
CA ARG B 18 5.99 -48.46 -19.01
C ARG B 18 7.45 -48.17 -19.34
N ARG B 19 8.26 -49.22 -19.41
CA ARG B 19 9.69 -49.10 -19.69
C ARG B 19 10.05 -47.88 -20.55
N GLN B 20 9.10 -47.47 -21.39
CA GLN B 20 9.24 -46.29 -22.24
C GLN B 20 9.33 -45.05 -21.34
N LEU B 21 8.37 -44.95 -20.40
CA LEU B 21 8.28 -43.85 -19.44
C LEU B 21 9.64 -43.43 -18.86
N ILE B 22 10.24 -44.33 -18.09
CA ILE B 22 11.55 -44.09 -17.49
C ILE B 22 12.48 -43.34 -18.45
N ARG B 23 12.35 -43.68 -19.74
CA ARG B 23 13.16 -43.09 -20.81
C ARG B 23 12.74 -41.64 -21.06
N GLN B 24 11.42 -41.47 -21.14
CA GLN B 24 10.82 -40.17 -21.37
C GLN B 24 11.12 -39.25 -20.18
N LEU B 25 10.75 -39.69 -18.97
CA LEU B 25 11.01 -38.89 -17.78
C LEU B 25 12.44 -38.37 -17.86
N LEU B 26 13.41 -39.27 -17.73
CA LEU B 26 14.82 -38.85 -17.77
C LEU B 26 15.18 -37.94 -18.95
N GLU B 27 14.25 -37.78 -19.88
CA GLU B 27 14.50 -36.93 -21.03
C GLU B 27 13.67 -35.64 -21.02
N ARG B 28 12.68 -35.59 -20.12
CA ARG B 28 11.77 -34.44 -20.01
C ARG B 28 12.35 -33.04 -20.10
N ASP B 29 11.48 -32.13 -20.54
CA ASP B 29 11.80 -30.71 -20.72
C ASP B 29 13.14 -30.43 -21.40
N LYS B 30 13.26 -30.94 -22.63
CA LYS B 30 14.45 -30.69 -23.44
C LYS B 30 13.91 -30.22 -24.78
N THR B 31 13.62 -28.92 -24.87
CA THR B 31 13.11 -28.40 -26.11
C THR B 31 14.25 -27.85 -26.95
N PRO B 32 14.27 -28.22 -28.24
CA PRO B 32 15.29 -27.79 -29.19
C PRO B 32 15.69 -26.32 -29.04
N LEU B 33 16.97 -26.10 -28.73
CA LEU B 33 17.50 -24.76 -28.58
C LEU B 33 16.98 -23.82 -29.67
N ALA B 34 16.87 -24.33 -30.90
CA ALA B 34 16.39 -23.51 -32.01
C ALA B 34 14.90 -23.14 -31.84
N ILE B 35 14.08 -24.10 -31.42
CA ILE B 35 12.67 -23.77 -31.22
C ILE B 35 12.59 -22.63 -30.23
N LEU B 36 13.52 -22.61 -29.27
CA LEU B 36 13.56 -21.56 -28.25
C LEU B 36 13.92 -20.21 -28.82
N PHE B 37 15.14 -20.08 -29.34
CA PHE B 37 15.57 -18.80 -29.91
C PHE B 37 14.53 -18.20 -30.83
N MET B 38 13.61 -19.04 -31.31
CA MET B 38 12.55 -18.56 -32.20
C MET B 38 11.39 -18.00 -31.39
N ALA B 39 10.98 -18.73 -30.35
CA ALA B 39 9.88 -18.25 -29.51
C ALA B 39 10.29 -16.84 -29.04
N ALA B 40 11.59 -16.63 -28.88
CA ALA B 40 12.12 -15.35 -28.45
C ALA B 40 11.96 -14.27 -29.52
N VAL B 41 12.26 -14.59 -30.77
CA VAL B 41 12.11 -13.59 -31.83
C VAL B 41 10.63 -13.37 -32.09
N VAL B 42 9.87 -14.46 -32.17
CA VAL B 42 8.43 -14.36 -32.38
C VAL B 42 7.89 -13.36 -31.37
N GLY B 43 8.13 -13.67 -30.10
CA GLY B 43 7.68 -12.81 -29.02
C GLY B 43 8.03 -11.36 -29.26
N THR B 44 9.31 -11.08 -29.48
CA THR B 44 9.72 -9.71 -29.72
C THR B 44 8.84 -9.07 -30.77
N LEU B 45 8.54 -9.83 -31.83
CA LEU B 45 7.71 -9.32 -32.93
C LEU B 45 6.25 -9.13 -32.55
N VAL B 46 5.63 -10.18 -32.01
CA VAL B 46 4.24 -10.05 -31.60
C VAL B 46 4.14 -8.88 -30.61
N GLY B 47 5.25 -8.55 -29.98
CA GLY B 47 5.26 -7.46 -29.04
C GLY B 47 5.17 -6.16 -29.79
N LEU B 48 6.23 -5.85 -30.54
CA LEU B 48 6.30 -4.62 -31.32
C LEU B 48 5.01 -4.36 -32.07
N ALA B 49 4.44 -5.40 -32.63
CA ALA B 49 3.19 -5.28 -33.37
C ALA B 49 2.05 -4.99 -32.41
N ALA B 50 1.94 -5.80 -31.36
CA ALA B 50 0.88 -5.64 -30.36
C ALA B 50 0.76 -4.19 -29.92
N VAL B 51 1.91 -3.54 -29.80
CA VAL B 51 1.98 -2.15 -29.41
C VAL B 51 1.45 -1.25 -30.52
N ALA B 52 2.04 -1.38 -31.70
CA ALA B 52 1.64 -0.57 -32.86
C ALA B 52 0.13 -0.61 -33.08
N PHE B 53 -0.49 -1.75 -32.82
CA PHE B 53 -1.93 -1.84 -33.01
C PHE B 53 -2.62 -1.00 -31.93
N ASP B 54 -2.05 -1.07 -30.72
CA ASP B 54 -2.55 -0.32 -29.56
C ASP B 54 -2.44 1.19 -29.83
N LYS B 55 -1.23 1.64 -30.22
CA LYS B 55 -0.97 3.03 -30.52
C LYS B 55 -1.87 3.56 -31.63
N GLY B 56 -2.00 2.75 -32.69
CA GLY B 56 -2.84 3.13 -33.82
C GLY B 56 -4.26 3.40 -33.40
N VAL B 57 -4.94 2.36 -32.92
CA VAL B 57 -6.34 2.51 -32.49
C VAL B 57 -6.52 3.78 -31.67
N ALA B 58 -5.47 4.17 -30.96
CA ALA B 58 -5.52 5.38 -30.15
C ALA B 58 -5.59 6.57 -31.08
N TRP B 59 -4.49 6.79 -31.79
CA TRP B 59 -4.36 7.89 -32.73
C TRP B 59 -5.67 8.20 -33.42
N LEU B 60 -6.38 7.15 -33.81
CA LEU B 60 -7.64 7.33 -34.51
C LEU B 60 -8.70 7.85 -33.57
N GLN B 61 -9.12 7.05 -32.60
CA GLN B 61 -10.14 7.47 -31.63
C GLN B 61 -9.88 8.92 -31.20
N ASN B 62 -8.61 9.31 -31.26
CA ASN B 62 -8.23 10.64 -30.89
C ASN B 62 -8.59 11.64 -32.00
N GLN B 63 -8.08 11.44 -33.20
CA GLN B 63 -8.38 12.35 -34.32
C GLN B 63 -9.88 12.58 -34.34
N ARG B 64 -10.64 11.48 -34.35
CA ARG B 64 -12.09 11.54 -34.37
C ARG B 64 -12.58 12.58 -33.36
N MET B 65 -11.92 12.63 -32.21
CA MET B 65 -12.27 13.59 -31.16
C MET B 65 -11.80 15.00 -31.59
N GLY B 66 -10.53 15.10 -32.02
CA GLY B 66 -9.98 16.37 -32.46
C GLY B 66 -10.83 16.97 -33.58
N ALA B 67 -11.72 16.15 -34.15
CA ALA B 67 -12.60 16.59 -35.23
C ALA B 67 -13.96 17.05 -34.69
N LEU B 68 -14.37 16.50 -33.54
CA LEU B 68 -15.63 16.92 -32.95
C LEU B 68 -15.38 18.25 -32.24
N VAL B 69 -14.19 18.36 -31.66
CA VAL B 69 -13.81 19.57 -30.95
C VAL B 69 -13.69 20.69 -31.98
N HIS B 70 -13.50 20.31 -33.24
CA HIS B 70 -13.34 21.27 -34.32
C HIS B 70 -14.69 21.64 -34.96
N THR B 71 -15.77 21.02 -34.50
CA THR B 71 -17.09 21.37 -35.03
C THR B 71 -18.00 21.63 -33.83
N ALA B 72 -17.34 21.80 -32.69
CA ALA B 72 -17.94 22.06 -31.37
C ALA B 72 -19.35 22.68 -31.41
N ASP B 73 -19.39 23.97 -31.75
CA ASP B 73 -20.61 24.78 -31.87
C ASP B 73 -21.81 24.02 -32.46
N ASN B 74 -21.72 23.70 -33.75
CA ASN B 74 -22.78 22.99 -34.49
C ASN B 74 -22.94 21.52 -34.08
N TYR B 75 -24.09 21.25 -33.45
CA TYR B 75 -24.44 19.93 -32.91
C TYR B 75 -24.81 18.86 -33.94
N PRO B 76 -25.94 19.04 -34.67
CA PRO B 76 -26.23 17.98 -35.64
C PRO B 76 -25.11 17.84 -36.68
N LEU B 77 -24.28 18.88 -36.82
CA LEU B 77 -23.13 18.77 -37.74
C LEU B 77 -22.16 17.81 -37.04
N LEU B 78 -21.99 18.05 -35.74
CA LEU B 78 -21.14 17.25 -34.87
C LEU B 78 -21.60 15.79 -35.01
N LEU B 79 -22.78 15.49 -34.47
CA LEU B 79 -23.32 14.12 -34.52
C LEU B 79 -23.08 13.46 -35.89
N THR B 80 -23.23 14.22 -36.96
CA THR B 80 -22.99 13.68 -38.30
C THR B 80 -21.51 13.35 -38.47
N VAL B 81 -20.65 14.36 -38.36
CA VAL B 81 -19.22 14.14 -38.53
C VAL B 81 -18.78 12.95 -37.65
N ALA B 82 -19.46 12.77 -36.52
CA ALA B 82 -19.15 11.65 -35.64
C ALA B 82 -19.45 10.37 -36.41
N PHE B 83 -20.74 10.11 -36.58
CA PHE B 83 -21.27 8.93 -37.29
C PHE B 83 -20.45 8.57 -38.54
N LEU B 84 -20.34 9.52 -39.47
CA LEU B 84 -19.60 9.27 -40.68
C LEU B 84 -18.14 8.87 -40.43
N CYS B 85 -17.38 9.74 -39.74
CA CYS B 85 -15.98 9.46 -39.47
C CYS B 85 -15.82 8.02 -38.94
N SER B 86 -16.79 7.58 -38.13
CA SER B 86 -16.82 6.23 -37.57
C SER B 86 -17.15 5.25 -38.71
N ALA B 87 -18.36 5.37 -39.25
CA ALA B 87 -18.85 4.56 -40.35
C ALA B 87 -17.80 4.34 -41.44
N VAL B 88 -17.07 5.40 -41.79
CA VAL B 88 -16.04 5.30 -42.83
C VAL B 88 -14.96 4.33 -42.42
N LEU B 89 -14.59 4.37 -41.15
CA LEU B 89 -13.57 3.46 -40.66
C LEU B 89 -14.09 2.04 -40.69
N ALA B 90 -15.27 1.83 -40.10
CA ALA B 90 -15.91 0.52 -40.07
C ALA B 90 -15.91 -0.11 -41.46
N MET B 91 -16.38 0.66 -42.44
CA MET B 91 -16.40 0.18 -43.81
C MET B 91 -15.01 -0.26 -44.22
N PHE B 92 -14.05 0.67 -44.22
CA PHE B 92 -12.68 0.32 -44.58
C PHE B 92 -12.26 -0.94 -43.82
N GLY B 93 -12.96 -1.22 -42.73
CA GLY B 93 -12.68 -2.38 -41.92
C GLY B 93 -13.23 -3.65 -42.51
N TYR B 94 -14.53 -3.85 -42.38
CA TYR B 94 -15.19 -5.03 -42.94
C TYR B 94 -14.63 -5.34 -44.32
N PHE B 95 -14.58 -4.32 -45.18
CA PHE B 95 -14.04 -4.48 -46.51
C PHE B 95 -12.78 -5.33 -46.45
N LEU B 96 -11.63 -4.70 -46.18
CA LEU B 96 -10.35 -5.40 -46.11
C LEU B 96 -10.51 -6.87 -45.76
N VAL B 97 -11.34 -7.15 -44.77
CA VAL B 97 -11.57 -8.52 -44.34
C VAL B 97 -12.17 -9.34 -45.46
N ARG B 98 -13.42 -9.02 -45.79
CA ARG B 98 -14.20 -9.70 -46.82
C ARG B 98 -13.51 -9.77 -48.17
N LYS B 99 -12.87 -8.68 -48.57
CA LYS B 99 -12.20 -8.67 -49.87
C LYS B 99 -10.83 -9.32 -49.84
N TYR B 100 -10.24 -9.50 -48.66
CA TYR B 100 -8.90 -10.10 -48.61
C TYR B 100 -8.61 -11.17 -47.54
N ALA B 101 -9.60 -11.55 -46.73
CA ALA B 101 -9.42 -12.56 -45.70
C ALA B 101 -10.62 -12.62 -44.75
N PRO B 102 -11.75 -13.15 -45.22
CA PRO B 102 -13.01 -13.29 -44.47
C PRO B 102 -12.88 -13.95 -43.10
N GLU B 103 -11.64 -14.30 -42.74
CA GLU B 103 -11.38 -14.95 -41.46
C GLU B 103 -10.95 -13.95 -40.40
N ALA B 104 -10.41 -12.81 -40.84
CA ALA B 104 -10.04 -11.74 -39.93
C ALA B 104 -11.31 -11.25 -39.19
N GLY B 105 -12.48 -11.46 -39.79
CA GLY B 105 -13.71 -11.05 -39.14
C GLY B 105 -13.83 -11.83 -37.85
N GLY B 106 -14.84 -11.52 -37.04
CA GLY B 106 -15.02 -12.22 -35.78
C GLY B 106 -13.88 -11.97 -34.80
N SER B 107 -13.88 -12.70 -33.68
CA SER B 107 -12.85 -12.56 -32.64
C SER B 107 -11.47 -12.63 -33.28
N GLY B 108 -10.99 -13.85 -33.46
CA GLY B 108 -9.70 -13.99 -34.10
C GLY B 108 -8.94 -15.11 -33.46
N ILE B 109 -9.54 -15.69 -32.44
CA ILE B 109 -8.89 -16.76 -31.72
C ILE B 109 -9.25 -18.12 -32.29
N PRO B 110 -10.56 -18.38 -32.52
CA PRO B 110 -11.01 -19.67 -33.07
C PRO B 110 -10.20 -20.11 -34.28
N GLU B 111 -9.89 -19.18 -35.17
CA GLU B 111 -9.12 -19.52 -36.36
C GLU B 111 -7.68 -19.85 -35.97
N ILE B 112 -7.32 -19.59 -34.71
CA ILE B 112 -5.99 -19.92 -34.21
C ILE B 112 -6.18 -21.19 -33.39
N GLU B 113 -7.28 -21.23 -32.64
CA GLU B 113 -7.57 -22.40 -31.86
C GLU B 113 -7.55 -23.54 -32.89
N GLY B 114 -8.41 -23.42 -33.89
CA GLY B 114 -8.49 -24.41 -34.96
C GLY B 114 -7.18 -24.55 -35.73
N ALA B 115 -6.45 -23.46 -35.94
CA ALA B 115 -5.16 -23.55 -36.63
C ALA B 115 -4.19 -24.42 -35.83
N LEU B 116 -4.47 -24.56 -34.52
CA LEU B 116 -3.64 -25.36 -33.64
C LEU B 116 -3.89 -26.83 -33.88
N GLU B 117 -5.15 -27.15 -34.18
CA GLU B 117 -5.53 -28.53 -34.45
C GLU B 117 -5.43 -28.84 -35.97
N ASP B 118 -4.74 -27.98 -36.70
CA ASP B 118 -4.58 -28.18 -38.12
C ASP B 118 -5.94 -28.38 -38.78
N GLN B 119 -6.96 -27.71 -38.27
CA GLN B 119 -8.30 -27.77 -38.84
C GLN B 119 -8.68 -26.46 -39.53
N ARG B 120 -7.73 -25.52 -39.56
CA ARG B 120 -7.92 -24.21 -40.20
C ARG B 120 -6.54 -23.76 -40.63
N PRO B 121 -6.47 -22.76 -41.52
CA PRO B 121 -5.17 -22.28 -41.98
C PRO B 121 -4.66 -20.96 -41.39
N VAL B 122 -3.36 -20.72 -41.57
CA VAL B 122 -2.71 -19.52 -41.06
C VAL B 122 -2.11 -18.70 -42.20
N ARG B 123 -2.99 -18.11 -43.01
CA ARG B 123 -2.51 -17.31 -44.12
C ARG B 123 -2.01 -15.97 -43.61
N TRP B 124 -0.80 -15.95 -43.07
CA TRP B 124 -0.29 -14.70 -42.55
C TRP B 124 -0.08 -13.56 -43.56
N TRP B 125 0.50 -13.89 -44.72
CA TRP B 125 0.71 -12.89 -45.77
C TRP B 125 -0.57 -12.10 -46.04
N ARG B 126 -1.70 -12.68 -45.64
CA ARG B 126 -3.01 -12.06 -45.83
C ARG B 126 -3.57 -11.43 -44.56
N VAL B 127 -3.89 -12.28 -43.59
CA VAL B 127 -4.48 -11.87 -42.31
C VAL B 127 -3.69 -10.85 -41.48
N LEU B 128 -2.36 -10.80 -41.63
CA LEU B 128 -1.63 -9.81 -40.87
C LEU B 128 -2.24 -8.46 -41.24
N PRO B 129 -1.98 -7.96 -42.47
CA PRO B 129 -2.54 -6.65 -42.85
C PRO B 129 -4.04 -6.49 -42.64
N VAL B 130 -4.82 -7.49 -43.00
CA VAL B 130 -6.26 -7.36 -42.85
C VAL B 130 -6.79 -7.29 -41.41
N LYS B 131 -6.13 -7.97 -40.48
CA LYS B 131 -6.55 -7.97 -39.07
C LYS B 131 -6.07 -6.68 -38.40
N PHE B 132 -4.83 -6.31 -38.71
CA PHE B 132 -4.22 -5.10 -38.19
C PHE B 132 -5.07 -3.94 -38.68
N PHE B 133 -4.66 -3.35 -39.81
CA PHE B 133 -5.38 -2.24 -40.41
C PHE B 133 -6.90 -2.43 -40.37
N GLY B 134 -7.36 -3.66 -40.54
CA GLY B 134 -8.78 -3.87 -40.47
C GLY B 134 -9.30 -3.41 -39.11
N GLY B 135 -8.95 -4.14 -38.05
CA GLY B 135 -9.37 -3.79 -36.69
C GLY B 135 -8.85 -2.41 -36.30
N LEU B 136 -7.64 -2.10 -36.74
CA LEU B 136 -7.03 -0.82 -36.47
C LEU B 136 -7.96 0.28 -37.01
N GLY B 137 -9.02 -0.13 -37.69
CA GLY B 137 -9.99 0.79 -38.24
C GLY B 137 -11.34 0.50 -37.62
N THR B 138 -11.58 -0.75 -37.28
CA THR B 138 -12.84 -1.15 -36.66
C THR B 138 -12.87 -0.69 -35.21
N LEU B 139 -11.68 -0.72 -34.57
CA LEU B 139 -11.50 -0.30 -33.18
C LEU B 139 -11.21 1.19 -33.17
N GLY B 140 -10.40 1.64 -34.13
CA GLY B 140 -10.08 3.05 -34.22
C GLY B 140 -11.34 3.88 -34.35
N GLY B 141 -12.38 3.29 -34.93
CA GLY B 141 -13.63 4.01 -35.10
C GLY B 141 -14.40 3.98 -33.81
N GLY B 142 -14.02 3.06 -32.94
CA GLY B 142 -14.66 2.96 -31.65
C GLY B 142 -15.92 2.11 -31.57
N MET B 143 -15.83 0.86 -32.01
CA MET B 143 -16.96 -0.04 -31.95
C MET B 143 -16.81 -0.88 -30.68
N VAL B 144 -17.86 -1.57 -30.26
CA VAL B 144 -17.78 -2.39 -29.06
C VAL B 144 -17.01 -3.68 -29.34
N LEU B 145 -15.72 -3.54 -29.64
CA LEU B 145 -14.88 -4.68 -29.95
C LEU B 145 -13.54 -4.50 -29.26
N GLY B 146 -12.96 -5.60 -28.79
CA GLY B 146 -11.69 -5.51 -28.11
C GLY B 146 -10.49 -5.82 -28.99
N ARG B 147 -9.30 -5.41 -28.55
CA ARG B 147 -8.07 -5.69 -29.28
C ARG B 147 -7.68 -7.09 -28.79
N ALA B 148 -8.60 -7.64 -28.00
CA ALA B 148 -8.48 -8.96 -27.39
C ALA B 148 -7.94 -10.00 -28.36
N GLY B 149 -8.85 -10.73 -29.00
CA GLY B 149 -8.49 -11.75 -29.97
C GLY B 149 -7.70 -11.16 -31.13
N PRO B 150 -8.15 -10.02 -31.68
CA PRO B 150 -7.41 -9.42 -32.78
C PRO B 150 -5.90 -9.50 -32.61
N THR B 151 -5.41 -9.30 -31.40
CA THR B 151 -3.97 -9.36 -31.14
C THR B 151 -3.48 -10.81 -31.04
N VAL B 152 -4.35 -11.66 -30.51
CA VAL B 152 -4.02 -13.07 -30.41
C VAL B 152 -3.72 -13.59 -31.81
N GLN B 153 -4.66 -13.35 -32.73
CA GLN B 153 -4.53 -13.78 -34.12
C GLN B 153 -3.34 -13.12 -34.83
N ILE B 154 -3.10 -11.84 -34.63
CA ILE B 154 -1.94 -11.22 -35.25
C ILE B 154 -0.78 -12.00 -34.67
N GLY B 155 -0.96 -12.46 -33.44
CA GLY B 155 0.09 -13.20 -32.76
C GLY B 155 0.45 -14.46 -33.49
N GLY B 156 -0.46 -15.44 -33.45
CA GLY B 156 -0.24 -16.71 -34.11
C GLY B 156 0.37 -16.57 -35.50
N ASN B 157 -0.26 -15.76 -36.33
CA ASN B 157 0.23 -15.52 -37.66
C ASN B 157 1.67 -15.06 -37.67
N ILE B 158 2.06 -14.25 -36.70
CA ILE B 158 3.43 -13.77 -36.70
C ILE B 158 4.36 -14.94 -36.41
N GLY B 159 3.85 -15.91 -35.65
CA GLY B 159 4.64 -17.06 -35.32
C GLY B 159 4.85 -17.91 -36.54
N ARG B 160 3.74 -18.23 -37.20
CA ARG B 160 3.77 -19.03 -38.42
C ARG B 160 4.63 -18.32 -39.47
N MET B 161 4.58 -17.00 -39.48
CA MET B 161 5.37 -16.24 -40.43
C MET B 161 6.86 -16.44 -40.22
N VAL B 162 7.29 -16.47 -38.96
CA VAL B 162 8.72 -16.67 -38.67
C VAL B 162 9.02 -18.13 -38.92
N LEU B 163 8.01 -18.96 -38.66
CA LEU B 163 8.11 -20.40 -38.87
C LEU B 163 8.52 -20.62 -40.32
N ASP B 164 7.66 -20.16 -41.22
CA ASP B 164 7.91 -20.28 -42.64
C ASP B 164 9.27 -19.68 -42.99
N ILE B 165 9.45 -18.38 -42.75
CA ILE B 165 10.72 -17.73 -43.08
C ILE B 165 11.97 -18.58 -42.85
N PHE B 166 12.28 -18.86 -41.59
CA PHE B 166 13.45 -19.65 -41.24
C PHE B 166 13.18 -21.15 -41.41
N ARG B 167 12.05 -21.45 -42.03
CA ARG B 167 11.60 -22.82 -42.30
C ARG B 167 12.06 -23.84 -41.28
N LEU B 168 11.19 -24.12 -40.33
CA LEU B 168 11.46 -25.08 -39.28
C LEU B 168 10.51 -26.25 -39.46
N LYS B 169 11.01 -27.47 -39.32
CA LYS B 169 10.15 -28.63 -39.50
C LYS B 169 9.60 -29.17 -38.18
N GLY B 170 8.86 -30.27 -38.26
CA GLY B 170 8.29 -30.88 -37.07
C GLY B 170 6.97 -30.30 -36.64
N ASP B 171 6.19 -31.08 -35.89
CA ASP B 171 4.90 -30.60 -35.39
C ASP B 171 5.18 -29.74 -34.15
N GLU B 172 6.35 -29.95 -33.56
CA GLU B 172 6.73 -29.24 -32.34
C GLU B 172 7.22 -27.83 -32.66
N ALA B 173 8.05 -27.71 -33.70
CA ALA B 173 8.45 -26.41 -34.16
C ALA B 173 7.28 -25.60 -34.70
N ARG B 174 6.21 -26.30 -35.09
CA ARG B 174 5.02 -25.65 -35.63
C ARG B 174 4.09 -25.24 -34.59
N HIS B 175 3.49 -26.22 -33.91
CA HIS B 175 2.56 -25.93 -32.82
C HIS B 175 3.13 -24.94 -31.81
N THR B 176 4.41 -25.09 -31.49
CA THR B 176 5.07 -24.21 -30.54
C THR B 176 5.03 -22.77 -31.00
N LEU B 177 5.88 -22.39 -31.96
CA LEU B 177 5.91 -20.99 -32.41
C LEU B 177 4.53 -20.41 -32.66
N LEU B 178 3.57 -21.24 -33.02
CA LEU B 178 2.24 -20.75 -33.29
C LEU B 178 1.48 -20.52 -32.00
N ALA B 179 1.71 -21.38 -31.01
CA ALA B 179 1.03 -21.28 -29.72
C ALA B 179 1.71 -20.22 -28.85
N THR B 180 3.04 -20.10 -28.93
CA THR B 180 3.70 -19.10 -28.12
C THR B 180 3.23 -17.77 -28.67
N GLY B 181 3.17 -17.67 -29.99
CA GLY B 181 2.72 -16.45 -30.62
C GLY B 181 1.34 -16.00 -30.17
N ALA B 182 0.38 -16.92 -30.09
CA ALA B 182 -0.97 -16.55 -29.67
C ALA B 182 -0.90 -16.02 -28.25
N ALA B 183 -0.08 -16.66 -27.41
CA ALA B 183 0.10 -16.25 -26.01
C ALA B 183 0.76 -14.88 -25.94
N ALA B 184 1.94 -14.73 -26.53
CA ALA B 184 2.63 -13.45 -26.52
C ALA B 184 1.64 -12.39 -26.98
N GLY B 185 0.62 -12.83 -27.71
CA GLY B 185 -0.38 -11.90 -28.21
C GLY B 185 -1.26 -11.42 -27.08
N LEU B 186 -1.98 -12.32 -26.44
CA LEU B 186 -2.87 -11.96 -25.33
C LEU B 186 -2.11 -11.27 -24.19
N ALA B 187 -0.81 -11.46 -24.16
CA ALA B 187 0.02 -10.85 -23.14
C ALA B 187 0.12 -9.35 -23.35
N ALA B 188 0.63 -8.95 -24.52
CA ALA B 188 0.79 -7.53 -24.82
C ALA B 188 -0.56 -6.80 -24.96
N ALA B 189 -1.64 -7.56 -25.05
CA ALA B 189 -2.95 -6.96 -25.19
C ALA B 189 -3.48 -6.46 -23.84
N PHE B 190 -3.07 -7.14 -22.76
CA PHE B 190 -3.49 -6.75 -21.42
C PHE B 190 -2.28 -6.66 -20.48
N ASN B 191 -1.09 -6.68 -21.05
CA ASN B 191 0.14 -6.62 -20.26
C ASN B 191 0.00 -7.63 -19.12
N ALA B 192 -0.35 -8.86 -19.45
CA ALA B 192 -0.55 -9.90 -18.46
C ALA B 192 0.09 -11.24 -18.81
N PRO B 193 1.42 -11.32 -18.76
CA PRO B 193 2.13 -12.55 -19.10
C PRO B 193 1.56 -13.84 -18.52
N LEU B 194 1.28 -13.86 -17.23
CA LEU B 194 0.74 -15.08 -16.67
C LEU B 194 -0.54 -15.52 -17.40
N ALA B 195 -1.49 -14.61 -17.53
CA ALA B 195 -2.77 -14.90 -18.17
C ALA B 195 -2.62 -15.40 -19.60
N GLY B 196 -1.56 -14.97 -20.29
CA GLY B 196 -1.31 -15.42 -21.64
C GLY B 196 -0.95 -16.89 -21.60
N ILE B 197 0.15 -17.21 -20.92
CA ILE B 197 0.60 -18.59 -20.77
C ILE B 197 -0.57 -19.50 -20.38
N LEU B 198 -1.40 -19.02 -19.46
CA LEU B 198 -2.54 -19.78 -19.01
C LEU B 198 -3.62 -19.92 -20.06
N PHE B 199 -3.73 -18.94 -20.97
CA PHE B 199 -4.76 -19.05 -22.00
C PHE B 199 -4.46 -20.21 -22.91
N ILE B 200 -3.21 -20.31 -23.33
CA ILE B 200 -2.77 -21.42 -24.16
C ILE B 200 -3.11 -22.71 -23.40
N ILE B 201 -2.26 -23.05 -22.43
CA ILE B 201 -2.43 -24.27 -21.66
C ILE B 201 -3.81 -24.52 -21.03
N GLU B 202 -4.84 -23.79 -21.42
CA GLU B 202 -6.17 -24.04 -20.85
C GLU B 202 -7.29 -23.92 -21.87
N GLU B 203 -7.05 -23.13 -22.92
CA GLU B 203 -8.05 -22.90 -23.95
C GLU B 203 -7.55 -23.11 -25.38
N MET B 204 -6.46 -22.44 -25.71
CA MET B 204 -5.91 -22.55 -27.06
C MET B 204 -5.42 -23.94 -27.44
N ARG B 205 -4.62 -24.57 -26.59
CA ARG B 205 -4.06 -25.89 -26.87
C ARG B 205 -5.11 -26.97 -27.14
N PRO B 206 -4.79 -27.92 -28.06
CA PRO B 206 -5.67 -29.03 -28.45
C PRO B 206 -6.38 -29.57 -27.23
N GLN B 207 -7.69 -29.38 -27.22
CA GLN B 207 -8.52 -29.80 -26.11
C GLN B 207 -8.78 -31.29 -25.90
N PHE B 208 -8.58 -32.13 -26.91
CA PHE B 208 -8.85 -33.56 -26.71
C PHE B 208 -7.74 -34.51 -27.13
N ARG B 209 -6.50 -34.05 -27.10
CA ARG B 209 -5.41 -34.93 -27.47
C ARG B 209 -4.05 -34.34 -27.19
N TYR B 210 -3.16 -35.14 -26.60
CA TYR B 210 -1.80 -34.71 -26.31
C TYR B 210 -1.22 -33.90 -27.48
N THR B 211 -0.44 -32.87 -27.19
CA THR B 211 0.17 -32.01 -28.22
C THR B 211 1.63 -31.71 -27.94
N LEU B 212 2.40 -31.45 -28.99
CA LEU B 212 3.84 -31.20 -28.85
C LEU B 212 4.17 -29.71 -28.61
N ILE B 213 3.46 -29.08 -27.67
CA ILE B 213 3.69 -27.64 -27.37
C ILE B 213 4.71 -27.39 -26.24
N SER B 214 5.79 -26.68 -26.57
CA SER B 214 6.86 -26.36 -25.63
C SER B 214 6.57 -25.18 -24.69
N ILE B 215 6.05 -25.47 -23.48
CA ILE B 215 5.73 -24.42 -22.50
C ILE B 215 6.89 -23.50 -22.12
N LYS B 216 8.12 -24.01 -22.18
CA LYS B 216 9.26 -23.17 -21.86
C LYS B 216 9.43 -22.12 -22.96
N ALA B 217 9.04 -22.49 -24.17
CA ALA B 217 9.13 -21.58 -25.31
C ALA B 217 8.03 -20.53 -25.15
N VAL B 218 6.80 -21.00 -25.00
CA VAL B 218 5.66 -20.10 -24.83
C VAL B 218 6.04 -19.00 -23.84
N PHE B 219 6.65 -19.38 -22.72
CA PHE B 219 7.09 -18.43 -21.70
C PHE B 219 8.04 -17.40 -22.33
N ILE B 220 9.18 -17.86 -22.82
CA ILE B 220 10.14 -16.94 -23.42
C ILE B 220 9.41 -16.01 -24.38
N GLY B 221 8.40 -16.55 -25.04
CA GLY B 221 7.63 -15.76 -25.97
C GLY B 221 6.94 -14.63 -25.23
N VAL B 222 6.03 -15.00 -24.34
CA VAL B 222 5.32 -14.03 -23.53
C VAL B 222 6.28 -13.00 -22.93
N ILE B 223 7.37 -13.47 -22.33
CA ILE B 223 8.37 -12.58 -21.72
C ILE B 223 8.80 -11.47 -22.65
N MET B 224 9.22 -11.83 -23.87
CA MET B 224 9.66 -10.85 -24.84
C MET B 224 8.52 -9.95 -25.26
N SER B 225 7.37 -10.55 -25.51
CA SER B 225 6.19 -9.79 -25.91
C SER B 225 5.91 -8.74 -24.86
N THR B 226 6.00 -9.14 -23.60
CA THR B 226 5.76 -8.25 -22.49
C THR B 226 6.83 -7.17 -22.32
N ILE B 227 8.10 -7.52 -22.44
CA ILE B 227 9.15 -6.50 -22.30
C ILE B 227 8.85 -5.36 -23.27
N MET B 228 8.60 -5.71 -24.53
CA MET B 228 8.30 -4.75 -25.59
C MET B 228 7.20 -3.81 -25.16
N TYR B 229 6.08 -4.38 -24.69
CA TYR B 229 4.96 -3.57 -24.23
C TYR B 229 5.53 -2.60 -23.23
N ARG B 230 5.94 -3.13 -22.08
CA ARG B 230 6.52 -2.34 -21.01
C ARG B 230 7.44 -1.24 -21.54
N ILE B 231 8.27 -1.55 -22.53
CA ILE B 231 9.18 -0.57 -23.08
C ILE B 231 8.48 0.64 -23.65
N PHE B 232 7.23 0.44 -24.08
CA PHE B 232 6.44 1.52 -24.67
C PHE B 232 5.29 2.03 -23.81
N ASN B 233 4.82 1.24 -22.86
CA ASN B 233 3.71 1.69 -22.04
C ASN B 233 3.95 1.57 -20.55
N HIS B 234 5.11 1.98 -20.08
CA HIS B 234 5.34 1.91 -18.63
C HIS B 234 4.89 3.26 -18.05
N GLU B 235 4.69 3.30 -16.74
CA GLU B 235 4.26 4.51 -16.05
C GLU B 235 2.75 4.67 -16.02
N VAL B 236 2.04 3.60 -16.38
CA VAL B 236 0.56 3.62 -16.38
C VAL B 236 0.04 2.21 -16.56
N ALA B 237 -1.13 1.92 -16.01
CA ALA B 237 -1.76 0.59 -16.13
C ALA B 237 -2.92 0.65 -17.14
N LEU B 238 -3.64 -0.47 -17.29
CA LEU B 238 -4.78 -0.48 -18.20
C LEU B 238 -5.97 -0.24 -17.30
N ILE B 239 -5.98 -0.97 -16.18
CA ILE B 239 -7.02 -0.82 -15.19
C ILE B 239 -6.31 -0.52 -13.89
N ASP B 240 -6.92 0.37 -13.10
CA ASP B 240 -6.38 0.79 -11.81
C ASP B 240 -7.57 0.95 -10.90
N VAL B 241 -7.64 0.16 -9.85
CA VAL B 241 -8.75 0.29 -8.94
C VAL B 241 -8.26 0.39 -7.51
N GLY B 242 -6.94 0.46 -7.34
CA GLY B 242 -6.36 0.54 -6.00
C GLY B 242 -6.78 -0.60 -5.08
N LYS B 243 -6.02 -0.81 -4.00
CA LYS B 243 -6.36 -1.90 -3.10
C LYS B 243 -7.75 -1.81 -2.49
N LEU B 244 -8.69 -2.59 -3.02
CA LEU B 244 -10.07 -2.62 -2.53
C LEU B 244 -10.04 -3.24 -1.15
N SER B 245 -11.20 -3.36 -0.52
CA SER B 245 -11.27 -3.95 0.81
C SER B 245 -11.08 -5.46 0.72
N ASP B 246 -11.10 -6.14 1.84
CA ASP B 246 -10.91 -7.58 1.87
C ASP B 246 -12.24 -8.27 1.89
N ALA B 247 -12.23 -9.60 1.85
CA ALA B 247 -13.49 -10.33 1.83
C ALA B 247 -13.64 -11.41 2.88
N PRO B 248 -14.40 -11.11 3.96
CA PRO B 248 -14.69 -11.99 5.09
C PRO B 248 -15.23 -13.35 4.65
N LEU B 249 -14.94 -14.41 5.40
CA LEU B 249 -15.41 -15.74 5.04
C LEU B 249 -16.92 -15.86 4.99
N ASN B 250 -17.62 -15.24 5.93
CA ASN B 250 -19.07 -15.35 5.97
C ASN B 250 -19.66 -14.48 4.86
N THR B 251 -18.79 -14.06 3.96
CA THR B 251 -19.15 -13.23 2.83
C THR B 251 -19.02 -13.98 1.50
N LEU B 252 -18.21 -15.03 1.50
CA LEU B 252 -17.96 -15.86 0.32
C LEU B 252 -19.21 -16.41 -0.39
N TRP B 253 -20.25 -16.77 0.36
CA TRP B 253 -21.47 -17.32 -0.23
C TRP B 253 -22.11 -16.33 -1.21
N LEU B 254 -21.97 -15.04 -0.95
CA LEU B 254 -22.54 -14.06 -1.86
C LEU B 254 -21.83 -14.14 -3.20
N TYR B 255 -20.61 -14.68 -3.23
CA TYR B 255 -19.87 -14.81 -4.48
C TYR B 255 -20.26 -16.09 -5.20
N LEU B 256 -20.86 -17.03 -4.48
CA LEU B 256 -21.27 -18.27 -5.12
C LEU B 256 -22.52 -17.92 -5.88
N ILE B 257 -23.37 -17.12 -5.24
CA ILE B 257 -24.63 -16.67 -5.85
C ILE B 257 -24.39 -15.79 -7.07
N LEU B 258 -23.40 -14.91 -7.00
CA LEU B 258 -23.08 -14.06 -8.15
C LEU B 258 -22.53 -14.99 -9.23
N GLY B 259 -21.80 -16.02 -8.81
CA GLY B 259 -21.22 -16.96 -9.74
C GLY B 259 -22.31 -17.73 -10.45
N ILE B 260 -23.41 -17.98 -9.72
CA ILE B 260 -24.57 -18.67 -10.29
C ILE B 260 -25.18 -17.77 -11.35
N ILE B 261 -25.51 -16.54 -11.00
CA ILE B 261 -26.08 -15.60 -11.94
C ILE B 261 -25.31 -15.59 -13.27
N PHE B 262 -23.99 -15.44 -13.24
CA PHE B 262 -23.21 -15.45 -14.47
C PHE B 262 -23.36 -16.79 -15.19
N GLY B 263 -23.25 -17.87 -14.44
CA GLY B 263 -23.37 -19.20 -15.03
C GLY B 263 -24.63 -19.44 -15.87
N ILE B 264 -25.76 -18.89 -15.45
CA ILE B 264 -27.00 -19.08 -16.22
C ILE B 264 -26.99 -18.12 -17.41
N PHE B 265 -26.55 -16.88 -17.19
CA PHE B 265 -26.52 -15.89 -18.25
C PHE B 265 -25.40 -16.14 -19.24
N GLY B 266 -24.34 -16.80 -18.81
CA GLY B 266 -23.22 -17.07 -19.70
C GLY B 266 -23.57 -17.76 -21.01
N PRO B 267 -24.40 -18.81 -20.96
CA PRO B 267 -24.84 -19.58 -22.13
C PRO B 267 -25.74 -18.69 -23.01
N ILE B 268 -26.74 -18.09 -22.36
CA ILE B 268 -27.68 -17.21 -23.02
C ILE B 268 -26.95 -16.21 -23.92
N PHE B 269 -25.95 -15.56 -23.37
CA PHE B 269 -25.16 -14.57 -24.11
C PHE B 269 -24.48 -15.31 -25.24
N ASN B 270 -24.12 -16.56 -24.97
CA ASN B 270 -23.45 -17.37 -25.96
C ASN B 270 -24.35 -17.63 -27.19
N LYS B 271 -25.65 -17.76 -26.93
CA LYS B 271 -26.60 -17.96 -28.01
C LYS B 271 -26.61 -16.66 -28.81
N TRP B 272 -27.04 -15.59 -28.17
CA TRP B 272 -27.10 -14.28 -28.81
C TRP B 272 -25.88 -13.95 -29.65
N VAL B 273 -24.68 -14.28 -29.18
CA VAL B 273 -23.49 -13.99 -29.97
C VAL B 273 -23.44 -14.83 -31.24
N LEU B 274 -23.97 -16.05 -31.18
CA LEU B 274 -23.98 -16.89 -32.37
C LEU B 274 -25.19 -16.54 -33.24
N GLY B 275 -26.38 -16.59 -32.64
CA GLY B 275 -27.61 -16.29 -33.34
C GLY B 275 -27.50 -14.99 -34.13
N MET B 276 -27.20 -13.90 -33.43
CA MET B 276 -27.05 -12.59 -34.05
C MET B 276 -26.11 -12.70 -35.23
N GLN B 277 -25.24 -13.71 -35.22
CA GLN B 277 -24.29 -13.89 -36.31
C GLN B 277 -25.03 -14.36 -37.56
N ASP B 278 -26.05 -15.20 -37.34
CA ASP B 278 -26.88 -15.72 -38.41
C ASP B 278 -27.73 -14.55 -38.87
N LEU B 279 -28.65 -14.16 -37.99
CA LEU B 279 -29.58 -13.07 -38.25
C LEU B 279 -28.94 -11.91 -39.00
N LEU B 280 -27.91 -11.31 -38.42
CA LEU B 280 -27.27 -10.18 -39.09
C LEU B 280 -26.72 -10.56 -40.47
N HIS B 281 -26.43 -11.84 -40.65
CA HIS B 281 -25.90 -12.28 -41.93
C HIS B 281 -26.85 -12.00 -43.08
N ARG B 282 -28.14 -12.25 -42.84
CA ARG B 282 -29.17 -12.01 -43.85
C ARG B 282 -28.93 -10.63 -44.47
N VAL B 283 -29.15 -9.62 -43.63
CA VAL B 283 -28.99 -8.20 -43.93
C VAL B 283 -27.78 -7.82 -44.85
N HIS B 284 -27.31 -8.78 -45.66
CA HIS B 284 -26.21 -8.54 -46.61
C HIS B 284 -25.96 -9.83 -47.40
N GLY B 285 -26.55 -10.93 -46.93
CA GLY B 285 -26.39 -12.22 -47.58
C GLY B 285 -25.00 -12.57 -48.09
N GLY B 286 -23.96 -12.24 -47.34
CA GLY B 286 -22.62 -12.54 -47.79
C GLY B 286 -22.09 -11.54 -48.80
N ASN B 287 -22.97 -10.70 -49.33
CA ASN B 287 -22.58 -9.69 -50.32
C ASN B 287 -21.60 -8.65 -49.78
N ILE B 288 -20.38 -8.65 -50.31
CA ILE B 288 -19.36 -7.74 -49.85
C ILE B 288 -19.89 -6.32 -49.64
N THR B 289 -20.76 -5.85 -50.54
CA THR B 289 -21.29 -4.48 -50.40
C THR B 289 -22.32 -4.31 -49.28
N LYS B 290 -23.45 -4.99 -49.38
CA LYS B 290 -24.48 -4.89 -48.34
C LYS B 290 -23.86 -5.22 -46.97
N TRP B 291 -22.71 -5.89 -46.98
CA TRP B 291 -22.05 -6.21 -45.72
C TRP B 291 -21.26 -4.93 -45.32
N VAL B 292 -20.17 -4.66 -46.05
CA VAL B 292 -19.36 -3.49 -45.80
C VAL B 292 -20.26 -2.28 -45.55
N LEU B 293 -21.45 -2.30 -46.13
CA LEU B 293 -22.38 -1.19 -45.93
C LEU B 293 -22.99 -1.31 -44.54
N MET B 294 -23.68 -2.42 -44.27
CA MET B 294 -24.25 -2.59 -42.94
C MET B 294 -23.12 -2.40 -41.93
N GLY B 295 -21.88 -2.56 -42.41
CA GLY B 295 -20.70 -2.39 -41.56
C GLY B 295 -20.62 -0.94 -41.13
N GLY B 296 -20.39 -0.05 -42.08
CA GLY B 296 -20.33 1.37 -41.80
C GLY B 296 -21.60 1.80 -41.07
N ALA B 297 -22.67 1.03 -41.21
CA ALA B 297 -23.92 1.34 -40.55
C ALA B 297 -23.70 1.26 -39.04
N ILE B 298 -23.34 0.06 -38.59
CA ILE B 298 -23.07 -0.20 -37.17
C ILE B 298 -21.93 0.70 -36.72
N GLY B 299 -20.82 0.68 -37.48
CA GLY B 299 -19.68 1.51 -37.16
C GLY B 299 -20.11 2.91 -36.80
N GLY B 300 -20.88 3.54 -37.68
CA GLY B 300 -21.37 4.88 -37.42
C GLY B 300 -22.18 4.92 -36.13
N LEU B 301 -23.18 4.03 -35.98
CA LEU B 301 -23.97 4.03 -34.76
C LEU B 301 -23.09 4.06 -33.52
N CYS B 302 -21.85 3.62 -33.68
CA CYS B 302 -20.90 3.59 -32.58
C CYS B 302 -20.33 4.99 -32.33
N GLY B 303 -19.83 5.63 -33.38
CA GLY B 303 -19.31 6.98 -33.20
C GLY B 303 -20.34 7.82 -32.48
N LEU B 304 -21.58 7.76 -32.98
CA LEU B 304 -22.72 8.50 -32.44
C LEU B 304 -22.95 8.24 -30.94
N LEU B 305 -23.10 6.96 -30.57
CA LEU B 305 -23.30 6.59 -29.18
C LEU B 305 -22.03 6.88 -28.38
N GLY B 306 -20.88 6.68 -29.01
CA GLY B 306 -19.61 6.93 -28.34
C GLY B 306 -19.49 8.39 -27.90
N PHE B 307 -20.43 9.21 -28.35
CA PHE B 307 -20.46 10.61 -28.00
C PHE B 307 -21.69 10.90 -27.16
N VAL B 308 -22.87 10.60 -27.70
CA VAL B 308 -24.11 10.85 -26.96
C VAL B 308 -24.22 10.07 -25.65
N ALA B 309 -23.55 8.92 -25.58
CA ALA B 309 -23.56 8.07 -24.38
C ALA B 309 -22.36 7.13 -24.41
N PRO B 310 -21.15 7.67 -24.20
CA PRO B 310 -19.87 6.93 -24.21
C PRO B 310 -19.81 5.53 -23.60
N ALA B 311 -20.52 5.30 -22.50
CA ALA B 311 -20.48 3.99 -21.86
C ALA B 311 -20.91 2.88 -22.81
N THR B 312 -22.04 3.09 -23.48
CA THR B 312 -22.61 2.12 -24.41
C THR B 312 -21.70 1.74 -25.59
N SER B 313 -20.75 2.59 -25.92
CA SER B 313 -19.86 2.30 -27.02
C SER B 313 -18.47 1.86 -26.57
N GLY B 314 -17.49 2.04 -27.46
CA GLY B 314 -16.09 1.71 -27.20
C GLY B 314 -15.75 0.35 -26.60
N GLY B 315 -14.44 0.07 -26.54
CA GLY B 315 -13.96 -1.17 -25.98
C GLY B 315 -14.65 -1.52 -24.69
N GLY B 316 -14.33 -0.79 -23.63
CA GLY B 316 -14.98 -1.05 -22.35
C GLY B 316 -14.16 -0.59 -21.17
N PHE B 317 -12.85 -0.59 -21.35
CA PHE B 317 -11.95 -0.20 -20.30
C PHE B 317 -12.39 1.06 -19.59
N ASN B 318 -12.25 2.20 -20.26
CA ASN B 318 -12.64 3.49 -19.68
C ASN B 318 -13.55 3.38 -18.45
N LEU B 319 -14.71 2.78 -18.64
CA LEU B 319 -15.69 2.66 -17.57
C LEU B 319 -15.47 1.58 -16.51
N ILE B 320 -14.47 0.73 -16.68
CA ILE B 320 -14.23 -0.33 -15.69
C ILE B 320 -13.94 0.30 -14.33
N PRO B 321 -12.84 1.05 -14.21
CA PRO B 321 -12.50 1.68 -12.93
C PRO B 321 -13.68 2.45 -12.32
N ILE B 322 -14.34 3.24 -13.17
CA ILE B 322 -15.49 4.06 -12.82
C ILE B 322 -16.65 3.24 -12.22
N ALA B 323 -16.81 2.00 -12.68
CA ALA B 323 -17.89 1.17 -12.18
C ALA B 323 -17.50 0.46 -10.89
N THR B 324 -16.21 0.21 -10.74
CA THR B 324 -15.67 -0.47 -9.55
C THR B 324 -15.72 0.46 -8.35
N ALA B 325 -15.51 1.75 -8.61
CA ALA B 325 -15.56 2.76 -7.56
C ALA B 325 -17.00 3.02 -7.09
N GLY B 326 -17.98 2.50 -7.84
CA GLY B 326 -19.38 2.68 -7.49
C GLY B 326 -19.89 4.06 -7.85
N ASN B 327 -19.35 4.63 -8.93
CA ASN B 327 -19.72 5.96 -9.41
C ASN B 327 -20.95 6.01 -10.31
N PHE B 328 -21.51 4.85 -10.65
CA PHE B 328 -22.70 4.77 -11.50
C PHE B 328 -23.87 4.37 -10.63
N SER B 329 -24.95 5.13 -10.69
CA SER B 329 -26.11 4.78 -9.89
C SER B 329 -26.54 3.40 -10.34
N MET B 330 -27.25 2.69 -9.47
CA MET B 330 -27.72 1.35 -9.81
C MET B 330 -28.38 1.41 -11.17
N GLY B 331 -29.37 2.27 -11.29
CA GLY B 331 -30.06 2.40 -12.56
C GLY B 331 -29.07 2.56 -13.70
N MET B 332 -28.25 3.59 -13.61
CA MET B 332 -27.26 3.85 -14.62
C MET B 332 -26.53 2.56 -15.03
N LEU B 333 -26.23 1.70 -14.08
CA LEU B 333 -25.55 0.43 -14.37
C LEU B 333 -26.43 -0.43 -15.29
N VAL B 334 -27.65 -0.71 -14.83
CA VAL B 334 -28.61 -1.51 -15.60
C VAL B 334 -28.65 -1.02 -17.04
N PHE B 335 -28.78 0.29 -17.22
CA PHE B 335 -28.78 0.82 -18.58
C PHE B 335 -27.50 0.35 -19.28
N ILE B 336 -26.35 0.83 -18.81
CA ILE B 336 -25.07 0.47 -19.39
C ILE B 336 -24.95 -1.03 -19.65
N PHE B 337 -25.53 -1.87 -18.80
CA PHE B 337 -25.41 -3.30 -19.04
C PHE B 337 -26.16 -3.65 -20.30
N VAL B 338 -27.48 -3.46 -20.26
CA VAL B 338 -28.36 -3.72 -21.40
C VAL B 338 -27.84 -3.10 -22.72
N ALA B 339 -27.52 -1.82 -22.67
CA ALA B 339 -27.02 -1.11 -23.83
C ALA B 339 -25.75 -1.72 -24.38
N ARG B 340 -25.00 -2.38 -23.52
CA ARG B 340 -23.71 -2.96 -23.89
C ARG B 340 -23.89 -4.35 -24.49
N VAL B 341 -24.85 -5.10 -23.97
CA VAL B 341 -25.06 -6.47 -24.43
C VAL B 341 -25.34 -6.27 -25.91
N ILE B 342 -26.29 -5.39 -26.18
CA ILE B 342 -26.72 -5.04 -27.53
C ILE B 342 -25.56 -4.59 -28.43
N THR B 343 -24.95 -3.45 -28.13
CA THR B 343 -23.85 -2.96 -28.95
C THR B 343 -22.67 -3.94 -29.11
N THR B 344 -22.44 -4.81 -28.13
CA THR B 344 -21.35 -5.75 -28.23
C THR B 344 -21.77 -6.86 -29.16
N LEU B 345 -23.03 -7.27 -29.05
CA LEU B 345 -23.60 -8.30 -29.90
C LEU B 345 -23.58 -7.82 -31.37
N LEU B 346 -24.05 -6.60 -31.59
CA LEU B 346 -24.07 -6.04 -32.92
C LEU B 346 -22.68 -6.10 -33.57
N CYS B 347 -21.74 -5.35 -33.04
CA CYS B 347 -20.38 -5.28 -33.57
C CYS B 347 -19.66 -6.61 -33.74
N PHE B 348 -19.91 -7.56 -32.83
CA PHE B 348 -19.21 -8.83 -32.92
C PHE B 348 -19.92 -9.85 -33.80
N SER B 349 -21.21 -10.02 -33.57
CA SER B 349 -21.99 -10.96 -34.38
C SER B 349 -22.03 -10.52 -35.86
N SER B 350 -21.65 -9.28 -36.12
CA SER B 350 -21.63 -8.74 -37.46
C SER B 350 -20.26 -8.94 -38.11
N GLY B 351 -19.62 -10.05 -37.80
CA GLY B 351 -18.32 -10.34 -38.39
C GLY B 351 -17.33 -9.22 -38.61
N ALA B 352 -17.31 -8.19 -37.75
CA ALA B 352 -16.33 -7.12 -37.91
C ALA B 352 -15.03 -7.61 -37.29
N PRO B 353 -13.88 -7.22 -37.84
CA PRO B 353 -12.61 -7.69 -37.26
C PRO B 353 -12.29 -7.13 -35.86
N GLY B 354 -12.73 -7.83 -34.82
CA GLY B 354 -12.48 -7.38 -33.46
C GLY B 354 -12.87 -8.37 -32.38
N GLY B 355 -12.09 -8.41 -31.29
CA GLY B 355 -12.37 -9.35 -30.21
C GLY B 355 -13.60 -9.04 -29.39
N ILE B 356 -14.05 -10.03 -28.63
CA ILE B 356 -15.22 -9.87 -27.76
C ILE B 356 -14.77 -10.22 -26.34
N PHE B 357 -13.47 -10.51 -26.20
CA PHE B 357 -12.88 -10.87 -24.91
C PHE B 357 -12.97 -9.71 -23.93
N ALA B 358 -12.35 -8.59 -24.31
CA ALA B 358 -12.34 -7.39 -23.49
C ALA B 358 -13.75 -6.89 -23.17
N PRO B 359 -14.61 -6.73 -24.20
CA PRO B 359 -15.98 -6.24 -23.98
C PRO B 359 -16.75 -7.08 -22.96
N MET B 360 -16.26 -8.28 -22.72
CA MET B 360 -16.88 -9.17 -21.74
C MET B 360 -16.31 -8.84 -20.37
N LEU B 361 -15.07 -8.36 -20.34
CA LEU B 361 -14.47 -7.99 -19.07
C LEU B 361 -15.28 -6.79 -18.60
N ALA B 362 -15.56 -5.88 -19.52
CA ALA B 362 -16.35 -4.69 -19.20
C ALA B 362 -17.76 -5.07 -18.77
N LEU B 363 -18.35 -6.06 -19.43
CA LEU B 363 -19.70 -6.47 -19.09
C LEU B 363 -19.82 -7.04 -17.69
N GLY B 364 -18.91 -7.97 -17.35
CA GLY B 364 -18.93 -8.60 -16.05
C GLY B 364 -18.76 -7.57 -14.96
N THR B 365 -17.80 -6.67 -15.17
CA THR B 365 -17.51 -5.60 -14.24
C THR B 365 -18.76 -4.86 -13.89
N VAL B 366 -19.57 -4.57 -14.90
CA VAL B 366 -20.82 -3.85 -14.69
C VAL B 366 -21.85 -4.70 -13.96
N LEU B 367 -21.96 -5.96 -14.32
CA LEU B 367 -22.92 -6.82 -13.66
C LEU B 367 -22.48 -7.04 -12.22
N GLY B 368 -21.19 -7.33 -12.04
CA GLY B 368 -20.66 -7.57 -10.71
C GLY B 368 -20.95 -6.40 -9.79
N THR B 369 -20.68 -5.18 -10.26
CA THR B 369 -20.92 -3.98 -9.49
C THR B 369 -22.39 -3.94 -9.07
N ALA B 370 -23.27 -4.09 -10.04
CA ALA B 370 -24.69 -4.08 -9.78
C ALA B 370 -24.98 -5.01 -8.63
N PHE B 371 -24.58 -6.26 -8.77
CA PHE B 371 -24.78 -7.24 -7.72
C PHE B 371 -24.27 -6.59 -6.45
N GLY B 372 -23.03 -6.11 -6.54
CA GLY B 372 -22.39 -5.46 -5.40
C GLY B 372 -23.39 -4.60 -4.66
N MET B 373 -23.72 -3.46 -5.26
CA MET B 373 -24.66 -2.53 -4.67
C MET B 373 -25.84 -3.17 -3.96
N VAL B 374 -26.46 -4.17 -4.57
CA VAL B 374 -27.60 -4.80 -3.92
C VAL B 374 -27.15 -5.40 -2.61
N ALA B 375 -26.02 -6.09 -2.66
CA ALA B 375 -25.44 -6.73 -1.48
C ALA B 375 -24.97 -5.64 -0.51
N VAL B 376 -24.19 -4.69 -1.03
CA VAL B 376 -23.61 -3.58 -0.29
C VAL B 376 -24.59 -2.92 0.65
N GLU B 377 -25.86 -3.30 0.58
CA GLU B 377 -26.81 -2.67 1.46
C GLU B 377 -27.93 -3.60 1.92
N LEU B 378 -28.03 -4.75 1.27
CA LEU B 378 -29.03 -5.74 1.64
C LEU B 378 -28.43 -6.43 2.86
N PHE B 379 -27.13 -6.27 3.02
CA PHE B 379 -26.39 -6.84 4.14
C PHE B 379 -25.45 -5.75 4.65
N PRO B 380 -25.99 -4.85 5.48
CA PRO B 380 -25.17 -3.77 6.03
C PRO B 380 -24.20 -4.30 7.08
N GLN B 381 -24.42 -5.55 7.52
CA GLN B 381 -23.57 -6.15 8.53
C GLN B 381 -22.33 -6.85 7.98
N TYR B 382 -22.19 -6.90 6.66
CA TYR B 382 -21.02 -7.51 6.04
C TYR B 382 -20.01 -6.43 5.66
N HIS B 383 -20.42 -5.18 5.80
CA HIS B 383 -19.57 -4.04 5.51
C HIS B 383 -18.98 -4.23 4.15
N LEU B 384 -19.86 -4.46 3.18
CA LEU B 384 -19.47 -4.70 1.80
C LEU B 384 -19.06 -3.43 1.08
N GLU B 385 -18.41 -3.62 -0.06
CA GLU B 385 -17.93 -2.51 -0.89
C GLU B 385 -17.99 -2.89 -2.38
N ALA B 386 -19.16 -2.67 -2.97
CA ALA B 386 -19.44 -3.06 -4.36
C ALA B 386 -18.22 -3.43 -5.18
N GLY B 387 -17.22 -2.55 -5.20
CA GLY B 387 -16.00 -2.79 -5.94
C GLY B 387 -15.38 -4.19 -5.85
N THR B 388 -15.63 -4.90 -4.77
CA THR B 388 -15.06 -6.23 -4.65
C THR B 388 -15.74 -7.13 -5.66
N PHE B 389 -17.06 -7.21 -5.59
CA PHE B 389 -17.83 -8.04 -6.51
C PHE B 389 -17.59 -7.65 -7.97
N ALA B 390 -17.12 -6.44 -8.18
CA ALA B 390 -16.82 -6.00 -9.52
C ALA B 390 -15.62 -6.81 -9.94
N ILE B 391 -14.53 -6.72 -9.17
CA ILE B 391 -13.29 -7.46 -9.45
C ILE B 391 -13.58 -8.96 -9.51
N ALA B 392 -14.55 -9.39 -8.71
CA ALA B 392 -14.90 -10.78 -8.69
C ALA B 392 -15.52 -11.15 -10.03
N GLY B 393 -16.56 -10.42 -10.41
CA GLY B 393 -17.27 -10.68 -11.66
C GLY B 393 -16.68 -10.13 -12.96
N MET B 394 -15.50 -9.54 -12.89
CA MET B 394 -14.88 -8.98 -14.07
C MET B 394 -14.37 -10.03 -15.07
N GLY B 395 -14.10 -11.23 -14.57
CA GLY B 395 -13.63 -12.28 -15.45
C GLY B 395 -14.62 -13.40 -15.33
N ALA B 396 -15.79 -13.07 -14.79
CA ALA B 396 -16.86 -14.05 -14.61
C ALA B 396 -17.53 -14.43 -15.93
N LEU B 397 -17.66 -13.47 -16.84
CA LEU B 397 -18.25 -13.76 -18.14
C LEU B 397 -17.19 -14.59 -18.89
N LEU B 398 -15.93 -14.17 -18.87
CA LEU B 398 -14.85 -14.96 -19.49
C LEU B 398 -14.89 -16.39 -18.94
N ALA B 399 -15.67 -16.59 -17.90
CA ALA B 399 -15.79 -17.90 -17.28
C ALA B 399 -17.04 -18.59 -17.80
N ALA B 400 -18.21 -18.02 -17.53
CA ALA B 400 -19.49 -18.59 -17.94
C ALA B 400 -19.65 -18.74 -19.46
N SER B 401 -19.06 -17.82 -20.22
CA SER B 401 -19.14 -17.90 -21.68
C SER B 401 -17.94 -18.63 -22.26
N ILE B 402 -16.88 -17.90 -22.59
CA ILE B 402 -15.69 -18.50 -23.18
C ILE B 402 -15.09 -19.70 -22.40
N ARG B 403 -15.59 -19.91 -21.17
CA ARG B 403 -15.21 -21.03 -20.29
C ARG B 403 -13.72 -21.32 -20.06
N ALA B 404 -13.04 -20.37 -19.44
CA ALA B 404 -11.63 -20.49 -19.12
C ALA B 404 -11.44 -19.72 -17.83
N PRO B 405 -12.12 -20.15 -16.75
CA PRO B 405 -12.01 -19.46 -15.47
C PRO B 405 -10.57 -19.25 -15.04
N LEU B 406 -9.76 -20.29 -15.09
CA LEU B 406 -8.37 -20.15 -14.68
C LEU B 406 -7.63 -19.00 -15.37
N THR B 407 -7.90 -18.75 -16.65
CA THR B 407 -7.24 -17.65 -17.36
C THR B 407 -7.94 -16.34 -17.00
N GLY B 408 -9.26 -16.41 -16.82
CA GLY B 408 -9.98 -15.21 -16.44
C GLY B 408 -9.39 -14.66 -15.15
N ILE B 409 -9.47 -15.48 -14.11
CA ILE B 409 -8.95 -15.13 -12.78
C ILE B 409 -7.53 -14.60 -12.83
N ILE B 410 -6.60 -15.40 -13.33
CA ILE B 410 -5.22 -14.92 -13.40
C ILE B 410 -5.08 -13.68 -14.26
N LEU B 411 -6.08 -13.36 -15.08
CA LEU B 411 -6.01 -12.17 -15.92
C LEU B 411 -6.44 -11.00 -15.07
N VAL B 412 -7.64 -11.12 -14.51
CA VAL B 412 -8.18 -10.09 -13.64
C VAL B 412 -7.10 -9.77 -12.62
N LEU B 413 -6.62 -10.79 -11.91
CA LEU B 413 -5.59 -10.61 -10.90
C LEU B 413 -4.48 -9.68 -11.36
N GLU B 414 -3.82 -10.03 -12.44
CA GLU B 414 -2.73 -9.20 -12.94
C GLU B 414 -3.14 -7.79 -13.26
N MET B 415 -4.37 -7.62 -13.71
CA MET B 415 -4.84 -6.29 -14.07
C MET B 415 -5.31 -5.48 -12.88
N THR B 416 -6.18 -6.06 -12.06
CA THR B 416 -6.69 -5.34 -10.89
C THR B 416 -5.86 -5.48 -9.61
N ASP B 417 -4.79 -6.28 -9.68
CA ASP B 417 -3.88 -6.48 -8.56
C ASP B 417 -4.47 -6.56 -7.14
N ASN B 418 -5.63 -7.17 -6.98
CA ASN B 418 -6.21 -7.29 -5.65
C ASN B 418 -6.25 -8.76 -5.26
N TYR B 419 -5.07 -9.33 -5.02
CA TYR B 419 -4.99 -10.74 -4.66
C TYR B 419 -5.82 -11.12 -3.43
N GLN B 420 -6.00 -10.17 -2.54
CA GLN B 420 -6.78 -10.41 -1.33
C GLN B 420 -8.13 -11.01 -1.69
N LEU B 421 -8.67 -10.61 -2.83
CA LEU B 421 -9.97 -11.04 -3.30
C LEU B 421 -9.98 -12.38 -4.05
N ILE B 422 -8.79 -12.95 -4.27
CA ILE B 422 -8.65 -14.20 -5.00
C ILE B 422 -9.65 -15.29 -4.68
N LEU B 423 -9.99 -15.47 -3.42
CA LEU B 423 -10.92 -16.54 -3.07
C LEU B 423 -12.30 -16.25 -3.64
N PRO B 424 -12.81 -15.03 -3.44
CA PRO B 424 -14.13 -14.70 -3.99
C PRO B 424 -14.14 -14.74 -5.53
N MET B 425 -13.02 -14.34 -6.13
CA MET B 425 -12.89 -14.34 -7.58
C MET B 425 -13.07 -15.74 -8.13
N ILE B 426 -12.51 -16.75 -7.45
CA ILE B 426 -12.63 -18.14 -7.89
C ILE B 426 -14.03 -18.66 -7.63
N ILE B 427 -14.45 -18.63 -6.37
CA ILE B 427 -15.79 -19.08 -5.99
C ILE B 427 -16.86 -18.52 -6.92
N THR B 428 -16.58 -17.36 -7.50
CA THR B 428 -17.51 -16.77 -8.43
C THR B 428 -17.24 -17.45 -9.76
N GLY B 429 -16.07 -17.20 -10.33
CA GLY B 429 -15.71 -17.80 -11.60
C GLY B 429 -16.08 -19.28 -11.75
N LEU B 430 -15.67 -20.12 -10.82
CA LEU B 430 -15.97 -21.53 -10.90
C LEU B 430 -17.45 -21.72 -10.70
N GLY B 431 -18.00 -20.98 -9.74
CA GLY B 431 -19.42 -21.08 -9.48
C GLY B 431 -20.18 -20.86 -10.79
N ALA B 432 -19.56 -20.09 -11.69
CA ALA B 432 -20.16 -19.80 -12.98
C ALA B 432 -19.99 -21.00 -13.91
N THR B 433 -18.76 -21.29 -14.33
CA THR B 433 -18.49 -22.42 -15.22
C THR B 433 -19.37 -23.60 -14.86
N LEU B 434 -19.64 -23.74 -13.57
CA LEU B 434 -20.50 -24.83 -13.08
C LEU B 434 -21.93 -24.65 -13.56
N LEU B 435 -22.55 -23.54 -13.19
CA LEU B 435 -23.91 -23.29 -13.61
C LEU B 435 -24.06 -23.22 -15.13
N ALA B 436 -22.98 -22.85 -15.83
CA ALA B 436 -22.97 -22.76 -17.29
C ALA B 436 -23.09 -24.17 -17.90
N GLN B 437 -22.23 -25.07 -17.44
CA GLN B 437 -22.23 -26.46 -17.91
C GLN B 437 -23.61 -27.01 -17.52
N PHE B 438 -23.97 -26.81 -16.26
CA PHE B 438 -25.25 -27.30 -15.76
C PHE B 438 -26.45 -26.72 -16.50
N THR B 439 -26.22 -25.81 -17.46
CA THR B 439 -27.33 -25.28 -18.22
C THR B 439 -27.04 -25.35 -19.72
N GLY B 440 -26.11 -26.22 -20.08
CA GLY B 440 -25.80 -26.40 -21.49
C GLY B 440 -24.93 -25.41 -22.23
N GLY B 441 -24.35 -24.44 -21.54
CA GLY B 441 -23.49 -23.49 -22.22
C GLY B 441 -22.34 -24.25 -22.87
N LYS B 442 -21.50 -23.55 -23.63
CA LYS B 442 -20.39 -24.20 -24.27
C LYS B 442 -19.28 -23.21 -24.49
N PRO B 443 -18.05 -23.71 -24.66
CA PRO B 443 -16.91 -22.81 -24.89
C PRO B 443 -17.21 -21.91 -26.09
N LEU B 444 -17.80 -20.74 -25.83
CA LEU B 444 -18.15 -19.82 -26.90
C LEU B 444 -17.13 -19.82 -28.03
N TYR B 445 -15.84 -19.95 -27.71
CA TYR B 445 -14.82 -19.96 -28.75
C TYR B 445 -14.79 -21.27 -29.54
N SER B 446 -15.14 -22.36 -28.89
CA SER B 446 -15.17 -23.67 -29.53
C SER B 446 -16.48 -23.75 -30.31
N ALA B 447 -17.53 -23.21 -29.71
CA ALA B 447 -18.86 -23.20 -30.32
C ALA B 447 -18.80 -22.37 -31.60
N ILE B 448 -17.66 -21.77 -31.88
CA ILE B 448 -17.49 -20.99 -33.09
C ILE B 448 -16.68 -21.82 -34.10
N LEU B 449 -15.56 -22.39 -33.64
CA LEU B 449 -14.71 -23.22 -34.50
C LEU B 449 -15.52 -24.44 -34.96
N ALA B 450 -16.52 -24.81 -34.16
CA ALA B 450 -17.39 -25.93 -34.51
C ALA B 450 -18.13 -25.44 -35.75
N ARG B 451 -18.99 -24.45 -35.53
CA ARG B 451 -19.77 -23.82 -36.61
C ARG B 451 -18.85 -23.63 -37.82
N THR B 452 -17.71 -22.98 -37.60
CA THR B 452 -16.75 -22.76 -38.68
C THR B 452 -16.44 -24.10 -39.32
N LEU B 453 -15.70 -24.94 -38.60
CA LEU B 453 -15.31 -26.23 -39.13
C LEU B 453 -16.43 -27.06 -39.79
N ALA B 454 -17.61 -27.08 -39.17
CA ALA B 454 -18.76 -27.84 -39.68
C ALA B 454 -19.25 -27.28 -41.02
N LYS B 455 -19.64 -26.01 -41.01
CA LYS B 455 -20.11 -25.35 -42.23
C LYS B 455 -19.04 -25.51 -43.32
N GLN B 456 -17.80 -25.15 -42.99
CA GLN B 456 -16.68 -25.25 -43.92
C GLN B 456 -16.72 -26.54 -44.75
N GLU B 457 -17.37 -27.59 -44.24
CA GLU B 457 -17.45 -28.83 -45.00
C GLU B 457 -18.85 -29.10 -45.51
N ALA B 458 -19.85 -28.96 -44.65
CA ALA B 458 -21.23 -29.16 -45.07
C ALA B 458 -21.73 -27.96 -45.89
N VAL C 1 1.21 16.64 -6.08
CA VAL C 1 2.64 16.55 -5.62
C VAL C 1 3.33 17.90 -5.47
N ARG C 2 3.36 18.42 -4.24
CA ARG C 2 4.03 19.67 -3.94
C ARG C 2 5.11 19.48 -2.89
N LEU C 3 6.24 20.15 -3.06
CA LEU C 3 7.39 19.97 -2.19
C LEU C 3 7.75 21.28 -1.55
N LEU C 4 7.45 21.38 -0.26
CA LEU C 4 7.76 22.58 0.50
C LEU C 4 8.97 22.36 1.44
N GLU C 5 9.94 23.26 1.36
CA GLU C 5 11.12 23.17 2.18
C GLU C 5 11.28 24.41 3.07
N SER C 6 11.76 24.21 4.28
CA SER C 6 11.96 25.30 5.25
C SER C 6 13.30 25.14 5.93
N GLY C 7 13.60 26.01 6.90
CA GLY C 7 14.85 25.92 7.65
C GLY C 7 16.05 26.71 7.14
N GLY C 8 15.98 27.23 5.94
CA GLY C 8 17.09 28.00 5.41
C GLY C 8 17.27 29.25 6.25
N GLY C 9 18.50 29.76 6.36
CA GLY C 9 18.70 30.96 7.14
C GLY C 9 20.12 31.45 7.21
N LEU C 10 20.40 32.21 8.26
CA LEU C 10 21.73 32.75 8.50
C LEU C 10 22.32 31.87 9.56
N VAL C 11 23.61 31.59 9.46
CA VAL C 11 24.27 30.77 10.44
C VAL C 11 25.69 31.24 10.60
N GLN C 12 26.21 30.96 11.79
CA GLN C 12 27.56 31.34 12.14
C GLN C 12 28.45 30.32 11.46
N PRO C 13 29.58 30.77 10.91
CA PRO C 13 30.38 29.72 10.28
C PRO C 13 30.72 28.77 11.43
N GLY C 14 30.68 27.47 11.20
CA GLY C 14 30.97 26.54 12.26
C GLY C 14 29.67 25.98 12.80
N GLY C 15 28.62 26.79 12.76
CA GLY C 15 27.32 26.35 13.24
C GLY C 15 26.85 25.05 12.61
N SER C 16 25.54 24.82 12.65
CA SER C 16 24.94 23.62 12.09
C SER C 16 23.42 23.73 12.06
N LEU C 17 22.84 23.95 10.87
CA LEU C 17 21.38 24.08 10.75
C LEU C 17 20.72 22.83 10.16
N LYS C 18 19.39 22.76 10.27
CA LYS C 18 18.60 21.63 9.75
C LYS C 18 17.49 22.12 8.82
N LEU C 19 17.47 21.60 7.60
CA LEU C 19 16.46 21.97 6.61
C LEU C 19 15.41 20.89 6.50
N SER C 20 14.16 21.27 6.27
CA SER C 20 13.08 20.30 6.15
C SER C 20 12.32 20.41 4.83
N CYS C 21 11.74 19.28 4.41
CA CYS C 21 10.97 19.19 3.16
C CYS C 21 9.62 18.58 3.54
N ALA C 22 8.54 19.33 3.34
CA ALA C 22 7.20 18.83 3.65
C ALA C 22 6.50 18.40 2.36
N ALA C 23 6.27 17.10 2.24
CA ALA C 23 5.67 16.54 1.05
C ALA C 23 4.15 16.37 1.08
N SER C 24 3.50 17.07 0.16
CA SER C 24 2.06 17.02 0.02
C SER C 24 1.70 16.59 -1.41
N GLY C 25 0.84 15.59 -1.52
CA GLY C 25 0.41 15.15 -2.84
C GLY C 25 0.72 13.75 -3.32
N PHE C 26 1.38 12.93 -2.50
CA PHE C 26 1.72 11.58 -2.95
C PHE C 26 2.17 10.65 -1.85
N ASP C 27 1.94 9.35 -2.06
CA ASP C 27 2.37 8.36 -1.08
C ASP C 27 3.84 8.61 -0.91
N TYR C 28 4.19 9.32 0.17
CA TYR C 28 5.56 9.67 0.46
C TYR C 28 6.48 8.47 0.40
N SER C 29 6.03 7.32 0.92
CA SER C 29 6.84 6.11 0.84
C SER C 29 6.97 5.79 -0.66
N ARG C 30 7.26 4.54 -0.98
CA ARG C 30 7.47 4.13 -2.37
C ARG C 30 8.49 5.02 -3.06
N TYR C 31 8.70 6.21 -2.51
CA TYR C 31 9.62 7.18 -3.08
C TYR C 31 10.98 7.35 -2.47
N TRP C 32 11.86 7.96 -3.25
CA TRP C 32 13.19 8.27 -2.80
C TRP C 32 13.15 9.77 -2.74
N MET C 33 13.96 10.35 -1.88
CA MET C 33 14.00 11.80 -1.76
C MET C 33 15.46 12.16 -1.72
N SER C 34 15.80 13.31 -2.27
CA SER C 34 17.20 13.71 -2.27
C SER C 34 17.33 15.21 -2.22
N TRP C 35 18.51 15.69 -1.81
CA TRP C 35 18.76 17.12 -1.76
C TRP C 35 19.80 17.49 -2.80
N VAL C 36 19.49 18.52 -3.58
CA VAL C 36 20.40 19.01 -4.59
C VAL C 36 20.52 20.43 -4.15
N ARG C 37 21.68 21.03 -4.38
CA ARG C 37 21.86 22.39 -3.98
C ARG C 37 22.58 23.16 -5.06
N GLN C 38 22.22 24.42 -5.17
CA GLN C 38 22.78 25.29 -6.18
C GLN C 38 23.39 26.52 -5.51
N ALA C 39 24.70 26.68 -5.65
CA ALA C 39 25.40 27.82 -5.07
C ALA C 39 24.92 29.10 -5.78
N PRO C 40 25.09 30.27 -5.13
CA PRO C 40 24.67 31.58 -5.65
C PRO C 40 24.97 31.84 -7.12
N GLY C 41 24.06 31.42 -8.00
CA GLY C 41 24.29 31.63 -9.41
C GLY C 41 25.47 30.81 -9.86
N LYS C 42 25.32 29.50 -9.73
CA LYS C 42 26.34 28.55 -10.10
C LYS C 42 25.69 27.19 -10.31
N GLY C 43 26.48 26.19 -10.68
CA GLY C 43 25.93 24.86 -10.95
C GLY C 43 25.19 24.14 -9.84
N LEU C 44 24.34 23.18 -10.21
CA LEU C 44 23.59 22.39 -9.25
C LEU C 44 24.45 21.20 -8.84
N LYS C 45 24.47 20.89 -7.53
CA LYS C 45 25.25 19.76 -7.03
C LYS C 45 24.38 18.91 -6.14
N TRP C 46 24.56 17.61 -6.22
CA TRP C 46 23.78 16.64 -5.48
C TRP C 46 24.29 16.33 -4.08
N ILE C 47 23.56 16.76 -3.06
CA ILE C 47 23.96 16.51 -1.68
C ILE C 47 23.79 15.04 -1.31
N GLY C 48 22.59 14.50 -1.51
CA GLY C 48 22.37 13.12 -1.16
C GLY C 48 20.95 12.66 -1.39
N GLU C 49 20.71 11.36 -1.20
CA GLU C 49 19.40 10.77 -1.39
C GLU C 49 19.10 9.82 -0.26
N ILE C 50 17.82 9.54 -0.03
CA ILE C 50 17.38 8.64 1.04
C ILE C 50 16.08 7.96 0.63
N ASN C 51 16.06 6.62 0.68
CA ASN C 51 14.89 5.84 0.27
C ASN C 51 13.69 5.86 1.25
N PRO C 52 12.67 4.99 1.03
CA PRO C 52 11.51 4.94 1.93
C PRO C 52 11.86 4.38 3.30
N VAL C 53 12.08 3.07 3.35
CA VAL C 53 12.41 2.39 4.58
C VAL C 53 13.66 2.95 5.27
N SER C 54 14.04 4.15 4.84
CA SER C 54 15.17 4.87 5.40
C SER C 54 16.41 4.00 5.61
N SER C 55 16.45 2.84 4.96
CA SER C 55 17.56 1.92 5.12
C SER C 55 18.72 2.12 4.15
N THR C 56 18.67 3.20 3.37
CA THR C 56 19.72 3.49 2.40
C THR C 56 19.90 4.99 2.24
N ILE C 57 21.06 5.48 2.63
CA ILE C 57 21.37 6.89 2.52
C ILE C 57 22.73 7.04 1.83
N ASN C 58 22.80 7.91 0.84
CA ASN C 58 24.02 8.15 0.09
C ASN C 58 24.22 9.63 -0.02
N TYR C 59 25.47 10.06 0.05
CA TYR C 59 25.78 11.47 -0.03
C TYR C 59 26.92 11.69 -0.99
N THR C 60 26.93 12.86 -1.63
CA THR C 60 28.00 13.19 -2.56
C THR C 60 29.23 13.06 -1.71
N PRO C 61 30.40 12.85 -2.35
CA PRO C 61 31.65 12.71 -1.60
C PRO C 61 31.90 13.88 -0.64
N SER C 62 31.86 13.60 0.66
CA SER C 62 32.11 14.59 1.70
C SER C 62 32.13 14.09 3.16
N LEU C 63 33.19 14.51 3.86
CA LEU C 63 33.49 14.20 5.26
C LEU C 63 32.34 13.68 6.12
N LYS C 64 32.43 12.41 6.48
CA LYS C 64 31.44 11.72 7.31
C LYS C 64 30.13 12.47 7.55
N ASP C 65 29.94 12.94 8.77
CA ASP C 65 28.73 13.65 9.13
C ASP C 65 28.66 15.06 8.57
N LYS C 66 29.28 15.26 7.40
CA LYS C 66 29.22 16.57 6.77
C LYS C 66 27.75 16.86 6.52
N PHE C 67 26.97 15.80 6.31
CA PHE C 67 25.53 15.88 6.07
C PHE C 67 24.80 14.71 6.67
N ILE C 68 23.62 14.95 7.22
CA ILE C 68 22.81 13.88 7.77
C ILE C 68 21.44 14.04 7.17
N ILE C 69 21.13 13.16 6.21
CA ILE C 69 19.85 13.18 5.55
C ILE C 69 18.97 12.19 6.26
N SER C 70 17.73 12.59 6.52
CA SER C 70 16.81 11.70 7.21
C SER C 70 15.39 11.96 6.74
N ARG C 71 14.48 11.02 7.01
CA ARG C 71 13.10 11.17 6.59
C ARG C 71 12.11 10.59 7.57
N ASP C 72 11.03 11.32 7.85
CA ASP C 72 10.01 10.81 8.77
C ASP C 72 8.79 10.43 7.95
N ASN C 73 8.66 9.14 7.63
CA ASN C 73 7.51 8.71 6.85
C ASN C 73 6.26 8.69 7.70
N ALA C 74 6.15 9.66 8.61
CA ALA C 74 4.97 9.74 9.47
C ALA C 74 4.55 11.19 9.51
N LYS C 75 5.22 12.00 8.71
CA LYS C 75 4.93 13.41 8.60
C LYS C 75 5.24 13.77 7.15
N ASP C 76 5.67 12.73 6.42
CA ASP C 76 6.04 12.84 5.01
C ASP C 76 6.96 14.04 4.87
N THR C 77 8.00 14.05 5.70
CA THR C 77 8.97 15.14 5.67
C THR C 77 10.38 14.64 5.48
N LEU C 78 11.19 15.41 4.76
CA LEU C 78 12.57 15.09 4.50
C LEU C 78 13.44 16.13 5.16
N TYR C 79 14.44 15.68 5.92
CA TYR C 79 15.35 16.59 6.59
C TYR C 79 16.78 16.51 6.08
N LEU C 80 17.52 17.59 6.29
CA LEU C 80 18.93 17.67 5.94
C LEU C 80 19.70 18.34 7.05
N GLN C 81 20.63 17.61 7.66
CA GLN C 81 21.46 18.16 8.73
C GLN C 81 22.84 18.53 8.19
N ILE C 82 23.17 19.82 8.20
CA ILE C 82 24.46 20.27 7.72
C ILE C 82 25.28 20.64 8.97
N SER C 83 26.54 20.19 9.01
CA SER C 83 27.45 20.42 10.13
C SER C 83 28.67 21.23 9.72
N LYS C 84 29.41 21.75 10.70
CA LYS C 84 30.62 22.54 10.46
C LYS C 84 30.40 23.39 9.22
N VAL C 85 29.28 24.11 9.21
CA VAL C 85 28.95 24.96 8.11
C VAL C 85 30.10 25.88 7.67
N ARG C 86 30.48 25.79 6.39
CA ARG C 86 31.56 26.62 5.87
C ARG C 86 30.98 27.76 5.03
N SER C 87 31.72 28.17 4.01
CA SER C 87 31.25 29.25 3.12
C SER C 87 30.66 28.62 1.86
N GLU C 88 31.17 27.44 1.51
CA GLU C 88 30.69 26.70 0.36
C GLU C 88 29.23 26.39 0.55
N ASP C 89 28.87 26.02 1.77
CA ASP C 89 27.50 25.69 2.06
C ASP C 89 26.54 26.84 1.91
N THR C 90 27.04 28.02 1.56
CA THR C 90 26.13 29.12 1.35
C THR C 90 25.58 28.86 -0.03
N ALA C 91 24.37 28.33 -0.09
CA ALA C 91 23.77 28.00 -1.36
C ALA C 91 22.26 27.83 -1.26
N LEU C 92 21.62 27.50 -2.38
CA LEU C 92 20.19 27.30 -2.41
C LEU C 92 19.95 25.79 -2.38
N TYR C 93 19.30 25.32 -1.32
CA TYR C 93 19.04 23.90 -1.15
C TYR C 93 17.67 23.50 -1.63
N TYR C 94 17.64 22.53 -2.56
CA TYR C 94 16.39 22.01 -3.15
C TYR C 94 16.14 20.57 -2.76
N CYS C 95 14.89 20.21 -2.48
CA CYS C 95 14.59 18.80 -2.21
C CYS C 95 13.77 18.38 -3.41
N ALA C 96 13.89 17.11 -3.77
CA ALA C 96 13.15 16.63 -4.88
C ALA C 96 12.79 15.17 -4.73
N ARG C 97 11.75 14.74 -5.44
CA ARG C 97 11.30 13.35 -5.38
C ARG C 97 12.09 12.69 -6.62
N LEU C 98 12.65 11.51 -6.37
CA LEU C 98 13.31 10.74 -7.42
C LEU C 98 12.34 9.76 -8.08
N TYR C 99 12.38 9.71 -9.40
CA TYR C 99 11.62 8.72 -10.15
C TYR C 99 12.19 8.57 -11.56
N TYR C 100 11.86 7.45 -12.20
CA TYR C 100 12.37 7.14 -13.53
C TYR C 100 11.46 6.52 -14.54
N GLY C 101 11.97 6.27 -15.74
CA GLY C 101 11.23 5.64 -16.82
C GLY C 101 11.89 4.29 -16.99
N TYR C 102 13.10 4.31 -17.54
CA TYR C 102 13.86 3.08 -17.78
C TYR C 102 14.64 2.57 -16.57
N GLY C 103 15.26 3.48 -15.83
CA GLY C 103 16.04 3.08 -14.67
C GLY C 103 17.31 3.91 -14.56
N TYR C 104 17.27 5.09 -15.15
CA TYR C 104 18.38 6.02 -15.11
C TYR C 104 17.87 7.27 -14.41
N TRP C 105 17.44 7.05 -13.18
CA TRP C 105 16.84 8.04 -12.29
C TRP C 105 17.08 9.52 -12.55
N TYR C 106 16.01 10.29 -12.40
CA TYR C 106 16.04 11.72 -12.61
C TYR C 106 15.37 12.39 -11.44
N PHE C 107 15.63 13.67 -11.28
CA PHE C 107 15.03 14.40 -10.19
C PHE C 107 13.68 14.85 -10.67
N ASP C 108 12.72 13.95 -10.48
CA ASP C 108 11.32 14.11 -10.85
C ASP C 108 10.70 15.49 -10.66
N VAL C 109 10.27 15.76 -9.43
CA VAL C 109 9.65 17.03 -9.07
C VAL C 109 10.53 17.75 -8.05
N TRP C 110 10.92 18.99 -8.33
CA TRP C 110 11.74 19.73 -7.40
C TRP C 110 10.88 20.48 -6.40
N GLY C 111 11.45 21.46 -5.72
CA GLY C 111 10.68 22.20 -4.73
C GLY C 111 11.13 23.63 -4.80
N ALA C 112 10.44 24.53 -4.14
CA ALA C 112 10.82 25.94 -4.22
C ALA C 112 12.27 26.18 -3.88
N GLY C 113 12.69 25.69 -2.71
CA GLY C 113 14.05 25.85 -2.22
C GLY C 113 14.12 26.80 -1.05
N THR C 114 15.18 26.67 -0.22
CA THR C 114 15.40 27.54 0.94
C THR C 114 16.86 27.93 0.93
N THR C 115 17.14 29.21 1.21
CA THR C 115 18.53 29.70 1.21
C THR C 115 19.27 29.55 2.54
N VAL C 116 20.51 29.09 2.47
CA VAL C 116 21.34 28.96 3.65
C VAL C 116 22.43 30.00 3.45
N THR C 117 22.43 31.01 4.32
CA THR C 117 23.44 32.06 4.26
C THR C 117 24.41 31.81 5.39
N VAL C 118 25.66 31.55 5.06
CA VAL C 118 26.65 31.28 6.08
C VAL C 118 27.57 32.46 6.29
N SER C 119 27.34 33.19 7.38
CA SER C 119 28.13 34.35 7.70
C SER C 119 28.15 34.66 9.18
N SER C 120 29.19 35.40 9.57
CA SER C 120 29.42 35.83 10.93
C SER C 120 28.77 37.20 11.14
N ALA C 121 28.21 37.72 10.04
CA ALA C 121 27.55 39.01 10.03
C ALA C 121 26.25 38.86 10.78
N LYS C 122 25.80 39.95 11.38
CA LYS C 122 24.60 39.95 12.19
C LYS C 122 23.39 40.43 11.40
N THR C 123 22.23 39.84 11.71
CA THR C 123 20.97 40.23 11.09
C THR C 123 20.72 41.74 11.22
N THR C 124 20.30 42.38 10.14
CA THR C 124 20.04 43.81 10.16
C THR C 124 18.89 44.27 9.27
N PRO C 125 17.89 44.94 9.87
CA PRO C 125 16.71 45.45 9.17
C PRO C 125 17.11 46.42 8.07
N PRO C 126 16.29 46.51 7.01
CA PRO C 126 16.55 47.39 5.87
C PRO C 126 15.95 48.79 6.03
N SER C 127 16.66 49.76 5.47
CA SER C 127 16.22 51.13 5.49
C SER C 127 15.63 51.28 4.11
N VAL C 128 14.32 51.47 4.05
CA VAL C 128 13.62 51.61 2.79
C VAL C 128 13.51 53.10 2.45
N TYR C 129 14.02 53.47 1.27
CA TYR C 129 13.94 54.85 0.84
C TYR C 129 13.15 54.99 -0.46
N PRO C 130 12.32 56.03 -0.56
CA PRO C 130 11.49 56.30 -1.72
C PRO C 130 12.24 56.97 -2.88
N LEU C 131 12.05 56.45 -4.08
CA LEU C 131 12.70 57.04 -5.26
C LEU C 131 11.61 57.73 -6.08
N ALA C 132 11.55 59.06 -6.01
CA ALA C 132 10.53 59.85 -6.72
C ALA C 132 11.15 60.91 -7.63
N PRO C 133 10.49 61.24 -8.76
CA PRO C 133 11.06 62.26 -9.67
C PRO C 133 11.34 63.61 -8.96
N GLY C 134 12.44 64.27 -9.33
CA GLY C 134 12.81 65.53 -8.68
C GLY C 134 13.06 66.84 -9.44
N SER C 135 13.73 67.76 -8.71
CA SER C 135 14.12 69.14 -9.12
C SER C 135 14.26 69.52 -10.63
N ALA C 136 14.83 68.62 -11.44
CA ALA C 136 15.00 68.95 -12.86
C ALA C 136 14.33 67.97 -13.83
N ALA C 137 13.46 67.10 -13.30
CA ALA C 137 12.73 66.10 -14.10
C ALA C 137 11.84 66.71 -15.21
N ALA C 138 11.18 65.87 -16.01
CA ALA C 138 10.32 66.34 -17.10
C ALA C 138 9.21 65.31 -17.42
N ALA C 139 8.19 65.28 -16.55
CA ALA C 139 7.05 64.36 -16.65
C ALA C 139 6.55 63.99 -18.05
N ALA C 140 7.21 63.00 -18.65
CA ALA C 140 6.85 62.49 -19.97
C ALA C 140 5.72 61.47 -19.73
N SER C 141 4.77 61.39 -20.66
CA SER C 141 3.61 60.49 -20.56
C SER C 141 3.76 59.27 -19.63
N MET C 142 4.88 58.54 -19.78
CA MET C 142 5.19 57.38 -18.93
C MET C 142 6.12 57.82 -17.81
N VAL C 143 5.83 57.39 -16.59
CA VAL C 143 6.67 57.79 -15.47
C VAL C 143 7.33 56.64 -14.68
N THR C 144 8.61 56.82 -14.41
CA THR C 144 9.42 55.84 -13.69
C THR C 144 9.58 56.19 -12.20
N LEU C 145 9.31 55.20 -11.35
CA LEU C 145 9.40 55.34 -9.90
C LEU C 145 10.41 54.41 -9.23
N GLY C 146 9.97 53.72 -8.20
CA GLY C 146 10.85 52.84 -7.49
C GLY C 146 11.25 53.36 -6.12
N CYS C 147 11.68 52.42 -5.28
CA CYS C 147 12.12 52.73 -3.94
C CYS C 147 13.45 51.95 -3.69
N LEU C 148 14.25 52.45 -2.74
CA LEU C 148 15.55 51.87 -2.38
C LEU C 148 15.52 51.12 -1.06
N VAL C 149 16.10 49.92 -1.03
CA VAL C 149 16.18 49.09 0.17
C VAL C 149 17.65 48.76 0.47
N LYS C 150 18.29 49.63 1.24
CA LYS C 150 19.71 49.46 1.59
C LYS C 150 19.94 49.24 3.07
N GLY C 151 21.06 48.59 3.38
CA GLY C 151 21.45 48.34 4.76
C GLY C 151 20.94 47.10 5.44
N TYR C 152 20.39 46.15 4.69
CA TYR C 152 19.86 44.93 5.30
C TYR C 152 20.75 43.71 5.18
N PHE C 153 20.46 42.73 6.02
CA PHE C 153 21.16 41.45 6.03
C PHE C 153 20.33 40.49 6.86
N PRO C 154 20.17 39.24 6.38
CA PRO C 154 20.73 38.72 5.13
C PRO C 154 19.67 38.78 4.04
N GLU C 155 19.56 37.69 3.31
CA GLU C 155 18.55 37.60 2.28
C GLU C 155 17.43 36.72 2.80
N PRO C 156 16.21 36.99 2.37
CA PRO C 156 16.12 38.10 1.43
C PRO C 156 14.99 39.01 1.79
N VAL C 157 14.82 40.04 0.97
CA VAL C 157 13.72 40.96 1.13
C VAL C 157 12.81 40.60 -0.02
N THR C 158 11.63 41.19 -0.06
CA THR C 158 10.71 40.93 -1.15
C THR C 158 9.94 42.20 -1.37
N VAL C 159 10.15 42.80 -2.52
CA VAL C 159 9.47 44.04 -2.87
C VAL C 159 8.33 43.75 -3.83
N THR C 160 7.21 44.43 -3.64
CA THR C 160 6.07 44.29 -4.53
C THR C 160 5.44 45.66 -4.55
N TRP C 161 4.75 45.98 -5.65
CA TRP C 161 4.11 47.28 -5.80
C TRP C 161 2.60 47.16 -5.68
N ASN C 162 2.01 48.14 -5.00
CA ASN C 162 0.58 48.16 -4.74
C ASN C 162 0.13 46.76 -4.37
N SER C 163 0.80 46.22 -3.37
CA SER C 163 0.51 44.90 -2.83
C SER C 163 0.40 43.80 -3.86
N GLY C 164 1.04 43.96 -5.00
CA GLY C 164 0.99 42.95 -6.06
C GLY C 164 0.35 43.51 -7.32
N SER C 165 -0.83 44.09 -7.12
CA SER C 165 -1.62 44.70 -8.17
C SER C 165 -0.84 45.88 -8.72
N LEU C 166 0.02 45.56 -9.69
CA LEU C 166 0.89 46.50 -10.38
C LEU C 166 2.10 45.63 -10.69
N ALA C 167 1.79 44.42 -11.12
CA ALA C 167 2.78 43.44 -11.49
C ALA C 167 2.98 43.47 -13.00
N ALA C 168 3.47 44.60 -13.52
CA ALA C 168 3.73 44.74 -14.94
C ALA C 168 4.42 46.08 -15.14
N GLY C 169 5.64 46.03 -15.68
CA GLY C 169 6.41 47.24 -15.91
C GLY C 169 7.24 47.48 -14.67
N VAL C 170 7.29 46.45 -13.84
CA VAL C 170 8.03 46.48 -12.59
C VAL C 170 9.39 45.81 -12.74
N HIS C 171 10.42 46.54 -12.31
CA HIS C 171 11.81 46.08 -12.40
C HIS C 171 12.56 45.97 -11.04
N THR C 172 12.69 44.76 -10.51
CA THR C 172 13.40 44.56 -9.27
C THR C 172 14.79 44.08 -9.57
N PHE C 173 15.76 44.75 -8.96
CA PHE C 173 17.17 44.45 -9.16
C PHE C 173 17.75 43.57 -8.07
N PRO C 174 18.58 42.59 -8.46
CA PRO C 174 19.21 41.68 -7.51
C PRO C 174 20.07 42.51 -6.56
N ALA C 175 20.07 42.14 -5.29
CA ALA C 175 20.83 42.87 -4.28
C ALA C 175 22.33 42.67 -4.40
N VAL C 176 23.08 43.68 -3.98
CA VAL C 176 24.53 43.61 -4.00
C VAL C 176 24.99 43.75 -2.56
N LEU C 177 25.97 42.92 -2.19
CA LEU C 177 26.51 42.91 -0.84
C LEU C 177 27.81 43.67 -0.77
N GLN C 178 27.76 44.92 -0.32
CA GLN C 178 28.99 45.68 -0.17
C GLN C 178 29.30 45.78 1.34
N ALA C 179 30.52 45.44 1.72
CA ALA C 179 30.94 45.49 3.12
C ALA C 179 29.93 44.75 4.02
N ALA C 180 29.87 43.43 3.86
CA ALA C 180 28.95 42.55 4.62
C ALA C 180 27.57 43.17 4.94
N LEU C 181 26.96 43.77 3.91
CA LEU C 181 25.62 44.38 4.00
C LEU C 181 25.02 44.53 2.61
N TYR C 182 23.75 44.13 2.49
CA TYR C 182 23.00 44.19 1.23
C TYR C 182 22.25 45.48 0.95
N THR C 183 22.07 45.74 -0.34
CA THR C 183 21.31 46.90 -0.83
C THR C 183 20.66 46.57 -2.17
N LEU C 184 19.38 46.95 -2.29
CA LEU C 184 18.67 46.73 -3.53
C LEU C 184 17.66 47.82 -3.81
N SER C 185 17.30 47.90 -5.08
CA SER C 185 16.35 48.87 -5.59
C SER C 185 15.41 48.17 -6.57
N SER C 186 14.24 48.74 -6.74
CA SER C 186 13.21 48.23 -7.64
C SER C 186 12.44 49.41 -8.18
N SER C 187 12.45 49.58 -9.49
CA SER C 187 11.72 50.68 -10.13
C SER C 187 10.51 50.11 -10.85
N VAL C 188 9.45 50.91 -10.94
CA VAL C 188 8.24 50.49 -11.62
C VAL C 188 7.82 51.65 -12.46
N THR C 189 7.41 51.36 -13.69
CA THR C 189 6.94 52.41 -14.59
C THR C 189 5.43 52.31 -14.80
N VAL C 190 4.78 53.47 -14.77
CA VAL C 190 3.34 53.53 -14.96
C VAL C 190 2.95 54.83 -15.66
N PRO C 191 1.78 54.84 -16.30
CA PRO C 191 1.29 56.04 -16.99
C PRO C 191 1.30 57.29 -16.10
N SER C 192 2.07 58.30 -16.51
CA SER C 192 2.16 59.54 -15.75
C SER C 192 0.80 60.17 -15.90
N SER C 193 -0.18 59.52 -15.31
CA SER C 193 -1.58 59.96 -15.35
C SER C 193 -2.20 59.38 -14.10
N SER C 194 -1.73 58.18 -13.76
CA SER C 194 -2.17 57.42 -12.58
C SER C 194 -1.28 57.75 -11.39
N TRP C 195 -0.29 58.64 -11.60
CA TRP C 195 0.53 59.13 -10.52
C TRP C 195 1.21 60.44 -10.90
N PRO C 196 1.17 61.41 -9.99
CA PRO C 196 0.84 61.14 -8.58
C PRO C 196 -0.64 60.83 -8.40
N SER C 197 -1.38 60.77 -9.50
CA SER C 197 -2.80 60.48 -9.45
C SER C 197 -3.18 59.50 -8.35
N GLU C 198 -3.05 58.21 -8.65
CA GLU C 198 -3.36 57.16 -7.71
C GLU C 198 -2.12 57.04 -6.83
N THR C 199 -2.18 56.15 -5.85
CA THR C 199 -1.07 55.94 -4.93
C THR C 199 -0.23 54.71 -5.32
N VAL C 200 1.05 54.95 -5.63
CA VAL C 200 1.96 53.87 -6.01
C VAL C 200 2.80 53.43 -4.79
N THR C 201 2.31 52.43 -4.07
CA THR C 201 3.01 51.94 -2.88
C THR C 201 3.92 50.74 -3.16
N CYS C 202 5.11 50.78 -2.56
CA CYS C 202 6.12 49.73 -2.70
C CYS C 202 6.21 48.94 -1.40
N ASN C 203 5.94 47.63 -1.46
CA ASN C 203 5.97 46.78 -0.26
C ASN C 203 7.20 45.89 -0.01
N VAL C 204 8.19 46.45 0.67
CA VAL C 204 9.40 45.72 0.97
C VAL C 204 9.15 44.85 2.19
N ALA C 205 9.87 43.75 2.29
CA ALA C 205 9.74 42.83 3.43
C ALA C 205 11.06 42.09 3.66
N HIS C 206 11.37 41.87 4.93
CA HIS C 206 12.58 41.16 5.35
C HIS C 206 12.12 40.31 6.52
N PRO C 207 11.89 39.02 6.27
CA PRO C 207 11.44 38.18 7.39
C PRO C 207 12.48 38.23 8.50
N ALA C 208 13.74 38.13 8.10
CA ALA C 208 14.87 38.15 9.01
C ALA C 208 14.67 39.08 10.18
N SER C 209 14.62 40.38 9.91
CA SER C 209 14.45 41.36 10.96
C SER C 209 13.02 41.67 11.35
N SER C 210 12.07 40.85 10.89
CA SER C 210 10.66 41.09 11.18
C SER C 210 10.34 42.53 10.81
N THR C 211 10.74 42.91 9.59
CA THR C 211 10.53 44.25 9.08
C THR C 211 9.62 44.33 7.85
N LYS C 212 8.45 44.92 8.05
CA LYS C 212 7.48 45.12 6.99
C LYS C 212 7.33 46.60 6.76
N VAL C 213 7.57 47.01 5.53
CA VAL C 213 7.43 48.41 5.18
C VAL C 213 6.92 48.55 3.75
N ASP C 214 5.80 49.28 3.65
CA ASP C 214 5.15 49.57 2.39
C ASP C 214 5.39 51.04 2.14
N LYS C 215 6.54 51.38 1.59
CA LYS C 215 6.84 52.79 1.33
C LYS C 215 5.93 53.24 0.18
N LYS C 216 5.24 54.36 0.40
CA LYS C 216 4.33 54.90 -0.61
C LYS C 216 5.04 56.07 -1.31
N ILE C 217 5.45 55.86 -2.56
CA ILE C 217 6.15 56.88 -3.35
C ILE C 217 5.31 58.15 -3.49
N VAL C 218 5.89 59.32 -3.26
CA VAL C 218 5.10 60.55 -3.42
C VAL C 218 5.94 61.67 -4.02
N PRO C 219 5.31 62.53 -4.85
CA PRO C 219 6.01 63.64 -5.50
C PRO C 219 6.94 64.49 -4.61
N ARG C 220 8.19 64.63 -5.08
CA ARG C 220 9.22 65.38 -4.38
C ARG C 220 8.90 66.87 -4.21
N ALA C 221 9.34 67.46 -3.09
CA ALA C 221 9.11 68.88 -2.79
C ALA C 221 9.91 69.81 -3.74
N ASP D 1 33.72 10.18 -11.16
CA ASP D 1 32.32 10.62 -11.50
C ASP D 1 32.30 11.61 -12.67
N ILE D 2 31.51 11.25 -13.68
CA ILE D 2 31.40 12.01 -14.91
C ILE D 2 31.25 13.51 -14.78
N VAL D 3 31.82 14.22 -15.76
CA VAL D 3 31.75 15.66 -15.80
C VAL D 3 30.98 16.05 -17.06
N LEU D 4 29.74 16.47 -16.85
CA LEU D 4 28.88 16.93 -17.92
C LEU D 4 29.34 18.33 -18.23
N THR D 5 29.57 18.59 -19.51
CA THR D 5 30.03 19.89 -19.94
C THR D 5 29.07 20.43 -20.98
N GLN D 6 28.18 21.32 -20.56
CA GLN D 6 27.23 21.85 -21.51
C GLN D 6 27.91 22.83 -22.46
N SER D 7 27.87 22.49 -23.75
CA SER D 7 28.52 23.27 -24.81
C SER D 7 28.32 24.79 -24.79
N PRO D 8 27.22 25.32 -25.35
CA PRO D 8 27.18 26.78 -25.28
C PRO D 8 26.86 27.24 -23.85
N ALA D 9 27.68 28.16 -23.34
CA ALA D 9 27.49 28.69 -22.00
C ALA D 9 26.26 29.60 -22.01
N ILE D 10 26.09 30.30 -23.13
CA ILE D 10 24.95 31.20 -23.34
C ILE D 10 24.64 31.24 -24.84
N MET D 11 23.73 32.12 -25.23
CA MET D 11 23.33 32.29 -26.62
C MET D 11 21.99 33.01 -26.71
N SER D 12 21.68 33.51 -27.91
CA SER D 12 20.42 34.19 -28.16
C SER D 12 19.82 33.78 -29.51
N ALA D 13 18.50 33.73 -29.54
CA ALA D 13 17.74 33.34 -30.72
C ALA D 13 16.40 34.12 -30.76
N ALA D 14 15.80 34.24 -31.94
CA ALA D 14 14.54 34.97 -32.06
C ALA D 14 13.36 34.01 -32.18
N PRO D 15 12.19 34.36 -31.56
CA PRO D 15 10.96 33.55 -31.58
C PRO D 15 10.73 33.01 -32.98
N GLY D 16 10.51 31.70 -33.08
CA GLY D 16 10.37 31.07 -34.38
C GLY D 16 11.82 30.95 -34.84
N ASP D 17 12.48 29.88 -34.40
CA ASP D 17 13.86 29.67 -34.75
C ASP D 17 14.36 28.39 -34.11
N LYS D 18 15.07 27.58 -34.90
CA LYS D 18 15.61 26.32 -34.43
C LYS D 18 16.93 26.58 -33.66
N VAL D 19 17.00 26.00 -32.47
CA VAL D 19 18.16 26.15 -31.59
C VAL D 19 18.67 24.79 -31.09
N THR D 20 19.99 24.65 -31.04
CA THR D 20 20.63 23.43 -30.53
C THR D 20 21.78 23.80 -29.59
N MET D 21 21.87 23.06 -28.48
CA MET D 21 22.91 23.25 -27.47
C MET D 21 23.44 21.86 -27.10
N THR D 22 24.56 21.77 -26.39
CA THR D 22 25.08 20.44 -26.12
C THR D 22 25.35 20.02 -24.66
N CYS D 23 25.87 18.79 -24.51
CA CYS D 23 26.21 18.17 -23.24
C CYS D 23 27.28 17.12 -23.52
N SER D 24 28.51 17.45 -23.09
CA SER D 24 29.69 16.62 -23.31
C SER D 24 30.14 15.83 -22.06
N ALA D 25 30.07 14.50 -22.14
CA ALA D 25 30.43 13.62 -21.02
C ALA D 25 31.91 13.23 -20.85
N SER D 26 32.44 13.43 -19.64
CA SER D 26 33.83 13.12 -19.32
C SER D 26 34.09 11.64 -19.57
N SER D 27 33.01 10.88 -19.74
CA SER D 27 33.09 9.45 -20.01
C SER D 27 31.76 9.09 -20.61
N SER D 28 31.53 7.80 -20.79
CA SER D 28 30.28 7.34 -21.36
C SER D 28 29.10 7.66 -20.42
N VAL D 29 27.92 7.81 -21.01
CA VAL D 29 26.70 8.12 -20.25
C VAL D 29 25.50 7.55 -21.00
N SER D 30 24.33 7.51 -20.36
CA SER D 30 23.18 6.95 -21.06
C SER D 30 21.79 7.41 -20.60
N TYR D 31 21.03 7.97 -21.55
CA TYR D 31 19.68 8.47 -21.33
C TYR D 31 19.67 9.72 -20.48
N ILE D 32 20.61 10.63 -20.71
CA ILE D 32 20.64 11.83 -19.90
C ILE D 32 19.29 12.56 -19.86
N HIS D 33 19.22 13.58 -19.01
CA HIS D 33 18.01 14.37 -18.83
C HIS D 33 18.35 15.82 -18.93
N TRP D 34 17.33 16.64 -19.14
CA TRP D 34 17.52 18.08 -19.24
C TRP D 34 16.46 18.74 -18.41
N TYR D 35 16.87 19.74 -17.64
CA TYR D 35 15.92 20.45 -16.82
C TYR D 35 15.93 21.91 -17.25
N GLN D 36 14.75 22.52 -17.26
CA GLN D 36 14.65 23.92 -17.63
C GLN D 36 14.53 24.69 -16.32
N GLN D 37 15.33 25.75 -16.19
CA GLN D 37 15.29 26.54 -14.97
C GLN D 37 14.97 28.00 -15.24
N LYS D 38 13.70 28.36 -15.03
CA LYS D 38 13.23 29.75 -15.23
C LYS D 38 13.67 30.73 -14.12
N SER D 39 14.50 31.70 -14.53
CA SER D 39 15.05 32.72 -13.64
C SER D 39 14.24 32.94 -12.37
N GLY D 40 14.82 32.59 -11.24
CA GLY D 40 14.15 32.76 -9.97
C GLY D 40 13.15 31.65 -9.70
N THR D 41 13.23 30.59 -10.49
CA THR D 41 12.30 29.48 -10.30
C THR D 41 12.94 28.07 -10.17
N SER D 42 12.25 27.24 -9.39
CA SER D 42 12.68 25.88 -9.11
C SER D 42 12.66 25.01 -10.34
N PRO D 43 13.80 24.39 -10.68
CA PRO D 43 14.03 23.50 -11.81
C PRO D 43 12.91 22.54 -12.21
N LYS D 44 12.57 22.62 -13.50
CA LYS D 44 11.55 21.81 -14.14
C LYS D 44 12.20 20.76 -15.03
N ARG D 45 11.72 19.53 -14.92
CA ARG D 45 12.26 18.45 -15.73
C ARG D 45 11.65 18.50 -17.13
N TRP D 46 12.49 18.57 -18.17
CA TRP D 46 12.02 18.61 -19.55
C TRP D 46 12.17 17.25 -20.23
N ILE D 47 13.26 17.10 -20.97
CA ILE D 47 13.53 15.85 -21.67
C ILE D 47 14.08 14.83 -20.68
N TYR D 48 13.83 13.55 -20.94
CA TYR D 48 14.34 12.52 -20.05
C TYR D 48 14.58 11.19 -20.77
N ASP D 49 15.79 10.64 -20.58
CA ASP D 49 16.24 9.41 -21.21
C ASP D 49 16.62 9.83 -22.62
N THR D 50 17.40 10.90 -22.68
CA THR D 50 17.89 11.49 -23.91
C THR D 50 16.86 12.19 -24.77
N SER D 51 15.60 11.75 -24.74
CA SER D 51 14.59 12.38 -25.59
C SER D 51 13.19 12.61 -25.03
N LYS D 52 12.55 11.57 -24.51
CA LYS D 52 11.17 11.68 -24.00
C LYS D 52 10.77 13.06 -23.46
N LEU D 53 9.68 13.63 -23.97
CA LEU D 53 9.18 14.92 -23.50
C LEU D 53 8.32 14.66 -22.29
N THR D 54 8.56 15.40 -21.23
CA THR D 54 7.78 15.21 -20.02
C THR D 54 6.39 15.79 -20.20
N SER D 55 5.41 15.01 -19.76
CA SER D 55 4.01 15.35 -19.85
C SER D 55 3.69 16.84 -19.71
N GLY D 56 3.90 17.59 -20.78
CA GLY D 56 3.61 19.02 -20.77
C GLY D 56 4.63 19.81 -21.56
N VAL D 57 5.82 19.24 -21.74
CA VAL D 57 6.88 19.93 -22.47
C VAL D 57 6.40 20.26 -23.86
N PRO D 58 6.53 21.52 -24.26
CA PRO D 58 6.10 21.93 -25.60
C PRO D 58 6.75 21.04 -26.66
N VAL D 59 5.92 20.62 -27.62
CA VAL D 59 6.33 19.75 -28.71
C VAL D 59 7.51 20.21 -29.58
N ARG D 60 7.71 21.53 -29.70
CA ARG D 60 8.81 22.07 -30.50
C ARG D 60 10.13 21.58 -29.90
N PHE D 61 10.03 21.09 -28.67
CA PHE D 61 11.16 20.58 -27.90
C PHE D 61 11.49 19.14 -28.15
N SER D 62 12.78 18.84 -28.17
CA SER D 62 13.23 17.47 -28.36
C SER D 62 14.70 17.40 -27.95
N GLY D 63 15.57 17.06 -28.89
CA GLY D 63 16.96 16.96 -28.54
C GLY D 63 17.24 15.52 -28.19
N SER D 64 18.52 15.22 -28.11
CA SER D 64 19.01 13.90 -27.80
C SER D 64 20.49 13.87 -28.16
N GLY D 65 21.00 12.66 -28.34
CA GLY D 65 22.40 12.46 -28.68
C GLY D 65 22.69 11.10 -28.10
N SER D 66 23.95 10.80 -27.80
CA SER D 66 24.33 9.52 -27.20
C SER D 66 25.81 9.18 -27.13
N GLY D 67 26.11 8.05 -26.49
CA GLY D 67 27.50 7.67 -26.34
C GLY D 67 28.10 8.64 -25.35
N THR D 68 28.72 9.70 -25.86
CA THR D 68 29.32 10.71 -24.99
C THR D 68 29.00 12.15 -25.42
N SER D 69 27.85 12.36 -26.04
CA SER D 69 27.47 13.70 -26.47
C SER D 69 25.99 13.80 -26.85
N TYR D 70 25.26 14.60 -26.08
CA TYR D 70 23.84 14.76 -26.32
C TYR D 70 23.52 16.21 -26.61
N SER D 71 22.25 16.48 -26.83
CA SER D 71 21.88 17.84 -27.14
C SER D 71 20.41 18.13 -26.99
N LEU D 72 20.13 19.42 -26.79
CA LEU D 72 18.78 19.91 -26.63
C LEU D 72 18.52 20.72 -27.89
N THR D 73 17.31 20.56 -28.43
CA THR D 73 16.92 21.26 -29.65
C THR D 73 15.48 21.78 -29.58
N ILE D 74 15.28 23.01 -30.05
CA ILE D 74 13.94 23.61 -30.09
C ILE D 74 13.67 24.00 -31.54
N ASN D 75 12.69 23.34 -32.18
CA ASN D 75 12.38 23.68 -33.57
C ASN D 75 11.35 24.79 -33.59
N THR D 76 11.86 25.99 -33.88
CA THR D 76 11.09 27.22 -33.84
C THR D 76 10.98 27.44 -32.33
N MET D 77 11.91 28.25 -31.84
CA MET D 77 11.99 28.60 -30.44
C MET D 77 11.07 29.77 -30.18
N GLU D 78 10.05 29.58 -29.35
CA GLU D 78 9.14 30.68 -29.03
C GLU D 78 9.80 31.53 -27.94
N ALA D 79 8.97 32.38 -27.33
CA ALA D 79 9.39 33.28 -26.26
C ALA D 79 9.51 32.50 -24.96
N GLU D 80 8.47 31.73 -24.67
CA GLU D 80 8.40 30.95 -23.42
C GLU D 80 9.52 29.92 -23.22
N ASP D 81 10.66 30.14 -23.85
CA ASP D 81 11.80 29.25 -23.70
C ASP D 81 12.96 30.10 -23.18
N ALA D 82 12.62 31.04 -22.31
CA ALA D 82 13.61 31.93 -21.67
C ALA D 82 14.04 31.21 -20.37
N ALA D 83 15.32 30.82 -20.29
CA ALA D 83 15.80 30.12 -19.10
C ALA D 83 17.16 29.46 -19.31
N THR D 84 17.44 28.48 -18.45
CA THR D 84 18.69 27.74 -18.52
C THR D 84 18.40 26.26 -18.39
N TYR D 85 19.07 25.47 -19.23
CA TYR D 85 18.88 24.03 -19.24
C TYR D 85 20.12 23.40 -18.66
N TYR D 86 19.91 22.38 -17.81
CA TYR D 86 21.00 21.66 -17.16
C TYR D 86 20.90 20.19 -17.51
N CYS D 87 21.91 19.67 -18.18
CA CYS D 87 21.88 18.27 -18.53
C CYS D 87 22.47 17.51 -17.37
N GLN D 88 21.66 16.58 -16.86
CA GLN D 88 22.03 15.73 -15.74
C GLN D 88 22.05 14.26 -16.17
N GLN D 89 22.90 13.47 -15.53
CA GLN D 89 23.00 12.05 -15.84
C GLN D 89 22.95 11.32 -14.51
N TRP D 90 22.76 10.00 -14.57
CA TRP D 90 22.69 9.13 -13.38
C TRP D 90 22.69 7.67 -13.83
N SER D 91 23.30 7.45 -14.99
CA SER D 91 23.45 6.12 -15.58
C SER D 91 24.65 5.52 -14.84
N SER D 92 25.50 6.43 -14.38
CA SER D 92 26.70 6.11 -13.66
C SER D 92 26.67 6.95 -12.40
N HIS D 93 26.72 6.30 -11.24
CA HIS D 93 26.68 6.95 -9.94
C HIS D 93 28.06 7.41 -9.52
N PRO D 94 28.17 8.58 -8.88
CA PRO D 94 27.07 9.49 -8.54
C PRO D 94 26.70 10.43 -9.68
N GLN D 95 25.41 10.70 -9.79
CA GLN D 95 24.85 11.60 -10.80
C GLN D 95 25.52 12.95 -10.74
N THR D 96 25.75 13.54 -11.91
CA THR D 96 26.38 14.85 -12.00
C THR D 96 25.52 15.82 -12.81
N PHE D 97 26.02 17.04 -12.97
CA PHE D 97 25.27 18.04 -13.64
C PHE D 97 26.12 18.94 -14.54
N GLY D 98 25.57 19.31 -15.69
CA GLY D 98 26.26 20.19 -16.60
C GLY D 98 26.25 21.58 -16.00
N GLY D 99 27.18 22.43 -16.44
CA GLY D 99 27.28 23.79 -15.96
C GLY D 99 26.05 24.60 -16.47
N GLY D 100 25.23 23.93 -17.27
CA GLY D 100 24.05 24.54 -17.82
C GLY D 100 24.32 25.35 -19.09
N THR D 101 23.24 25.71 -19.77
CA THR D 101 23.32 26.54 -20.98
C THR D 101 22.18 27.54 -20.84
N LYS D 102 22.50 28.81 -21.04
CA LYS D 102 21.55 29.91 -20.86
C LYS D 102 20.89 30.29 -22.18
N LEU D 103 19.60 30.03 -22.28
CA LEU D 103 18.82 30.35 -23.47
C LEU D 103 18.22 31.75 -23.37
N GLU D 104 18.98 32.71 -23.89
CA GLU D 104 18.59 34.11 -23.91
C GLU D 104 18.02 34.50 -25.28
N ILE D 105 16.99 35.33 -25.24
CA ILE D 105 16.30 35.81 -26.44
C ILE D 105 17.00 36.94 -27.17
N LEU D 106 17.11 36.81 -28.49
CA LEU D 106 17.74 37.84 -29.41
C LEU D 106 16.61 38.75 -29.87
N ARG D 107 16.80 40.06 -29.70
CA ARG D 107 15.80 41.04 -30.10
C ARG D 107 16.27 42.41 -30.53
N ALA D 108 15.31 43.25 -30.94
CA ALA D 108 15.57 44.64 -31.34
C ALA D 108 16.39 45.45 -30.33
N ASP D 109 17.35 46.20 -30.86
CA ASP D 109 18.28 47.02 -30.10
C ASP D 109 17.72 48.19 -29.32
N ALA D 110 16.92 47.92 -28.29
CA ALA D 110 16.36 49.00 -27.49
C ALA D 110 17.44 49.85 -26.83
N ALA D 111 17.14 51.14 -26.69
CA ALA D 111 18.05 52.08 -26.06
C ALA D 111 17.63 52.34 -24.61
N PRO D 112 18.60 52.56 -23.74
CA PRO D 112 18.44 52.82 -22.31
C PRO D 112 17.45 53.93 -21.92
N THR D 113 16.47 53.60 -21.10
CA THR D 113 15.51 54.59 -20.65
C THR D 113 15.98 55.03 -19.27
N VAL D 114 16.93 55.96 -19.28
CA VAL D 114 17.53 56.49 -18.06
C VAL D 114 16.67 57.39 -17.17
N SER D 115 16.71 57.13 -15.88
CA SER D 115 15.94 57.89 -14.90
C SER D 115 16.81 58.02 -13.66
N ILE D 116 17.19 59.26 -13.34
CA ILE D 116 18.02 59.55 -12.19
C ILE D 116 17.19 60.20 -11.09
N PHE D 117 17.35 59.72 -9.86
CA PHE D 117 16.64 60.26 -8.70
C PHE D 117 17.57 60.81 -7.64
N PRO D 118 17.16 61.92 -7.00
CA PRO D 118 17.91 62.61 -5.95
C PRO D 118 17.69 61.94 -4.58
N PRO D 119 18.71 61.96 -3.72
CA PRO D 119 18.66 61.36 -2.38
C PRO D 119 17.38 61.66 -1.65
N SER D 120 16.66 60.62 -1.23
CA SER D 120 15.43 60.84 -0.48
C SER D 120 15.73 61.64 0.78
N SER D 121 14.83 62.53 1.16
CA SER D 121 14.99 63.37 2.36
C SER D 121 15.26 62.53 3.59
N GLU D 122 14.36 61.57 3.82
CA GLU D 122 14.45 60.66 4.96
C GLU D 122 15.90 60.24 5.13
N GLN D 123 16.38 59.48 4.16
CA GLN D 123 17.76 59.02 4.16
C GLN D 123 18.68 60.20 4.52
N LEU D 124 18.58 61.29 3.77
CA LEU D 124 19.43 62.43 4.06
C LEU D 124 19.35 62.79 5.52
N THR D 125 18.22 62.50 6.16
CA THR D 125 18.06 62.79 7.58
C THR D 125 18.48 61.59 8.41
N SER D 126 19.79 61.41 8.45
CA SER D 126 20.49 60.36 9.17
C SER D 126 21.78 60.16 8.37
N GLY D 127 22.44 61.27 8.07
CA GLY D 127 23.70 61.24 7.34
C GLY D 127 23.68 60.61 5.96
N GLY D 128 22.69 59.75 5.72
CA GLY D 128 22.58 59.07 4.44
C GLY D 128 22.43 59.97 3.23
N ALA D 129 22.88 59.48 2.08
CA ALA D 129 22.77 60.24 0.85
C ALA D 129 23.23 59.43 -0.35
N SER D 130 22.28 58.74 -0.98
CA SER D 130 22.52 57.92 -2.15
C SER D 130 21.78 58.57 -3.31
N VAL D 131 22.27 58.34 -4.53
CA VAL D 131 21.64 58.88 -5.71
C VAL D 131 21.42 57.78 -6.75
N VAL D 132 20.23 57.18 -6.72
CA VAL D 132 19.85 56.10 -7.62
C VAL D 132 19.59 56.53 -9.07
N CYS D 133 20.28 55.89 -10.02
CA CYS D 133 20.10 56.19 -11.44
C CYS D 133 19.74 54.90 -12.16
N PHE D 134 18.50 54.80 -12.64
CA PHE D 134 18.02 53.61 -13.34
C PHE D 134 18.32 53.66 -14.82
N LEU D 135 18.55 52.50 -15.42
CA LEU D 135 18.83 52.41 -16.85
C LEU D 135 17.97 51.27 -17.37
N ASN D 136 16.66 51.48 -17.26
CA ASN D 136 15.63 50.51 -17.65
C ASN D 136 15.40 50.24 -19.13
N ASN D 137 15.16 48.96 -19.41
CA ASN D 137 14.88 48.42 -20.73
C ASN D 137 15.89 48.76 -21.81
N PHE D 138 16.52 47.74 -22.37
CA PHE D 138 17.48 47.95 -23.44
C PHE D 138 18.10 46.65 -23.89
N TYR D 139 18.74 46.69 -25.06
CA TYR D 139 19.39 45.53 -25.64
C TYR D 139 20.54 46.08 -26.48
N PRO D 140 21.69 45.36 -26.52
CA PRO D 140 21.89 44.10 -25.80
C PRO D 140 22.11 44.41 -24.33
N LYS D 141 22.98 43.64 -23.68
CA LYS D 141 23.24 43.87 -22.26
C LYS D 141 24.43 44.76 -21.97
N ASP D 142 25.19 45.11 -23.00
CA ASP D 142 26.38 45.93 -22.79
C ASP D 142 26.21 47.42 -22.51
N ILE D 143 25.69 47.75 -21.33
CA ILE D 143 25.47 49.14 -20.93
C ILE D 143 26.54 49.57 -19.92
N ASN D 144 26.95 50.84 -19.95
CA ASN D 144 27.96 51.34 -19.01
C ASN D 144 27.60 52.70 -18.45
N VAL D 145 27.38 52.77 -17.13
CA VAL D 145 27.01 54.04 -16.50
C VAL D 145 28.26 54.85 -16.12
N LYS D 146 28.05 55.99 -15.45
CA LYS D 146 29.14 56.87 -15.03
C LYS D 146 28.63 58.05 -14.21
N TRP D 147 29.33 58.33 -13.11
CA TRP D 147 28.94 59.42 -12.24
C TRP D 147 29.86 60.64 -12.22
N LYS D 148 29.25 61.81 -12.25
CA LYS D 148 30.03 63.03 -12.19
C LYS D 148 29.43 64.00 -11.20
N ILE D 149 30.25 64.39 -10.23
CA ILE D 149 29.84 65.35 -9.22
C ILE D 149 30.54 66.66 -9.53
N ASP D 150 29.93 67.43 -10.43
CA ASP D 150 30.46 68.72 -10.85
C ASP D 150 31.62 68.56 -11.81
N GLY D 151 31.34 67.85 -12.90
CA GLY D 151 32.34 67.62 -13.92
C GLY D 151 33.45 66.73 -13.43
N SER D 152 33.22 66.06 -12.32
CA SER D 152 34.21 65.21 -11.83
C SER D 152 33.77 63.74 -11.78
N GLU D 153 34.34 62.92 -12.65
CA GLU D 153 34.00 61.51 -12.70
C GLU D 153 34.20 60.98 -11.23
N ARG D 154 33.23 60.16 -10.81
CA ARG D 154 33.19 59.65 -9.40
C ARG D 154 32.87 58.17 -9.43
N GLN D 155 33.86 57.35 -9.09
CA GLN D 155 33.68 55.90 -9.08
C GLN D 155 33.50 55.17 -7.82
N ASN D 156 33.72 55.85 -6.71
CA ASN D 156 33.54 55.24 -5.39
C ASN D 156 32.12 55.50 -4.90
N GLY D 157 31.52 54.52 -4.24
CA GLY D 157 30.18 54.73 -3.72
C GLY D 157 29.16 54.14 -4.64
N VAL D 158 29.62 53.79 -5.83
CA VAL D 158 28.79 53.21 -6.87
C VAL D 158 28.46 51.72 -6.68
N LEU D 159 27.24 51.34 -7.05
CA LEU D 159 26.75 49.94 -6.96
C LEU D 159 25.81 49.63 -8.12
N ASN D 160 26.21 48.68 -8.96
CA ASN D 160 25.43 48.31 -10.12
C ASN D 160 24.84 46.91 -10.06
N SER D 161 23.59 46.79 -10.50
CA SER D 161 22.92 45.51 -10.53
C SER D 161 22.09 45.47 -11.80
N TRP D 162 22.31 44.43 -12.60
CA TRP D 162 21.61 44.21 -13.85
C TRP D 162 20.50 43.18 -13.65
N THR D 163 19.38 43.34 -14.33
CA THR D 163 18.33 42.33 -14.18
C THR D 163 18.43 41.35 -15.31
N ASP D 164 17.71 40.24 -15.18
CA ASP D 164 17.66 39.19 -16.18
C ASP D 164 16.69 39.56 -17.29
N GLN D 165 16.89 38.99 -18.46
CA GLN D 165 16.03 39.26 -19.61
C GLN D 165 14.60 39.33 -19.19
N ASP D 166 13.93 40.43 -19.50
CA ASP D 166 12.51 40.62 -19.12
C ASP D 166 11.51 39.66 -19.81
N SER D 167 10.89 38.78 -19.02
CA SER D 167 9.92 37.93 -19.42
C SER D 167 8.62 38.57 -19.90
N LYS D 168 8.73 39.47 -20.87
CA LYS D 168 7.56 40.20 -21.36
C LYS D 168 7.96 41.24 -22.41
N ASP D 169 9.27 41.36 -22.64
CA ASP D 169 9.78 42.31 -23.63
C ASP D 169 11.25 41.94 -23.93
N SER D 170 11.72 40.81 -23.40
CA SER D 170 13.10 40.38 -23.60
C SER D 170 14.21 41.46 -23.52
N THR D 171 13.93 42.64 -22.95
CA THR D 171 14.99 43.65 -22.81
C THR D 171 15.64 43.52 -21.44
N TYR D 172 16.77 44.19 -21.25
CA TYR D 172 17.48 44.12 -19.98
C TYR D 172 17.19 45.33 -19.09
N SER D 173 18.13 45.63 -18.20
CA SER D 173 18.04 46.75 -17.27
C SER D 173 19.15 46.67 -16.22
N MET D 174 19.54 47.84 -15.71
CA MET D 174 20.62 47.93 -14.73
C MET D 174 20.55 49.20 -13.88
N SER D 175 20.62 49.04 -12.57
CA SER D 175 20.56 50.19 -11.65
C SER D 175 21.85 50.45 -10.88
N SER D 176 22.42 51.63 -11.09
CA SER D 176 23.62 52.07 -10.41
C SER D 176 23.23 53.09 -9.33
N THR D 177 23.55 52.77 -8.08
CA THR D 177 23.26 53.66 -6.97
C THR D 177 24.57 54.23 -6.44
N LEU D 178 24.68 55.55 -6.41
CA LEU D 178 25.90 56.19 -5.91
C LEU D 178 25.73 56.72 -4.48
N THR D 179 26.40 56.07 -3.53
CA THR D 179 26.30 56.44 -2.13
C THR D 179 27.42 57.35 -1.60
N LEU D 180 26.98 58.44 -0.98
CA LEU D 180 27.86 59.46 -0.40
C LEU D 180 27.41 59.69 1.02
N THR D 181 27.79 60.85 1.55
CA THR D 181 27.44 61.25 2.90
C THR D 181 26.81 62.64 2.80
N LYS D 182 26.02 63.02 3.80
CA LYS D 182 25.42 64.34 3.82
C LYS D 182 26.52 65.40 3.67
N ASP D 183 27.49 65.35 4.58
CA ASP D 183 28.60 66.30 4.57
C ASP D 183 29.24 66.37 3.17
N GLU D 184 29.61 65.20 2.64
CA GLU D 184 30.24 65.07 1.32
C GLU D 184 29.35 65.56 0.15
N TYR D 185 28.04 65.34 0.28
CA TYR D 185 27.03 65.73 -0.72
C TYR D 185 26.71 67.23 -0.65
N GLU D 186 26.43 67.70 0.55
CA GLU D 186 26.11 69.09 0.79
C GLU D 186 27.17 70.04 0.26
N ARG D 187 28.17 69.49 -0.41
CA ARG D 187 29.29 70.29 -0.94
C ARG D 187 29.57 69.96 -2.40
N HIS D 188 28.51 69.88 -3.19
CA HIS D 188 28.59 69.65 -4.65
C HIS D 188 27.17 69.79 -5.24
N ASN D 189 27.02 70.55 -6.33
CA ASN D 189 25.69 70.73 -6.90
C ASN D 189 25.31 69.90 -8.15
N SER D 190 26.15 69.92 -9.17
CA SER D 190 25.92 69.14 -10.39
C SER D 190 26.17 67.65 -10.09
N TYR D 191 25.17 66.81 -10.34
CA TYR D 191 25.29 65.37 -10.13
C TYR D 191 24.75 64.66 -11.36
N THR D 192 25.60 64.44 -12.35
CA THR D 192 25.19 63.79 -13.60
C THR D 192 25.34 62.26 -13.62
N CYS D 193 24.61 61.63 -14.53
CA CYS D 193 24.61 60.17 -14.73
C CYS D 193 24.67 59.97 -16.25
N GLU D 194 25.65 59.22 -16.76
CA GLU D 194 25.78 59.04 -18.20
C GLU D 194 25.78 57.59 -18.65
N ALA D 195 24.84 57.22 -19.52
CA ALA D 195 24.76 55.84 -20.02
C ALA D 195 25.40 55.74 -21.39
N THR D 196 26.32 54.79 -21.54
CA THR D 196 27.03 54.57 -22.80
C THR D 196 26.71 53.19 -23.35
N HIS D 197 25.98 53.18 -24.47
CA HIS D 197 25.52 51.92 -25.10
C HIS D 197 25.66 51.91 -26.62
N LYS D 198 25.44 50.72 -27.20
CA LYS D 198 25.48 50.50 -28.65
C LYS D 198 24.50 51.51 -29.27
N THR D 199 23.22 51.35 -28.93
CA THR D 199 22.13 52.19 -29.41
C THR D 199 22.43 53.67 -29.53
N SER D 200 23.48 54.16 -28.87
CA SER D 200 23.77 55.59 -29.00
C SER D 200 25.23 55.94 -29.24
N THR D 201 25.47 56.57 -30.40
CA THR D 201 26.80 56.98 -30.79
C THR D 201 27.44 57.96 -29.81
N SER D 202 26.73 58.27 -28.72
CA SER D 202 27.21 59.20 -27.70
C SER D 202 26.32 59.19 -26.44
N PRO D 203 26.90 59.44 -25.24
CA PRO D 203 26.30 59.49 -23.91
C PRO D 203 24.83 59.91 -23.75
N ILE D 204 24.07 59.06 -23.05
CA ILE D 204 22.66 59.29 -22.76
C ILE D 204 22.61 59.93 -21.38
N VAL D 205 23.25 61.07 -21.20
CA VAL D 205 23.28 61.71 -19.89
C VAL D 205 21.91 61.94 -19.25
N LYS D 206 21.97 62.42 -18.02
CA LYS D 206 20.81 62.71 -17.18
C LYS D 206 21.41 63.23 -15.89
N SER D 207 20.78 64.25 -15.29
CA SER D 207 21.28 64.83 -14.05
C SER D 207 20.33 65.83 -13.43
N PHE D 208 20.55 66.09 -12.14
CA PHE D 208 19.77 67.05 -11.37
C PHE D 208 20.75 68.01 -10.70
N ASN D 209 20.22 69.00 -10.01
CA ASN D 209 21.06 69.94 -9.29
C ASN D 209 20.50 69.93 -7.88
N ARG D 210 21.36 70.05 -6.87
CA ARG D 210 20.89 70.07 -5.49
C ARG D 210 19.96 71.27 -5.32
N ALA D 211 20.10 72.21 -6.24
CA ALA D 211 19.22 73.36 -6.37
C ALA D 211 17.93 72.94 -7.11
N VAL E 1 -0.74 1.37 19.19
CA VAL E 1 -2.15 1.32 18.70
C VAL E 1 -3.07 1.96 19.71
N ARG E 2 -3.53 3.17 19.41
CA ARG E 2 -4.36 3.85 20.37
C ARG E 2 -5.34 4.89 19.82
N LEU E 3 -6.48 4.97 20.46
CA LEU E 3 -7.54 5.91 20.10
C LEU E 3 -7.71 6.88 21.25
N LEU E 4 -7.49 8.15 20.98
CA LEU E 4 -7.60 9.15 22.02
C LEU E 4 -8.62 10.19 21.58
N GLU E 5 -9.83 10.07 22.10
CA GLU E 5 -10.85 11.03 21.73
C GLU E 5 -10.88 12.21 22.64
N SER E 6 -11.38 13.32 22.12
CA SER E 6 -11.50 14.55 22.89
C SER E 6 -12.73 15.32 22.43
N GLY E 7 -12.79 16.59 22.81
CA GLY E 7 -13.91 17.41 22.41
C GLY E 7 -15.06 17.38 23.40
N GLY E 8 -15.94 16.41 23.23
CA GLY E 8 -17.10 16.28 24.09
C GLY E 8 -16.92 16.90 25.46
N GLY E 9 -17.91 17.70 25.87
CA GLY E 9 -17.86 18.36 27.16
C GLY E 9 -19.24 18.75 27.65
N LEU E 10 -19.44 20.04 27.78
CA LEU E 10 -20.69 20.59 28.27
C LEU E 10 -21.48 21.33 27.17
N VAL E 11 -22.67 20.84 26.85
CA VAL E 11 -23.51 21.47 25.82
C VAL E 11 -24.90 21.69 26.40
N GLN E 12 -25.44 22.89 26.16
CA GLN E 12 -26.77 23.22 26.66
C GLN E 12 -27.84 22.58 25.77
N PRO E 13 -28.89 21.97 26.39
CA PRO E 13 -29.99 21.32 25.69
C PRO E 13 -30.32 21.94 24.33
N GLY E 14 -30.35 21.12 23.28
CA GLY E 14 -30.66 21.62 21.95
C GLY E 14 -29.44 22.00 21.11
N GLY E 15 -28.37 22.48 21.77
CA GLY E 15 -27.15 22.84 21.06
C GLY E 15 -26.39 21.62 20.51
N SER E 16 -25.26 21.87 19.85
CA SER E 16 -24.48 20.79 19.26
C SER E 16 -22.98 20.88 19.54
N LEU E 17 -22.34 19.71 19.62
CA LEU E 17 -20.90 19.62 19.86
C LEU E 17 -20.23 18.62 18.91
N LYS E 18 -18.97 18.89 18.56
CA LYS E 18 -18.20 18.01 17.68
C LYS E 18 -17.27 17.18 18.58
N LEU E 19 -17.02 15.94 18.19
CA LEU E 19 -16.13 15.09 18.95
C LEU E 19 -15.06 14.59 18.02
N SER E 20 -13.82 14.53 18.49
CA SER E 20 -12.74 14.02 17.65
C SER E 20 -12.26 12.70 18.25
N CYS E 21 -11.26 12.09 17.64
CA CYS E 21 -10.70 10.84 18.14
C CYS E 21 -9.38 10.59 17.45
N ALA E 22 -8.33 11.30 17.85
CA ALA E 22 -7.03 11.13 17.20
C ALA E 22 -6.56 9.69 17.27
N ALA E 23 -6.29 9.13 16.10
CA ALA E 23 -5.83 7.75 16.01
C ALA E 23 -4.32 7.71 15.81
N SER E 24 -3.69 6.73 16.43
CA SER E 24 -2.25 6.57 16.34
C SER E 24 -1.85 5.14 16.67
N GLY E 25 -0.87 4.63 15.94
CA GLY E 25 -0.42 3.28 16.18
C GLY E 25 -0.85 2.30 15.11
N PHE E 26 -1.49 2.80 14.05
CA PHE E 26 -1.95 1.94 12.98
C PHE E 26 -2.36 2.71 11.73
N ASP E 27 -2.63 1.99 10.65
CA ASP E 27 -3.04 2.63 9.42
C ASP E 27 -4.49 3.00 9.67
N TYR E 28 -4.71 4.24 10.04
CA TYR E 28 -6.04 4.72 10.31
C TYR E 28 -6.90 4.55 9.08
N SER E 29 -6.32 4.77 7.90
CA SER E 29 -7.05 4.56 6.65
C SER E 29 -7.16 3.04 6.63
N ARG E 30 -7.91 2.46 5.69
CA ARG E 30 -7.99 1.00 5.68
C ARG E 30 -8.85 0.45 6.82
N TYR E 31 -9.04 1.22 7.89
CA TYR E 31 -9.87 0.77 9.00
C TYR E 31 -11.23 1.47 9.08
N TRP E 32 -12.26 0.70 9.39
CA TRP E 32 -13.58 1.25 9.56
C TRP E 32 -13.68 1.79 10.98
N MET E 33 -14.06 3.04 11.14
CA MET E 33 -14.19 3.61 12.46
C MET E 33 -15.64 3.50 12.89
N SER E 34 -15.89 3.59 14.19
CA SER E 34 -17.23 3.48 14.72
C SER E 34 -17.35 4.34 15.96
N TRP E 35 -18.55 4.43 16.51
CA TRP E 35 -18.78 5.18 17.74
C TRP E 35 -19.70 4.36 18.63
N VAL E 36 -19.59 4.53 19.93
CA VAL E 36 -20.43 3.80 20.86
C VAL E 36 -20.51 4.71 22.08
N ARG E 37 -21.59 4.59 22.84
CA ARG E 37 -21.72 5.39 24.04
C ARG E 37 -22.29 4.61 25.21
N GLN E 38 -22.11 5.15 26.41
CA GLN E 38 -22.63 4.51 27.59
C GLN E 38 -23.34 5.55 28.41
N ALA E 39 -24.66 5.63 28.22
CA ALA E 39 -25.49 6.55 28.95
C ALA E 39 -25.39 6.02 30.37
N PRO E 40 -24.79 6.82 31.27
CA PRO E 40 -24.55 6.56 32.69
C PRO E 40 -25.51 5.54 33.31
N GLY E 41 -24.92 4.51 33.94
CA GLY E 41 -25.70 3.46 34.58
C GLY E 41 -26.30 2.42 33.63
N LYS E 42 -26.50 2.80 32.37
CA LYS E 42 -27.08 1.91 31.35
C LYS E 42 -26.01 1.16 30.52
N GLY E 43 -26.49 0.46 29.50
CA GLY E 43 -25.60 -0.30 28.64
C GLY E 43 -24.98 0.45 27.47
N LEU E 44 -24.18 -0.27 26.68
CA LEU E 44 -23.52 0.31 25.52
C LEU E 44 -24.45 0.39 24.31
N LYS E 45 -24.45 1.52 23.62
CA LYS E 45 -25.32 1.65 22.44
C LYS E 45 -24.57 2.22 21.23
N TRP E 46 -24.45 1.41 20.18
CA TRP E 46 -23.76 1.81 18.96
C TRP E 46 -24.37 3.08 18.41
N ILE E 47 -23.57 3.96 17.84
CA ILE E 47 -24.09 5.20 17.30
C ILE E 47 -23.85 5.33 15.81
N GLY E 48 -23.13 4.38 15.23
CA GLY E 48 -22.86 4.46 13.82
C GLY E 48 -21.42 4.20 13.45
N GLU E 49 -21.19 3.85 12.18
CA GLU E 49 -19.86 3.55 11.65
C GLU E 49 -19.51 4.40 10.46
N ILE E 50 -18.37 4.10 9.86
CA ILE E 50 -17.88 4.81 8.67
C ILE E 50 -16.71 4.04 8.04
N ASN E 51 -16.85 3.67 6.77
CA ASN E 51 -15.79 2.94 6.07
C ASN E 51 -14.54 3.82 5.79
N PRO E 52 -13.42 3.22 5.35
CA PRO E 52 -12.19 3.96 5.07
C PRO E 52 -12.31 5.20 4.21
N VAL E 53 -13.00 5.08 3.08
CA VAL E 53 -13.12 6.21 2.15
C VAL E 53 -14.27 7.16 2.42
N SER E 54 -15.18 6.77 3.31
CA SER E 54 -16.33 7.60 3.65
C SER E 54 -17.48 7.36 2.66
N SER E 55 -17.37 6.32 1.85
CA SER E 55 -18.42 6.01 0.88
C SER E 55 -19.55 5.27 1.57
N THR E 56 -19.53 5.26 2.90
CA THR E 56 -20.60 4.64 3.69
C THR E 56 -20.56 5.23 5.10
N ILE E 57 -21.73 5.55 5.63
CA ILE E 57 -21.84 6.10 6.97
C ILE E 57 -23.18 5.65 7.50
N ASN E 58 -23.26 4.40 7.92
CA ASN E 58 -24.52 3.93 8.46
C ASN E 58 -24.58 4.50 9.86
N TYR E 59 -25.79 4.57 10.41
CA TYR E 59 -26.03 5.07 11.75
C TYR E 59 -26.99 4.12 12.44
N THR E 60 -27.22 4.35 13.73
CA THR E 60 -28.14 3.55 14.50
C THR E 60 -29.48 4.24 14.28
N PRO E 61 -30.60 3.48 14.28
CA PRO E 61 -31.91 4.09 14.09
C PRO E 61 -32.01 5.41 14.87
N SER E 62 -31.48 6.47 14.29
CA SER E 62 -31.44 7.77 14.95
C SER E 62 -32.53 8.73 14.52
N LEU E 63 -32.12 9.89 14.00
CA LEU E 63 -33.04 10.92 13.53
C LEU E 63 -32.57 11.43 12.17
N LYS E 64 -33.01 12.63 11.81
CA LYS E 64 -32.62 13.25 10.55
C LYS E 64 -31.09 13.35 10.63
N ASP E 65 -30.59 14.48 11.10
CA ASP E 65 -29.17 14.67 11.25
C ASP E 65 -28.82 14.81 12.72
N LYS E 66 -29.32 13.88 13.53
CA LYS E 66 -29.03 13.91 14.94
C LYS E 66 -27.50 13.82 14.99
N PHE E 67 -26.98 12.71 14.48
CA PHE E 67 -25.55 12.45 14.42
C PHE E 67 -24.98 12.71 13.02
N ILE E 68 -23.67 12.95 12.93
CA ILE E 68 -23.03 13.19 11.65
C ILE E 68 -21.58 12.73 11.75
N ILE E 69 -21.36 11.43 11.60
CA ILE E 69 -20.00 10.89 11.69
C ILE E 69 -19.19 11.26 10.45
N SER E 70 -17.88 11.41 10.61
CA SER E 70 -17.01 11.78 9.50
C SER E 70 -15.55 11.63 9.89
N ARG E 71 -14.69 11.31 8.92
CA ARG E 71 -13.27 11.13 9.21
C ARG E 71 -12.43 12.08 8.39
N ASP E 72 -11.13 12.02 8.59
CA ASP E 72 -10.17 12.87 7.89
C ASP E 72 -8.86 12.11 7.90
N ASN E 73 -8.79 11.03 7.14
CA ASN E 73 -7.59 10.20 7.08
C ASN E 73 -6.26 10.96 7.08
N ALA E 74 -6.26 12.19 6.55
CA ALA E 74 -5.04 13.00 6.51
C ALA E 74 -4.52 13.30 7.91
N LYS E 75 -5.46 13.52 8.83
CA LYS E 75 -5.13 13.83 10.23
C LYS E 75 -5.21 12.59 11.12
N ASP E 76 -5.66 11.47 10.56
CA ASP E 76 -5.78 10.27 11.33
C ASP E 76 -6.75 10.58 12.47
N THR E 77 -7.88 11.20 12.14
CA THR E 77 -8.87 11.56 13.16
C THR E 77 -10.30 11.23 12.81
N LEU E 78 -11.03 10.70 13.78
CA LEU E 78 -12.44 10.37 13.57
C LEU E 78 -13.25 11.49 14.18
N TYR E 79 -14.47 11.71 13.70
CA TYR E 79 -15.34 12.75 14.23
C TYR E 79 -16.77 12.30 14.53
N LEU E 80 -17.51 13.19 15.19
CA LEU E 80 -18.89 12.95 15.57
C LEU E 80 -19.51 14.31 15.81
N GLN E 81 -20.63 14.57 15.14
CA GLN E 81 -21.31 15.83 15.33
C GLN E 81 -22.68 15.53 15.86
N ILE E 82 -22.91 15.89 17.12
CA ILE E 82 -24.23 15.69 17.70
C ILE E 82 -24.85 17.07 17.76
N SER E 83 -26.12 17.16 17.37
CA SER E 83 -26.83 18.43 17.36
C SER E 83 -28.20 18.24 17.98
N LYS E 84 -28.73 19.33 18.55
CA LYS E 84 -30.03 19.28 19.20
C LYS E 84 -29.91 18.35 20.42
N VAL E 85 -28.81 18.49 21.15
CA VAL E 85 -28.58 17.64 22.31
C VAL E 85 -29.72 17.62 23.37
N ARG E 86 -29.90 16.47 24.01
CA ARG E 86 -30.90 16.31 25.05
C ARG E 86 -30.39 15.31 26.08
N SER E 87 -30.99 15.31 27.28
CA SER E 87 -30.57 14.41 28.35
C SER E 87 -30.28 12.98 27.91
N GLU E 88 -30.99 12.51 26.87
CA GLU E 88 -30.76 11.15 26.40
C GLU E 88 -29.39 11.06 25.77
N ASP E 89 -28.92 12.19 25.23
CA ASP E 89 -27.61 12.28 24.58
C ASP E 89 -26.49 12.68 25.55
N THR E 90 -26.59 12.25 26.80
CA THR E 90 -25.55 12.57 27.77
C THR E 90 -24.90 11.29 28.29
N ALA E 91 -23.66 11.06 27.86
CA ALA E 91 -22.91 9.88 28.27
C ALA E 91 -21.42 9.94 27.91
N LEU E 92 -20.80 8.77 27.95
CA LEU E 92 -19.39 8.64 27.61
C LEU E 92 -19.30 8.15 26.17
N TYR E 93 -18.72 8.96 25.30
CA TYR E 93 -18.62 8.60 23.91
C TYR E 93 -17.35 7.90 23.50
N TYR E 94 -17.46 6.60 23.28
CA TYR E 94 -16.35 5.77 22.87
C TYR E 94 -16.12 5.79 21.37
N CYS E 95 -14.87 5.65 21.00
CA CYS E 95 -14.45 5.64 19.64
C CYS E 95 -13.87 4.26 19.43
N ALA E 96 -14.26 3.58 18.37
CA ALA E 96 -13.72 2.25 18.16
C ALA E 96 -13.23 1.99 16.75
N ARG E 97 -12.39 0.97 16.64
CA ARG E 97 -11.80 0.54 15.37
C ARG E 97 -12.43 -0.83 15.14
N LEU E 98 -13.15 -0.95 14.03
CA LEU E 98 -13.85 -2.19 13.71
C LEU E 98 -13.05 -3.27 12.99
N TYR E 99 -13.39 -4.52 13.26
CA TYR E 99 -12.74 -5.63 12.58
C TYR E 99 -13.60 -6.88 12.65
N TYR E 100 -13.06 -8.00 12.18
CA TYR E 100 -13.84 -9.23 12.17
C TYR E 100 -13.01 -10.50 12.27
N GLY E 101 -13.69 -11.58 12.63
CA GLY E 101 -13.02 -12.85 12.75
C GLY E 101 -13.38 -13.61 11.50
N TYR E 102 -14.36 -14.49 11.64
CA TYR E 102 -14.83 -15.26 10.51
C TYR E 102 -15.51 -14.31 9.53
N GLY E 103 -16.14 -13.27 10.06
CA GLY E 103 -16.77 -12.29 9.18
C GLY E 103 -17.76 -11.41 9.90
N TYR E 104 -18.15 -11.82 11.11
CA TYR E 104 -19.11 -11.07 11.92
C TYR E 104 -18.38 -10.02 12.73
N TRP E 105 -18.52 -8.76 12.32
CA TRP E 105 -17.82 -7.65 12.93
C TRP E 105 -17.92 -7.40 14.43
N TYR E 106 -16.93 -6.69 14.96
CA TYR E 106 -16.85 -6.36 16.37
C TYR E 106 -16.04 -5.10 16.58
N PHE E 107 -16.08 -4.56 17.80
CA PHE E 107 -15.33 -3.36 18.15
C PHE E 107 -13.99 -3.82 18.71
N ASP E 108 -13.04 -3.87 17.80
CA ASP E 108 -11.69 -4.33 18.07
C ASP E 108 -10.89 -3.62 19.14
N VAL E 109 -10.79 -2.30 19.06
CA VAL E 109 -10.05 -1.52 20.03
C VAL E 109 -10.80 -0.26 20.37
N TRP E 110 -11.15 -0.09 21.63
CA TRP E 110 -11.88 1.09 22.06
C TRP E 110 -10.93 2.12 22.64
N GLY E 111 -11.31 3.38 22.52
CA GLY E 111 -10.51 4.46 23.04
C GLY E 111 -10.88 4.66 24.49
N ALA E 112 -10.39 5.72 25.10
CA ALA E 112 -10.69 5.97 26.50
C ALA E 112 -12.13 6.39 26.62
N GLY E 113 -12.51 7.37 25.80
CA GLY E 113 -13.86 7.90 25.80
C GLY E 113 -13.89 9.39 26.10
N THR E 114 -15.06 9.99 25.94
CA THR E 114 -15.23 11.39 26.25
C THR E 114 -16.63 11.56 26.76
N THR E 115 -16.80 12.40 27.78
CA THR E 115 -18.11 12.60 28.37
C THR E 115 -18.77 13.86 27.86
N VAL E 116 -20.02 13.69 27.44
CA VAL E 116 -20.82 14.81 26.93
C VAL E 116 -21.94 15.05 27.95
N THR E 117 -21.90 16.22 28.57
CA THR E 117 -22.90 16.59 29.56
C THR E 117 -23.83 17.62 28.92
N VAL E 118 -25.08 17.21 28.71
CA VAL E 118 -26.09 18.10 28.11
C VAL E 118 -26.76 18.85 29.25
N SER E 119 -26.48 20.14 29.37
CA SER E 119 -27.10 20.90 30.45
C SER E 119 -26.76 22.39 30.48
N SER E 120 -27.78 23.16 30.85
CA SER E 120 -27.66 24.60 30.91
C SER E 120 -26.93 25.06 32.16
N ALA E 121 -26.04 24.21 32.67
CA ALA E 121 -25.27 24.55 33.85
C ALA E 121 -24.10 25.45 33.44
N LYS E 122 -23.03 25.44 34.22
CA LYS E 122 -21.88 26.27 33.87
C LYS E 122 -20.57 25.53 34.18
N THR E 123 -19.54 25.88 33.42
CA THR E 123 -18.23 25.26 33.57
C THR E 123 -17.45 25.86 34.71
N THR E 124 -17.07 24.99 35.64
CA THR E 124 -16.32 25.40 36.81
C THR E 124 -15.06 24.56 36.94
N PRO E 125 -13.90 25.21 36.98
CA PRO E 125 -12.67 24.43 37.12
C PRO E 125 -12.67 23.84 38.52
N PRO E 126 -11.90 22.76 38.73
CA PRO E 126 -11.87 22.14 40.05
C PRO E 126 -10.99 22.91 41.06
N SER E 127 -11.26 22.71 42.33
CA SER E 127 -10.47 23.36 43.36
C SER E 127 -9.79 22.23 44.11
N VAL E 128 -8.47 22.31 44.20
CA VAL E 128 -7.68 21.25 44.84
C VAL E 128 -7.00 21.71 46.12
N TYR E 129 -7.17 20.92 47.18
CA TYR E 129 -6.57 21.22 48.48
C TYR E 129 -5.73 20.03 48.94
N PRO E 130 -4.47 20.26 49.33
CA PRO E 130 -3.67 19.11 49.77
C PRO E 130 -4.28 18.54 51.04
N LEU E 131 -4.08 17.24 51.25
CA LEU E 131 -4.59 16.60 52.45
C LEU E 131 -3.52 15.77 53.15
N ALA E 132 -2.62 16.47 53.82
CA ALA E 132 -1.54 15.86 54.58
C ALA E 132 -2.11 15.50 55.96
N PRO E 133 -1.38 14.67 56.74
CA PRO E 133 -1.77 14.22 58.10
C PRO E 133 -1.82 15.30 59.17
N GLY E 134 -2.59 15.04 60.24
CA GLY E 134 -2.71 15.99 61.36
C GLY E 134 -1.67 15.78 62.48
N SER E 135 -0.39 15.97 62.11
CA SER E 135 0.76 15.79 63.00
C SER E 135 0.53 14.77 64.13
N ALA E 136 0.39 13.51 63.71
CA ALA E 136 0.18 12.39 64.62
C ALA E 136 1.15 11.30 64.16
N ALA E 137 2.39 11.75 63.91
CA ALA E 137 3.51 10.95 63.44
C ALA E 137 3.62 9.50 63.94
N ALA E 138 2.63 9.07 64.74
CA ALA E 138 2.55 7.70 65.27
C ALA E 138 2.52 6.76 64.04
N ALA E 139 2.78 7.38 62.89
CA ALA E 139 2.82 6.74 61.59
C ALA E 139 3.42 5.32 61.60
N ALA E 140 2.69 4.37 61.03
CA ALA E 140 3.21 3.01 60.92
C ALA E 140 4.20 3.16 59.75
N SER E 141 4.84 2.07 59.34
CA SER E 141 5.78 2.12 58.21
C SER E 141 5.13 2.88 57.07
N MET E 142 3.88 2.48 56.78
CA MET E 142 3.06 3.04 55.73
C MET E 142 2.20 4.20 56.24
N VAL E 143 2.04 5.21 55.40
CA VAL E 143 1.24 6.39 55.75
C VAL E 143 0.45 6.98 54.56
N THR E 144 -0.87 7.05 54.72
CA THR E 144 -1.83 7.56 53.74
C THR E 144 -1.93 9.09 53.56
N LEU E 145 -1.53 9.60 52.40
CA LEU E 145 -1.65 11.04 52.13
C LEU E 145 -3.03 11.29 51.53
N GLY E 146 -3.08 11.62 50.25
CA GLY E 146 -4.37 11.83 49.57
C GLY E 146 -5.04 13.21 49.55
N CYS E 147 -5.11 13.84 48.37
CA CYS E 147 -5.71 15.17 48.22
C CYS E 147 -7.21 15.18 47.86
N LEU E 148 -7.87 16.32 48.11
CA LEU E 148 -9.30 16.52 47.88
C LEU E 148 -9.65 17.49 46.74
N VAL E 149 -10.56 17.07 45.86
CA VAL E 149 -10.97 17.89 44.72
C VAL E 149 -12.44 18.23 44.85
N LYS E 150 -12.74 19.52 44.96
CA LYS E 150 -14.12 19.92 45.10
C LYS E 150 -14.46 21.14 44.26
N GLY E 151 -15.74 21.28 43.93
CA GLY E 151 -16.22 22.43 43.19
C GLY E 151 -15.95 22.51 41.71
N TYR E 152 -16.23 21.42 41.00
CA TYR E 152 -16.03 21.39 39.54
C TYR E 152 -17.25 20.86 38.77
N PHE E 153 -17.27 21.14 37.48
CA PHE E 153 -18.38 20.69 36.65
C PHE E 153 -17.99 20.91 35.18
N PRO E 154 -18.30 19.93 34.31
CA PRO E 154 -18.99 18.69 34.65
C PRO E 154 -17.99 17.60 34.98
N GLU E 155 -18.47 16.38 35.14
CA GLU E 155 -17.60 15.23 35.40
C GLU E 155 -16.97 14.92 34.04
N PRO E 156 -15.84 14.20 34.02
CA PRO E 156 -15.17 13.71 35.21
C PRO E 156 -13.84 14.40 35.35
N VAL E 157 -13.17 14.18 36.47
CA VAL E 157 -11.84 14.71 36.66
C VAL E 157 -11.04 13.44 36.77
N THR E 158 -9.73 13.57 36.60
CA THR E 158 -8.87 12.41 36.69
C THR E 158 -7.76 12.74 37.65
N VAL E 159 -7.41 11.77 38.49
CA VAL E 159 -6.37 11.99 39.46
C VAL E 159 -5.28 10.95 39.42
N THR E 160 -4.04 11.45 39.44
CA THR E 160 -2.87 10.60 39.48
C THR E 160 -1.96 11.20 40.55
N TRP E 161 -0.96 10.43 40.96
CA TRP E 161 -0.01 10.89 41.95
C TRP E 161 1.38 10.70 41.35
N ASN E 162 2.17 11.76 41.44
CA ASN E 162 3.51 11.78 40.90
C ASN E 162 3.44 11.37 39.44
N SER E 163 2.39 11.84 38.77
CA SER E 163 2.19 11.53 37.36
C SER E 163 2.05 10.03 37.15
N GLY E 164 1.23 9.39 37.97
CA GLY E 164 1.02 7.98 37.82
C GLY E 164 2.27 7.16 38.04
N SER E 165 3.42 7.83 38.17
CA SER E 165 4.65 7.10 38.41
C SER E 165 4.39 6.40 39.73
N LEU E 166 3.68 7.11 40.63
CA LEU E 166 3.28 6.57 41.94
C LEU E 166 1.90 5.93 41.72
N ALA E 167 1.89 4.75 41.10
CA ALA E 167 0.67 4.04 40.76
C ALA E 167 0.10 3.10 41.82
N ALA E 168 0.93 2.21 42.36
CA ALA E 168 0.46 1.25 43.38
C ALA E 168 -0.03 1.88 44.68
N GLY E 169 -1.13 1.34 45.21
CA GLY E 169 -1.67 1.85 46.46
C GLY E 169 -2.31 3.22 46.34
N VAL E 170 -3.23 3.34 45.40
CA VAL E 170 -3.93 4.60 45.18
C VAL E 170 -5.41 4.33 45.04
N HIS E 171 -6.22 5.15 45.71
CA HIS E 171 -7.67 4.99 45.62
C HIS E 171 -8.25 6.35 45.36
N THR E 172 -9.08 6.43 44.32
CA THR E 172 -9.75 7.67 43.96
C THR E 172 -11.22 7.30 44.06
N PHE E 173 -11.98 8.10 44.78
CA PHE E 173 -13.37 7.78 44.99
C PHE E 173 -14.30 8.47 43.99
N PRO E 174 -15.42 7.82 43.66
CA PRO E 174 -16.39 8.36 42.72
C PRO E 174 -16.91 9.67 43.26
N ALA E 175 -17.09 10.66 42.39
CA ALA E 175 -17.58 11.95 42.84
C ALA E 175 -19.07 11.89 43.14
N VAL E 176 -19.53 12.89 43.87
CA VAL E 176 -20.94 12.97 44.22
C VAL E 176 -21.36 14.38 43.87
N LEU E 177 -22.62 14.52 43.47
CA LEU E 177 -23.11 15.84 43.08
C LEU E 177 -23.28 16.71 44.30
N GLN E 178 -22.99 18.01 44.13
CA GLN E 178 -23.07 19.00 45.20
C GLN E 178 -23.99 20.19 44.84
N ALA E 179 -25.24 19.84 44.52
CA ALA E 179 -26.27 20.80 44.14
C ALA E 179 -25.75 21.86 43.20
N ALA E 180 -24.84 21.47 42.29
CA ALA E 180 -24.26 22.38 41.31
C ALA E 180 -22.90 21.91 40.83
N LEU E 181 -22.09 21.43 41.78
CA LEU E 181 -20.74 20.96 41.49
C LEU E 181 -20.48 19.54 41.99
N TYR E 182 -19.37 18.94 41.56
CA TYR E 182 -19.03 17.59 41.97
C TYR E 182 -17.81 17.67 42.86
N THR E 183 -17.61 16.64 43.67
CA THR E 183 -16.45 16.57 44.55
C THR E 183 -16.02 15.13 44.75
N LEU E 184 -14.72 14.95 44.95
CA LEU E 184 -14.12 13.63 45.20
C LEU E 184 -12.71 13.88 45.69
N SER E 185 -12.13 12.88 46.30
CA SER E 185 -10.76 13.01 46.76
C SER E 185 -10.07 11.68 46.52
N SER E 186 -8.75 11.68 46.64
CA SER E 186 -7.98 10.46 46.42
C SER E 186 -7.09 10.31 47.64
N SER E 187 -6.68 9.08 47.95
CA SER E 187 -5.79 8.81 49.07
C SER E 187 -4.60 8.00 48.56
N VAL E 188 -3.44 8.10 49.20
CA VAL E 188 -2.30 7.33 48.70
C VAL E 188 -1.33 6.71 49.72
N THR E 189 -1.64 5.54 50.24
CA THR E 189 -0.75 4.85 51.19
C THR E 189 0.69 4.84 50.68
N VAL E 190 1.67 5.06 51.57
CA VAL E 190 3.08 5.06 51.17
C VAL E 190 4.07 4.82 52.31
N PRO E 191 5.31 4.47 51.97
CA PRO E 191 6.35 4.22 52.96
C PRO E 191 6.78 5.58 53.52
N SER E 192 6.76 5.69 54.85
CA SER E 192 7.12 6.93 55.52
C SER E 192 8.56 7.31 55.20
N SER E 193 9.35 6.30 54.85
CA SER E 193 10.75 6.52 54.49
C SER E 193 10.83 7.26 53.15
N SER E 194 9.71 7.34 52.44
CA SER E 194 9.67 7.99 51.14
C SER E 194 9.13 9.43 51.19
N TRP E 195 8.38 9.72 52.24
CA TRP E 195 7.83 11.06 52.43
C TRP E 195 8.20 11.52 53.84
N PRO E 196 8.62 12.79 54.00
CA PRO E 196 8.79 13.84 53.00
C PRO E 196 10.14 13.85 52.31
N SER E 197 10.83 12.70 52.35
CA SER E 197 12.16 12.55 51.73
C SER E 197 12.06 12.68 50.20
N GLU E 198 10.83 12.63 49.69
CA GLU E 198 10.60 12.78 48.26
C GLU E 198 9.30 13.55 48.01
N THR E 199 9.18 14.10 46.80
CA THR E 199 7.99 14.85 46.42
C THR E 199 6.76 13.95 46.34
N VAL E 200 5.60 14.57 46.50
CA VAL E 200 4.33 13.87 46.42
C VAL E 200 3.31 14.85 45.89
N THR E 201 3.02 14.73 44.59
CA THR E 201 2.06 15.61 43.95
C THR E 201 0.88 14.84 43.39
N CYS E 202 -0.32 15.32 43.67
CA CYS E 202 -1.53 14.70 43.13
C CYS E 202 -1.78 15.55 41.90
N ASN E 203 -1.90 14.90 40.75
CA ASN E 203 -2.12 15.63 39.51
C ASN E 203 -3.58 15.51 39.12
N VAL E 204 -4.33 16.60 39.32
CA VAL E 204 -5.75 16.63 39.02
C VAL E 204 -6.00 17.18 37.63
N ALA E 205 -6.95 16.58 36.93
CA ALA E 205 -7.28 17.01 35.58
C ALA E 205 -8.78 17.11 35.34
N HIS E 206 -9.17 18.16 34.63
CA HIS E 206 -10.55 18.41 34.28
C HIS E 206 -10.55 18.76 32.81
N PRO E 207 -10.91 17.79 31.94
CA PRO E 207 -10.93 18.04 30.49
C PRO E 207 -11.88 19.16 30.10
N ALA E 208 -13.07 19.16 30.68
CA ALA E 208 -14.01 20.20 30.38
C ALA E 208 -13.35 21.57 30.41
N SER E 209 -12.92 21.98 31.58
CA SER E 209 -12.31 23.28 31.75
C SER E 209 -10.86 23.40 31.34
N SER E 210 -10.36 22.41 30.60
CA SER E 210 -8.98 22.41 30.13
C SER E 210 -8.08 22.96 31.21
N THR E 211 -8.29 22.47 32.43
CA THR E 211 -7.55 22.90 33.60
C THR E 211 -6.71 21.75 34.13
N LYS E 212 -5.56 22.09 34.69
CA LYS E 212 -4.66 21.12 35.27
C LYS E 212 -4.13 21.70 36.58
N VAL E 213 -4.40 21.02 37.68
CA VAL E 213 -3.99 21.47 39.01
C VAL E 213 -3.12 20.43 39.70
N ASP E 214 -1.82 20.71 39.75
CA ASP E 214 -0.88 19.81 40.40
C ASP E 214 -0.55 20.31 41.80
N LYS E 215 -1.13 19.64 42.78
CA LYS E 215 -0.97 20.01 44.17
C LYS E 215 0.04 19.18 44.94
N LYS E 216 1.18 19.78 45.27
CA LYS E 216 2.19 19.05 46.04
C LYS E 216 1.71 18.98 47.49
N ILE E 217 1.59 17.75 47.98
CA ILE E 217 1.13 17.47 49.34
C ILE E 217 2.07 18.06 50.37
N VAL E 218 1.55 19.05 51.10
CA VAL E 218 2.35 19.75 52.10
C VAL E 218 2.11 19.28 53.54
N PRO E 219 3.14 18.67 54.16
CA PRO E 219 3.04 18.18 55.53
C PRO E 219 2.84 19.42 56.38
N ARG E 220 1.64 19.55 56.96
CA ARG E 220 1.32 20.72 57.75
C ARG E 220 2.43 21.14 58.67
N ALA E 221 2.57 22.47 58.84
CA ALA E 221 3.60 23.08 59.68
C ALA E 221 3.50 22.66 61.16
N ASP F 1 -33.24 -4.83 15.24
CA ASP F 1 -32.24 -4.70 16.33
C ASP F 1 -32.51 -5.71 17.45
N ILE F 2 -31.75 -6.81 17.43
CA ILE F 2 -31.89 -7.85 18.43
C ILE F 2 -31.73 -7.23 19.82
N VAL F 3 -32.27 -7.90 20.82
CA VAL F 3 -32.14 -7.44 22.19
C VAL F 3 -31.56 -8.60 22.95
N LEU F 4 -30.29 -8.43 23.30
CA LEU F 4 -29.55 -9.45 24.04
C LEU F 4 -29.77 -9.18 25.53
N THR F 5 -29.93 -10.26 26.28
CA THR F 5 -30.18 -10.18 27.69
C THR F 5 -29.25 -11.10 28.46
N GLN F 6 -28.50 -10.53 29.40
CA GLN F 6 -27.54 -11.33 30.15
C GLN F 6 -27.99 -11.96 31.46
N SER F 7 -27.51 -13.19 31.65
CA SER F 7 -27.79 -14.04 32.81
C SER F 7 -27.91 -13.31 34.14
N PRO F 8 -26.92 -13.43 35.07
CA PRO F 8 -27.14 -12.68 36.31
C PRO F 8 -26.61 -11.27 36.10
N ALA F 9 -27.41 -10.24 36.34
CA ALA F 9 -26.91 -8.88 36.13
C ALA F 9 -25.70 -8.67 37.06
N ILE F 10 -25.71 -9.38 38.18
CA ILE F 10 -24.64 -9.33 39.16
C ILE F 10 -24.55 -10.69 39.84
N MET F 11 -23.34 -11.16 40.06
CA MET F 11 -23.16 -12.46 40.69
C MET F 11 -21.87 -12.47 41.48
N SER F 12 -21.76 -13.39 42.42
CA SER F 12 -20.57 -13.47 43.23
C SER F 12 -20.01 -14.86 43.20
N ALA F 13 -18.70 -14.99 43.29
CA ALA F 13 -18.10 -16.31 43.28
C ALA F 13 -16.75 -16.26 43.91
N ALA F 14 -16.42 -17.31 44.63
CA ALA F 14 -15.14 -17.43 45.30
C ALA F 14 -14.15 -17.93 44.27
N PRO F 15 -12.94 -17.34 44.20
CA PRO F 15 -12.00 -17.84 43.22
C PRO F 15 -11.89 -19.37 43.24
N GLY F 16 -11.47 -19.94 42.12
CA GLY F 16 -11.34 -21.39 42.04
C GLY F 16 -12.67 -21.99 41.68
N ASP F 17 -13.68 -21.15 41.81
CA ASP F 17 -15.06 -21.47 41.50
C ASP F 17 -15.19 -21.48 39.97
N LYS F 18 -16.00 -22.39 39.42
CA LYS F 18 -16.17 -22.37 37.97
C LYS F 18 -17.32 -21.40 37.76
N VAL F 19 -17.13 -20.38 36.95
CA VAL F 19 -18.18 -19.39 36.76
C VAL F 19 -18.69 -19.21 35.35
N THR F 20 -20.01 -19.30 35.19
CA THR F 20 -20.68 -19.17 33.91
C THR F 20 -21.77 -18.11 33.95
N MET F 21 -21.92 -17.37 32.85
CA MET F 21 -22.93 -16.32 32.69
C MET F 21 -23.57 -16.43 31.31
N THR F 22 -24.80 -15.99 31.18
CA THR F 22 -25.54 -16.09 29.93
C THR F 22 -25.91 -14.81 29.20
N CYS F 23 -26.11 -14.95 27.88
CA CYS F 23 -26.48 -13.85 27.00
C CYS F 23 -27.43 -14.47 25.97
N SER F 24 -28.68 -14.01 25.98
CA SER F 24 -29.72 -14.53 25.11
C SER F 24 -30.28 -13.49 24.15
N ALA F 25 -30.63 -13.94 22.95
CA ALA F 25 -31.17 -13.04 21.93
C ALA F 25 -32.64 -13.32 21.59
N SER F 26 -33.36 -12.24 21.31
CA SER F 26 -34.78 -12.28 20.96
C SER F 26 -34.97 -13.01 19.62
N SER F 27 -33.99 -12.87 18.74
CA SER F 27 -34.01 -13.54 17.46
C SER F 27 -32.81 -14.48 17.52
N SER F 28 -32.41 -15.03 16.38
CA SER F 28 -31.27 -15.93 16.42
C SER F 28 -29.99 -15.27 15.93
N VAL F 29 -29.06 -15.04 16.84
CA VAL F 29 -27.79 -14.43 16.44
C VAL F 29 -26.78 -15.58 16.39
N SER F 30 -25.63 -15.30 15.81
CA SER F 30 -24.58 -16.33 15.74
C SER F 30 -23.24 -15.62 15.76
N TYR F 31 -22.20 -16.33 16.21
CA TYR F 31 -20.86 -15.76 16.34
C TYR F 31 -20.86 -14.42 17.06
N ILE F 32 -21.08 -14.45 18.38
CA ILE F 32 -21.10 -13.25 19.21
C ILE F 32 -19.81 -13.02 19.94
N HIS F 33 -19.67 -11.81 20.46
CA HIS F 33 -18.46 -11.42 21.16
C HIS F 33 -18.71 -10.96 22.58
N TRP F 34 -17.62 -10.91 23.35
CA TRP F 34 -17.71 -10.50 24.73
C TRP F 34 -16.59 -9.55 25.04
N TYR F 35 -16.93 -8.45 25.70
CA TYR F 35 -15.95 -7.46 26.10
C TYR F 35 -15.82 -7.50 27.61
N GLN F 36 -14.67 -7.10 28.10
CA GLN F 36 -14.48 -7.06 29.54
C GLN F 36 -14.23 -5.63 29.94
N GLN F 37 -15.07 -5.10 30.81
CA GLN F 37 -14.85 -3.75 31.26
C GLN F 37 -14.50 -3.82 32.75
N LYS F 38 -13.22 -3.60 33.05
CA LYS F 38 -12.71 -3.59 34.41
C LYS F 38 -13.15 -2.22 34.87
N SER F 39 -13.17 -1.97 36.17
CA SER F 39 -13.61 -0.68 36.69
C SER F 39 -12.76 0.51 36.27
N GLY F 40 -13.41 1.49 35.66
CA GLY F 40 -12.71 2.68 35.21
C GLY F 40 -11.74 2.45 34.07
N THR F 41 -12.20 1.69 33.08
CA THR F 41 -11.38 1.37 31.93
C THR F 41 -12.31 0.96 30.78
N SER F 42 -12.00 1.39 29.55
CA SER F 42 -12.85 1.06 28.40
C SER F 42 -12.92 -0.45 28.16
N PRO F 43 -14.07 -0.94 27.63
CA PRO F 43 -14.17 -2.38 27.39
C PRO F 43 -13.07 -2.91 26.52
N LYS F 44 -12.78 -4.19 26.66
CA LYS F 44 -11.72 -4.80 25.89
C LYS F 44 -12.25 -6.08 25.30
N ARG F 45 -11.99 -6.27 24.02
CA ARG F 45 -12.44 -7.47 23.35
C ARG F 45 -11.81 -8.65 24.06
N TRP F 46 -12.65 -9.45 24.68
CA TRP F 46 -12.21 -10.61 25.42
C TRP F 46 -12.38 -11.87 24.57
N ILE F 47 -13.61 -12.12 24.13
CA ILE F 47 -13.90 -13.28 23.28
C ILE F 47 -14.74 -12.82 22.10
N TYR F 48 -14.54 -13.47 20.95
CA TYR F 48 -15.29 -13.14 19.74
C TYR F 48 -15.68 -14.39 18.95
N ASP F 49 -16.62 -14.22 18.02
CA ASP F 49 -17.11 -15.32 17.19
C ASP F 49 -17.50 -16.50 18.08
N THR F 50 -18.34 -16.24 19.06
CA THR F 50 -18.82 -17.28 19.96
C THR F 50 -17.85 -17.83 20.97
N SER F 51 -16.74 -18.34 20.49
CA SER F 51 -15.78 -18.93 21.41
C SER F 51 -14.33 -18.88 21.00
N LYS F 52 -13.79 -17.68 20.82
CA LYS F 52 -12.38 -17.52 20.48
C LYS F 52 -11.82 -16.43 21.37
N LEU F 53 -10.81 -16.77 22.15
CA LEU F 53 -10.18 -15.83 23.06
C LEU F 53 -9.33 -14.82 22.30
N THR F 54 -9.39 -13.55 22.70
CA THR F 54 -8.60 -12.51 22.08
C THR F 54 -7.18 -12.89 22.42
N SER F 55 -6.23 -11.98 22.29
CA SER F 55 -4.85 -12.34 22.57
C SER F 55 -4.31 -11.82 23.87
N GLY F 56 -4.12 -12.73 24.82
CA GLY F 56 -3.62 -12.39 26.12
C GLY F 56 -4.72 -12.63 27.13
N VAL F 57 -5.78 -13.27 26.66
CA VAL F 57 -6.90 -13.57 27.51
C VAL F 57 -6.75 -14.93 28.13
N PRO F 58 -6.52 -14.97 29.45
CA PRO F 58 -6.35 -16.22 30.22
C PRO F 58 -7.15 -17.40 29.70
N VAL F 59 -6.48 -18.53 29.49
CA VAL F 59 -7.14 -19.71 28.98
C VAL F 59 -8.26 -20.16 29.92
N ARG F 60 -8.24 -19.63 31.14
CA ARG F 60 -9.27 -19.99 32.11
C ARG F 60 -10.64 -19.56 31.62
N PHE F 61 -10.66 -18.78 30.54
CA PHE F 61 -11.89 -18.29 29.93
C PHE F 61 -12.30 -19.21 28.80
N SER F 62 -13.56 -19.10 28.36
CA SER F 62 -14.06 -19.93 27.26
C SER F 62 -15.54 -19.73 26.98
N GLY F 63 -15.85 -18.89 26.01
CA GLY F 63 -17.25 -18.65 25.64
C GLY F 63 -17.88 -19.81 24.89
N SER F 64 -19.19 -19.78 24.73
CA SER F 64 -19.92 -20.86 24.04
C SER F 64 -21.37 -20.45 23.71
N GLY F 65 -22.17 -21.42 23.27
CA GLY F 65 -23.54 -21.13 22.90
C GLY F 65 -23.84 -21.38 21.43
N SER F 66 -25.06 -21.02 21.00
CA SER F 66 -25.55 -21.18 19.62
C SER F 66 -27.02 -20.73 19.44
N GLY F 67 -27.24 -19.89 18.44
CA GLY F 67 -28.58 -19.43 18.20
C GLY F 67 -29.07 -18.35 19.14
N THR F 68 -29.99 -18.70 20.04
CA THR F 68 -30.55 -17.71 20.96
C THR F 68 -30.00 -17.63 22.37
N SER F 69 -29.38 -18.69 22.84
CA SER F 69 -28.81 -18.68 24.18
C SER F 69 -27.30 -18.90 24.09
N TYR F 70 -26.54 -18.00 24.69
CA TYR F 70 -25.09 -18.10 24.69
C TYR F 70 -24.48 -17.83 26.06
N SER F 71 -23.27 -18.33 26.27
CA SER F 71 -22.60 -18.20 27.56
C SER F 71 -21.10 -17.87 27.51
N LEU F 72 -20.60 -17.34 28.63
CA LEU F 72 -19.19 -17.01 28.79
C LEU F 72 -18.79 -17.79 30.03
N THR F 73 -17.70 -18.56 29.96
CA THR F 73 -17.31 -19.35 31.12
C THR F 73 -15.90 -19.11 31.63
N ILE F 74 -15.74 -19.26 32.94
CA ILE F 74 -14.45 -19.08 33.59
C ILE F 74 -14.19 -20.30 34.44
N ASN F 75 -13.80 -21.40 33.83
CA ASN F 75 -13.50 -22.61 34.61
C ASN F 75 -12.36 -22.24 35.53
N THR F 76 -12.73 -21.98 36.78
CA THR F 76 -11.82 -21.56 37.85
C THR F 76 -11.53 -20.07 37.70
N MET F 77 -12.45 -19.29 38.23
CA MET F 77 -12.40 -17.84 38.23
C MET F 77 -11.24 -17.37 39.07
N GLU F 78 -10.80 -16.15 38.83
CA GLU F 78 -9.70 -15.60 39.60
C GLU F 78 -10.08 -14.21 40.08
N ALA F 79 -9.36 -13.71 41.07
CA ALA F 79 -9.66 -12.40 41.60
C ALA F 79 -9.55 -11.31 40.53
N GLU F 80 -8.65 -11.51 39.58
CA GLU F 80 -8.42 -10.52 38.53
C GLU F 80 -9.49 -10.48 37.46
N ASP F 81 -10.36 -11.48 37.45
CA ASP F 81 -11.42 -11.59 36.46
C ASP F 81 -12.65 -10.84 36.91
N ALA F 82 -12.45 -9.91 37.83
CA ALA F 82 -13.57 -9.15 38.33
C ALA F 82 -13.78 -7.94 37.46
N ALA F 83 -14.91 -7.95 36.77
CA ALA F 83 -15.29 -6.86 35.89
C ALA F 83 -16.75 -7.02 35.51
N THR F 84 -17.16 -6.34 34.43
CA THR F 84 -18.52 -6.38 33.90
C THR F 84 -18.40 -6.85 32.47
N TYR F 85 -19.07 -7.94 32.13
CA TYR F 85 -19.00 -8.51 30.79
C TYR F 85 -20.16 -8.27 29.84
N TYR F 86 -19.89 -7.51 28.78
CA TYR F 86 -20.88 -7.20 27.75
C TYR F 86 -20.70 -8.03 26.48
N CYS F 87 -21.73 -8.79 26.12
CA CYS F 87 -21.74 -9.61 24.91
C CYS F 87 -22.30 -8.75 23.81
N GLN F 88 -21.94 -9.06 22.58
CA GLN F 88 -22.43 -8.29 21.46
C GLN F 88 -22.53 -9.17 20.23
N GLN F 89 -23.41 -8.78 19.34
CA GLN F 89 -23.63 -9.50 18.10
C GLN F 89 -23.68 -8.52 16.95
N TRP F 90 -23.32 -9.00 15.76
CA TRP F 90 -23.38 -8.17 14.57
C TRP F 90 -23.65 -9.11 13.40
N SER F 91 -24.47 -10.12 13.68
CA SER F 91 -24.86 -11.08 12.67
C SER F 91 -26.17 -10.54 12.14
N SER F 92 -26.64 -9.46 12.75
CA SER F 92 -27.86 -8.80 12.33
C SER F 92 -27.52 -7.32 12.31
N HIS F 93 -28.52 -6.45 12.29
CA HIS F 93 -28.24 -5.03 12.25
C HIS F 93 -29.40 -4.20 12.82
N PRO F 94 -29.10 -3.15 13.59
CA PRO F 94 -27.70 -2.81 13.89
C PRO F 94 -27.19 -3.77 14.96
N GLN F 95 -25.90 -3.71 15.27
CA GLN F 95 -25.33 -4.58 16.29
C GLN F 95 -25.93 -4.21 17.64
N THR F 96 -25.87 -5.14 18.58
CA THR F 96 -26.44 -4.89 19.88
C THR F 96 -25.62 -5.48 21.01
N PHE F 97 -25.55 -4.75 22.12
CA PHE F 97 -24.80 -5.15 23.31
C PHE F 97 -25.67 -5.68 24.45
N GLY F 98 -25.17 -6.70 25.15
CA GLY F 98 -25.89 -7.23 26.29
C GLY F 98 -25.92 -6.16 27.38
N GLY F 99 -26.75 -6.34 28.40
CA GLY F 99 -26.83 -5.35 29.46
C GLY F 99 -25.65 -5.46 30.41
N GLY F 100 -24.93 -6.57 30.29
CA GLY F 100 -23.78 -6.79 31.11
C GLY F 100 -24.03 -7.74 32.26
N THR F 101 -22.94 -8.17 32.86
CA THR F 101 -22.96 -9.05 34.02
C THR F 101 -21.80 -8.55 34.86
N LYS F 102 -22.08 -8.16 36.10
CA LYS F 102 -21.02 -7.69 36.98
C LYS F 102 -20.60 -8.86 37.82
N LEU F 103 -19.36 -9.29 37.64
CA LEU F 103 -18.84 -10.40 38.39
C LEU F 103 -18.18 -9.84 39.61
N GLU F 104 -18.58 -10.36 40.78
CA GLU F 104 -18.02 -9.93 42.05
C GLU F 104 -17.41 -11.10 42.79
N ILE F 105 -16.26 -10.83 43.40
CA ILE F 105 -15.53 -11.86 44.13
C ILE F 105 -15.76 -11.85 45.64
N LEU F 106 -15.81 -13.05 46.21
CA LEU F 106 -16.02 -13.22 47.64
C LEU F 106 -14.71 -13.70 48.22
N ARG F 107 -14.21 -13.00 49.25
CA ARG F 107 -12.94 -13.36 49.90
C ARG F 107 -12.93 -13.17 51.43
N ALA F 108 -11.82 -13.56 52.05
CA ALA F 108 -11.66 -13.43 53.49
C ALA F 108 -11.99 -12.01 53.90
N ASP F 109 -12.26 -11.82 55.19
CA ASP F 109 -12.57 -10.50 55.71
C ASP F 109 -11.33 -9.62 55.59
N ALA F 110 -11.51 -8.31 55.75
CA ALA F 110 -10.37 -7.40 55.70
C ALA F 110 -10.83 -6.08 56.33
N ALA F 111 -10.19 -5.69 57.42
CA ALA F 111 -10.56 -4.49 58.15
C ALA F 111 -10.05 -3.19 57.54
N PRO F 112 -10.83 -2.10 57.69
CA PRO F 112 -10.49 -0.77 57.16
C PRO F 112 -9.21 -0.21 57.75
N THR F 113 -8.61 0.75 57.07
CA THR F 113 -7.41 1.40 57.58
C THR F 113 -7.79 2.86 57.53
N VAL F 114 -8.53 3.25 58.57
CA VAL F 114 -9.04 4.60 58.75
C VAL F 114 -7.98 5.70 58.75
N SER F 115 -8.38 6.87 58.29
CA SER F 115 -7.50 8.05 58.22
C SER F 115 -8.33 9.33 58.35
N ILE F 116 -7.75 10.33 59.01
CA ILE F 116 -8.43 11.61 59.18
C ILE F 116 -7.52 12.76 58.79
N PHE F 117 -8.09 13.73 58.10
CA PHE F 117 -7.33 14.91 57.68
C PHE F 117 -8.03 16.23 58.04
N PRO F 118 -7.24 17.18 58.57
CA PRO F 118 -7.66 18.52 59.00
C PRO F 118 -8.06 19.43 57.84
N PRO F 119 -9.28 20.02 57.88
CA PRO F 119 -9.77 20.92 56.84
C PRO F 119 -8.70 21.90 56.38
N SER F 120 -7.82 21.45 55.49
CA SER F 120 -6.69 22.22 54.94
C SER F 120 -6.73 23.75 54.95
N SER F 121 -5.61 24.33 55.37
CA SER F 121 -5.44 25.77 55.45
C SER F 121 -5.96 26.45 54.17
N GLU F 122 -5.48 25.98 53.01
CA GLU F 122 -5.88 26.54 51.73
C GLU F 122 -7.40 26.53 51.59
N GLN F 123 -8.04 25.44 51.99
CA GLN F 123 -9.49 25.38 51.90
C GLN F 123 -10.14 26.35 52.90
N LEU F 124 -9.41 26.62 53.99
CA LEU F 124 -9.92 27.54 54.99
C LEU F 124 -9.96 28.94 54.39
N THR F 125 -8.85 29.35 53.77
CA THR F 125 -8.73 30.69 53.15
C THR F 125 -9.84 30.98 52.14
N SER F 126 -10.80 30.06 52.04
CA SER F 126 -11.92 30.20 51.12
C SER F 126 -13.24 30.00 51.86
N GLY F 127 -13.16 29.58 53.12
CA GLY F 127 -14.38 29.38 53.90
C GLY F 127 -14.91 27.96 53.90
N GLY F 128 -14.12 27.02 53.38
CA GLY F 128 -14.56 25.64 53.35
C GLY F 128 -13.96 24.89 54.52
N ALA F 129 -14.66 23.90 55.03
CA ALA F 129 -14.15 23.11 56.14
C ALA F 129 -14.30 21.63 55.78
N SER F 130 -13.24 21.02 55.27
CA SER F 130 -13.32 19.62 54.86
C SER F 130 -12.57 18.66 55.75
N VAL F 131 -13.34 17.90 56.53
CA VAL F 131 -12.76 16.89 57.41
C VAL F 131 -12.90 15.57 56.66
N VAL F 132 -11.78 15.18 56.04
CA VAL F 132 -11.72 13.98 55.25
C VAL F 132 -11.37 12.75 56.07
N CYS F 133 -11.99 11.62 55.74
CA CYS F 133 -11.71 10.39 56.44
C CYS F 133 -11.74 9.19 55.48
N PHE F 134 -10.55 8.67 55.17
CA PHE F 134 -10.38 7.55 54.27
C PHE F 134 -10.29 6.18 54.95
N LEU F 135 -11.25 5.31 54.66
CA LEU F 135 -11.24 3.94 55.21
C LEU F 135 -11.09 2.91 54.06
N ASN F 136 -9.82 2.65 53.73
CA ASN F 136 -9.41 1.78 52.64
C ASN F 136 -9.40 0.25 52.79
N ASN F 137 -8.98 -0.41 51.71
CA ASN F 137 -8.88 -1.86 51.55
C ASN F 137 -9.63 -2.72 52.54
N PHE F 138 -10.96 -2.74 52.45
CA PHE F 138 -11.73 -3.57 53.36
C PHE F 138 -12.69 -4.52 52.64
N TYR F 139 -13.25 -5.46 53.39
CA TYR F 139 -14.19 -6.45 52.84
C TYR F 139 -14.77 -7.33 53.95
N PRO F 140 -16.10 -7.59 53.92
CA PRO F 140 -17.10 -7.14 52.97
C PRO F 140 -17.18 -5.66 52.77
N LYS F 141 -18.08 -5.22 51.90
CA LYS F 141 -18.20 -3.80 51.61
C LYS F 141 -18.97 -3.13 52.72
N ASP F 142 -19.83 -3.90 53.37
CA ASP F 142 -20.66 -3.40 54.46
C ASP F 142 -19.83 -2.78 55.60
N ILE F 143 -20.00 -1.47 55.75
CA ILE F 143 -19.29 -0.72 56.76
C ILE F 143 -20.15 0.49 57.16
N ASN F 144 -19.94 0.98 58.37
CA ASN F 144 -20.65 2.14 58.91
C ASN F 144 -19.67 3.13 59.53
N VAL F 145 -19.73 4.39 59.09
CA VAL F 145 -18.82 5.41 59.65
C VAL F 145 -19.52 6.36 60.63
N LYS F 146 -18.74 6.94 61.54
CA LYS F 146 -19.29 7.85 62.55
C LYS F 146 -18.47 9.12 62.68
N TRP F 147 -19.16 10.26 62.69
CA TRP F 147 -18.51 11.55 62.78
C TRP F 147 -18.70 12.18 64.16
N LYS F 148 -17.62 12.70 64.72
CA LYS F 148 -17.66 13.30 66.05
C LYS F 148 -16.90 14.61 66.11
N ILE F 149 -17.62 15.70 66.28
CA ILE F 149 -16.96 16.99 66.43
C ILE F 149 -17.08 17.19 67.96
N ASP F 150 -15.94 16.97 68.63
CA ASP F 150 -15.83 17.04 70.09
C ASP F 150 -16.88 16.17 70.78
N GLY F 151 -16.68 14.86 70.73
CA GLY F 151 -17.59 13.92 71.36
C GLY F 151 -19.01 13.78 70.84
N SER F 152 -19.49 14.74 70.04
CA SER F 152 -20.87 14.64 69.54
C SER F 152 -21.06 14.09 68.09
N GLU F 153 -21.77 12.95 67.99
CA GLU F 153 -22.04 12.29 66.70
C GLU F 153 -22.80 13.15 65.67
N ARG F 154 -22.03 13.83 64.82
CA ARG F 154 -22.61 14.67 63.78
C ARG F 154 -23.15 13.82 62.63
N GLN F 155 -24.12 14.39 61.90
CA GLN F 155 -24.73 13.68 60.77
C GLN F 155 -24.64 14.41 59.43
N ASN F 156 -25.12 15.66 59.40
CA ASN F 156 -25.14 16.44 58.17
C ASN F 156 -23.76 16.95 57.72
N GLY F 157 -23.68 17.39 56.47
CA GLY F 157 -22.42 17.88 55.91
C GLY F 157 -21.48 16.71 55.61
N VAL F 158 -21.95 15.50 55.94
CA VAL F 158 -21.21 14.25 55.76
C VAL F 158 -21.59 13.46 54.51
N LEU F 159 -20.60 13.19 53.67
CA LEU F 159 -20.81 12.41 52.43
C LEU F 159 -19.70 11.39 52.29
N ASN F 160 -20.02 10.20 51.80
CA ASN F 160 -19.01 9.17 51.62
C ASN F 160 -19.19 8.34 50.35
N SER F 161 -18.10 8.12 49.64
CA SER F 161 -18.17 7.35 48.41
C SER F 161 -17.37 6.05 48.41
N TRP F 162 -17.99 4.97 47.93
CA TRP F 162 -17.32 3.69 47.87
C TRP F 162 -16.69 3.45 46.49
N THR F 163 -15.42 3.06 46.46
CA THR F 163 -14.77 2.76 45.20
C THR F 163 -15.34 1.39 44.92
N ASP F 164 -15.17 0.93 43.70
CA ASP F 164 -15.69 -0.37 43.36
C ASP F 164 -14.63 -1.39 43.77
N GLN F 165 -15.07 -2.63 43.99
CA GLN F 165 -14.18 -3.69 44.40
C GLN F 165 -12.91 -3.51 43.60
N ASP F 166 -11.78 -3.80 44.22
CA ASP F 166 -10.49 -3.63 43.58
C ASP F 166 -10.22 -4.80 42.64
N SER F 167 -9.64 -4.48 41.48
CA SER F 167 -9.32 -5.44 40.44
C SER F 167 -8.38 -6.56 40.91
N LYS F 168 -7.30 -6.17 41.56
CA LYS F 168 -6.40 -7.12 42.08
C LYS F 168 -6.86 -7.83 43.35
N ASP F 169 -6.76 -7.12 44.47
CA ASP F 169 -7.17 -7.68 45.76
C ASP F 169 -8.53 -7.98 46.20
N SER F 170 -9.50 -7.38 45.52
CA SER F 170 -10.92 -7.61 45.80
C SER F 170 -11.50 -6.83 46.97
N THR F 171 -10.74 -5.92 47.55
CA THR F 171 -11.22 -5.14 48.69
C THR F 171 -11.87 -3.87 48.20
N TYR F 172 -12.80 -3.32 48.99
CA TYR F 172 -13.45 -2.07 48.62
C TYR F 172 -12.78 -0.92 49.35
N SER F 173 -13.42 0.25 49.29
CA SER F 173 -12.91 1.42 49.99
C SER F 173 -13.99 2.47 50.14
N MET F 174 -13.71 3.45 50.98
CA MET F 174 -14.68 4.49 51.23
C MET F 174 -14.01 5.74 51.72
N SER F 175 -14.72 6.85 51.62
CA SER F 175 -14.19 8.10 52.07
C SER F 175 -15.38 8.91 52.53
N SER F 176 -15.45 9.12 53.84
CA SER F 176 -16.52 9.91 54.39
C SER F 176 -15.93 11.30 54.46
N THR F 177 -16.69 12.29 54.01
CA THR F 177 -16.22 13.66 54.05
C THR F 177 -17.30 14.65 54.46
N LEU F 178 -17.05 15.24 55.62
CA LEU F 178 -17.92 16.24 56.22
C LEU F 178 -17.37 17.60 55.91
N THR F 179 -18.23 18.49 55.45
CA THR F 179 -17.74 19.83 55.17
C THR F 179 -18.58 20.85 55.94
N LEU F 180 -17.86 21.77 56.60
CA LEU F 180 -18.44 22.81 57.42
C LEU F 180 -18.25 24.21 56.84
N THR F 181 -18.84 25.19 57.53
CA THR F 181 -18.77 26.59 57.12
C THR F 181 -17.46 27.25 57.54
N LYS F 182 -16.40 26.46 57.62
CA LYS F 182 -15.09 26.99 58.00
C LYS F 182 -15.02 27.30 59.49
N ASP F 183 -15.69 28.38 59.90
CA ASP F 183 -15.75 28.73 61.30
C ASP F 183 -16.59 27.71 62.04
N GLU F 184 -17.36 26.94 61.28
CA GLU F 184 -18.18 25.89 61.84
C GLU F 184 -17.24 24.85 62.47
N TYR F 185 -16.02 24.86 61.94
CA TYR F 185 -14.95 23.95 62.35
C TYR F 185 -14.06 24.66 63.38
N GLU F 186 -13.60 25.85 63.03
CA GLU F 186 -12.61 26.55 63.84
C GLU F 186 -13.17 26.97 65.19
N ARG F 187 -14.37 26.46 65.50
CA ARG F 187 -15.12 26.83 66.75
C ARG F 187 -15.07 25.65 67.71
N HIS F 188 -15.16 24.44 67.15
CA HIS F 188 -15.12 23.23 67.96
C HIS F 188 -13.56 22.85 67.74
N ASN F 189 -13.06 21.88 68.51
CA ASN F 189 -11.62 21.57 68.41
C ASN F 189 -11.24 20.11 68.19
N SER F 190 -12.19 19.19 68.37
CA SER F 190 -11.90 17.78 68.22
C SER F 190 -12.77 17.01 67.23
N TYR F 191 -12.10 16.39 66.27
CA TYR F 191 -12.78 15.59 65.26
C TYR F 191 -12.37 14.12 65.33
N THR F 192 -13.37 13.26 65.16
CA THR F 192 -13.18 11.82 65.19
C THR F 192 -14.01 11.19 64.08
N CYS F 193 -13.56 10.02 63.66
CA CYS F 193 -14.22 9.24 62.62
C CYS F 193 -14.26 7.84 63.23
N GLU F 194 -15.46 7.25 63.27
CA GLU F 194 -15.63 5.92 63.84
C GLU F 194 -16.15 4.92 62.80
N ALA F 195 -15.23 4.09 62.31
CA ALA F 195 -15.55 3.09 61.30
C ALA F 195 -15.89 1.77 61.99
N THR F 196 -17.02 1.16 61.62
CA THR F 196 -17.42 -0.10 62.24
C THR F 196 -17.67 -1.18 61.19
N HIS F 197 -16.76 -2.14 61.15
CA HIS F 197 -16.88 -3.19 60.16
C HIS F 197 -16.64 -4.62 60.62
N LYS F 198 -17.61 -5.46 60.32
CA LYS F 198 -17.59 -6.88 60.61
C LYS F 198 -16.29 -7.39 61.26
N THR F 199 -15.18 -7.14 60.61
CA THR F 199 -13.88 -7.57 61.12
C THR F 199 -13.65 -7.22 62.60
N SER F 200 -14.53 -6.38 63.16
CA SER F 200 -14.39 -5.97 64.56
C SER F 200 -15.70 -5.52 65.24
N THR F 201 -15.83 -5.89 66.51
CA THR F 201 -16.99 -5.54 67.35
C THR F 201 -16.85 -4.10 67.83
N SER F 202 -15.64 -3.77 68.24
CA SER F 202 -15.31 -2.44 68.75
C SER F 202 -14.74 -1.47 67.69
N PRO F 203 -15.58 -0.57 67.17
CA PRO F 203 -15.22 0.43 66.16
C PRO F 203 -13.81 0.98 66.14
N ILE F 204 -13.28 1.16 64.93
CA ILE F 204 -11.95 1.73 64.75
C ILE F 204 -12.27 3.22 64.64
N VAL F 205 -11.45 4.06 65.28
CA VAL F 205 -11.68 5.51 65.26
C VAL F 205 -10.41 6.39 65.15
N LYS F 206 -10.47 7.35 64.23
CA LYS F 206 -9.37 8.28 64.04
C LYS F 206 -9.85 9.67 64.45
N SER F 207 -8.94 10.46 65.02
CA SER F 207 -9.27 11.82 65.48
C SER F 207 -8.11 12.82 65.41
N PHE F 208 -8.47 14.09 65.38
CA PHE F 208 -7.50 15.18 65.30
C PHE F 208 -8.16 16.40 65.94
N ASN F 209 -7.33 17.32 66.44
CA ASN F 209 -7.83 18.52 67.10
C ASN F 209 -7.21 19.82 66.62
N ARG F 210 -8.09 20.80 66.44
CA ARG F 210 -7.73 22.15 66.00
C ARG F 210 -6.33 22.57 66.44
N ALA F 211 -5.96 22.19 67.66
CA ALA F 211 -4.63 22.52 68.18
C ALA F 211 -3.58 21.48 67.69
SE SEK G . 11.29 -38.54 -2.11
SE SEK H . 18.98 -35.42 -11.36
SE SEK I . 22.05 -19.30 12.75
SE SEK J . -16.06 -14.63 -34.20
SE SEK K . -23.26 -21.60 -28.03
SE SEK L . -23.14 7.07 -21.02
#